data_6NV1
# 
_entry.id   6NV1 
# 
_audit_conform.dict_name       mmcif_pdbx.dic 
_audit_conform.dict_version    5.397 
_audit_conform.dict_location   http://mmcif.pdb.org/dictionaries/ascii/mmcif_pdbx.dic 
# 
loop_
_database_2.database_id 
_database_2.database_code 
_database_2.pdbx_database_accession 
_database_2.pdbx_DOI 
PDB   6NV1         pdb_00006nv1 10.2210/pdb6nv1/pdb 
WWPDB D_1000239222 ?            ?                   
# 
loop_
_pdbx_audit_revision_history.ordinal 
_pdbx_audit_revision_history.data_content_type 
_pdbx_audit_revision_history.major_revision 
_pdbx_audit_revision_history.minor_revision 
_pdbx_audit_revision_history.revision_date 
1 'Structure model' 1 0 2020-01-15 
2 'Structure model' 1 1 2020-02-19 
3 'Structure model' 1 2 2023-10-11 
4 'Structure model' 1 3 2024-10-23 
# 
_pdbx_audit_revision_details.ordinal             1 
_pdbx_audit_revision_details.revision_ordinal    1 
_pdbx_audit_revision_details.data_content_type   'Structure model' 
_pdbx_audit_revision_details.provider            repository 
_pdbx_audit_revision_details.type                'Initial release' 
_pdbx_audit_revision_details.description         ? 
_pdbx_audit_revision_details.details             ? 
# 
loop_
_pdbx_audit_revision_group.ordinal 
_pdbx_audit_revision_group.revision_ordinal 
_pdbx_audit_revision_group.data_content_type 
_pdbx_audit_revision_group.group 
1 2 'Structure model' 'Database references'    
2 3 'Structure model' 'Data collection'        
3 3 'Structure model' 'Database references'    
4 3 'Structure model' 'Refinement description' 
5 4 'Structure model' 'Structure summary'      
# 
loop_
_pdbx_audit_revision_category.ordinal 
_pdbx_audit_revision_category.revision_ordinal 
_pdbx_audit_revision_category.data_content_type 
_pdbx_audit_revision_category.category 
1 2 'Structure model' citation                      
2 3 'Structure model' chem_comp_atom                
3 3 'Structure model' chem_comp_bond                
4 3 'Structure model' database_2                    
5 3 'Structure model' pdbx_initial_refinement_model 
6 4 'Structure model' pdbx_entry_details            
7 4 'Structure model' pdbx_modification_feature     
# 
loop_
_pdbx_audit_revision_item.ordinal 
_pdbx_audit_revision_item.revision_ordinal 
_pdbx_audit_revision_item.data_content_type 
_pdbx_audit_revision_item.item 
1 2 'Structure model' '_citation.journal_volume'            
2 2 'Structure model' '_citation.page_first'                
3 2 'Structure model' '_citation.page_last'                 
4 2 'Structure model' '_citation.title'                     
5 3 'Structure model' '_database_2.pdbx_DOI'                
6 3 'Structure model' '_database_2.pdbx_database_accession' 
# 
_pdbx_database_status.status_code                     REL 
_pdbx_database_status.status_code_sf                  REL 
_pdbx_database_status.status_code_mr                  ? 
_pdbx_database_status.entry_id                        6NV1 
_pdbx_database_status.recvd_initial_deposition_date   2019-02-04 
_pdbx_database_status.SG_entry                        N 
_pdbx_database_status.deposit_site                    RCSB 
_pdbx_database_status.process_site                    RCSB 
_pdbx_database_status.status_code_cs                  ? 
_pdbx_database_status.methods_development_category    ? 
_pdbx_database_status.pdb_format_compatible           Y 
_pdbx_database_status.status_code_nmr_data            ? 
# 
_pdbx_database_related.db_name        PDB 
_pdbx_database_related.details        'spiroadamantyl amine inhibitor bound to wild type influenza M2 proton channel' 
_pdbx_database_related.db_id          6BMZ 
_pdbx_database_related.content_type   unspecified 
# 
loop_
_audit_author.name 
_audit_author.pdbx_ordinal 
_audit_author.identifier_ORCID 
'Thomaston, J.L.' 1 ? 
'Liu, L.'         2 ? 
'DeGrado, W.F.'   3 ? 
# 
_citation.abstract                  ? 
_citation.abstract_id_CAS           ? 
_citation.book_id_ISBN              ? 
_citation.book_publisher            ? 
_citation.book_publisher_city       ? 
_citation.book_title                ? 
_citation.coordinate_linkage        ? 
_citation.country                   US 
_citation.database_id_Medline       ? 
_citation.details                   ? 
_citation.id                        primary 
_citation.journal_abbrev            Biochemistry 
_citation.journal_id_ASTM           BICHAW 
_citation.journal_id_CSD            0033 
_citation.journal_id_ISSN           0006-2960 
_citation.journal_full              ? 
_citation.journal_issue             ? 
_citation.journal_volume            59 
_citation.language                  ? 
_citation.page_first                627 
_citation.page_last                 634 
_citation.title                     
;X-ray Crystal Structures of the Influenza M2 Proton Channel Drug-Resistant V27A Mutant Bound to a Spiro-Adamantyl Amine Inhibitor Reveal the Mechanism of Adamantane Resistance.
;
_citation.year                      2020 
_citation.database_id_CSD           ? 
_citation.pdbx_database_id_DOI      10.1021/acs.biochem.9b00971 
_citation.pdbx_database_id_PubMed   31894969 
_citation.unpublished_flag          ? 
# 
loop_
_citation_author.citation_id 
_citation_author.name 
_citation_author.ordinal 
_citation_author.identifier_ORCID 
primary 'Thomaston, J.L.'   1 ? 
primary 'Konstantinidi, A.' 2 ? 
primary 'Liu, L.'           3 ? 
primary 'Lambrinidis, G.'   4 ? 
primary 'Tan, J.'           5 ? 
primary 'Caffrey, M.'       6 ? 
primary 'Wang, J.'          7 ? 
primary 'Degrado, W.F.'     8 ? 
primary 'Kolocouris, A.'    9 ? 
# 
loop_
_entity.id 
_entity.type 
_entity.src_method 
_entity.pdbx_description 
_entity.formula_weight 
_entity.pdbx_number_of_molecules 
_entity.pdbx_ec 
_entity.pdbx_mutation 
_entity.pdbx_fragment 
_entity.details 
1 polymer     syn 'Matrix protein 2'                                                                 2726.287 8  ? ? ? ? 
2 non-polymer syn '(2R)-2,3-dihydroxypropyl (9Z)-octadec-9-enoate'                                   356.540  8  ? ? ? ? 
3 non-polymer syn "(1r,1'S,3'S,5'S,7'S)-spiro[cyclohexane-1,2'-tricyclo[3.3.1.1~3,7~]decan]-4-amine" 219.366  2  ? ? ? ? 
4 non-polymer syn 'CHLORIDE ION'                                                                     35.453   2  ? ? ? ? 
5 water       nat water                                                                              18.015   30 ? ? ? ? 
# 
_entity_name_com.entity_id   1 
_entity_name_com.name        'Proton channel protein M2' 
# 
_entity_poly.entity_id                      1 
_entity_poly.type                           'polypeptide(L)' 
_entity_poly.nstd_linkage                   no 
_entity_poly.nstd_monomer                   yes 
_entity_poly.pdbx_seq_one_letter_code       '(ACE)SSDPLAVAASIIGILHLILWILDRL(NH2)' 
_entity_poly.pdbx_seq_one_letter_code_can   XSSDPLAVAASIIGILHLILWILDRLX 
_entity_poly.pdbx_strand_id                 A,B,C,D,E,F,G,H 
_entity_poly.pdbx_target_identifier         ? 
# 
loop_
_pdbx_entity_nonpoly.entity_id 
_pdbx_entity_nonpoly.name 
_pdbx_entity_nonpoly.comp_id 
2 '(2R)-2,3-dihydroxypropyl (9Z)-octadec-9-enoate'                                   OLC 
3 "(1r,1'S,3'S,5'S,7'S)-spiro[cyclohexane-1,2'-tricyclo[3.3.1.1~3,7~]decan]-4-amine" E01 
4 'CHLORIDE ION'                                                                     CL  
5 water                                                                              HOH 
# 
loop_
_entity_poly_seq.entity_id 
_entity_poly_seq.num 
_entity_poly_seq.mon_id 
_entity_poly_seq.hetero 
1 1  ACE n 
1 2  SER n 
1 3  SER n 
1 4  ASP n 
1 5  PRO n 
1 6  LEU n 
1 7  ALA n 
1 8  VAL n 
1 9  ALA n 
1 10 ALA n 
1 11 SER n 
1 12 ILE n 
1 13 ILE n 
1 14 GLY n 
1 15 ILE n 
1 16 LEU n 
1 17 HIS n 
1 18 LEU n 
1 19 ILE n 
1 20 LEU n 
1 21 TRP n 
1 22 ILE n 
1 23 LEU n 
1 24 ASP n 
1 25 ARG n 
1 26 LEU n 
1 27 NH2 n 
# 
_pdbx_entity_src_syn.entity_id              1 
_pdbx_entity_src_syn.pdbx_src_id            1 
_pdbx_entity_src_syn.pdbx_alt_source_flag   sample 
_pdbx_entity_src_syn.pdbx_beg_seq_num       1 
_pdbx_entity_src_syn.pdbx_end_seq_num       27 
_pdbx_entity_src_syn.organism_scientific    'Influenza A virus' 
_pdbx_entity_src_syn.organism_common_name   'A/Indonesia/CDC1031RE2/2007(H5N1)' 
_pdbx_entity_src_syn.ncbi_taxonomy_id       421469 
_pdbx_entity_src_syn.details                ? 
# 
loop_
_chem_comp.id 
_chem_comp.type 
_chem_comp.mon_nstd_flag 
_chem_comp.name 
_chem_comp.pdbx_synonyms 
_chem_comp.formula 
_chem_comp.formula_weight 
ACE non-polymer         . 'ACETYL GROUP'                                                                     ?                   
'C2 H4 O'        44.053  
ALA 'L-peptide linking' y ALANINE                                                                            ?                   
'C3 H7 N O2'     89.093  
ARG 'L-peptide linking' y ARGININE                                                                           ?                   
'C6 H15 N4 O2 1' 175.209 
ASP 'L-peptide linking' y 'ASPARTIC ACID'                                                                    ?                   
'C4 H7 N O4'     133.103 
CL  non-polymer         . 'CHLORIDE ION'                                                                     ?                   
'Cl -1'          35.453  
E01 non-polymer         . "(1r,1'S,3'S,5'S,7'S)-spiro[cyclohexane-1,2'-tricyclo[3.3.1.1~3,7~]decan]-4-amine" ?                   
'C15 H25 N'      219.366 
GLY 'peptide linking'   y GLYCINE                                                                            ?                   
'C2 H5 N O2'     75.067  
HIS 'L-peptide linking' y HISTIDINE                                                                          ?                   
'C6 H10 N3 O2 1' 156.162 
HOH non-polymer         . WATER                                                                              ?                   
'H2 O'           18.015  
ILE 'L-peptide linking' y ISOLEUCINE                                                                         ?                   
'C6 H13 N O2'    131.173 
LEU 'L-peptide linking' y LEUCINE                                                                            ?                   
'C6 H13 N O2'    131.173 
NH2 non-polymer         . 'AMINO GROUP'                                                                      ?                   
'H2 N'           16.023  
OLC non-polymer         . '(2R)-2,3-dihydroxypropyl (9Z)-octadec-9-enoate'                                   1-Oleoyl-R-glycerol 
'C21 H40 O4'     356.540 
PRO 'L-peptide linking' y PROLINE                                                                            ?                   
'C5 H9 N O2'     115.130 
SER 'L-peptide linking' y SERINE                                                                             ?                   
'C3 H7 N O3'     105.093 
TRP 'L-peptide linking' y TRYPTOPHAN                                                                         ?                   
'C11 H12 N2 O2'  204.225 
VAL 'L-peptide linking' y VALINE                                                                             ?                   
'C5 H11 N O2'    117.146 
# 
loop_
_pdbx_poly_seq_scheme.asym_id 
_pdbx_poly_seq_scheme.entity_id 
_pdbx_poly_seq_scheme.seq_id 
_pdbx_poly_seq_scheme.mon_id 
_pdbx_poly_seq_scheme.ndb_seq_num 
_pdbx_poly_seq_scheme.pdb_seq_num 
_pdbx_poly_seq_scheme.auth_seq_num 
_pdbx_poly_seq_scheme.pdb_mon_id 
_pdbx_poly_seq_scheme.auth_mon_id 
_pdbx_poly_seq_scheme.pdb_strand_id 
_pdbx_poly_seq_scheme.pdb_ins_code 
_pdbx_poly_seq_scheme.hetero 
A 1 1  ACE 1  21 ?  ?   ?   A . n 
A 1 2  SER 2  22 ?  ?   ?   A . n 
A 1 3  SER 3  23 ?  ?   ?   A . n 
A 1 4  ASP 4  24 24 ASP ASP A . n 
A 1 5  PRO 5  25 25 PRO PRO A . n 
A 1 6  LEU 6  26 26 LEU LEU A . n 
A 1 7  ALA 7  27 27 ALA ALA A . n 
A 1 8  VAL 8  28 28 VAL VAL A . n 
A 1 9  ALA 9  29 29 ALA ALA A . n 
A 1 10 ALA 10 30 30 ALA ALA A . n 
A 1 11 SER 11 31 31 SER SER A . n 
A 1 12 ILE 12 32 32 ILE ILE A . n 
A 1 13 ILE 13 33 33 ILE ILE A . n 
A 1 14 GLY 14 34 34 GLY GLY A . n 
A 1 15 ILE 15 35 35 ILE ILE A . n 
A 1 16 LEU 16 36 36 LEU LEU A . n 
A 1 17 HIS 17 37 37 HIS HIS A . n 
A 1 18 LEU 18 38 38 LEU LEU A . n 
A 1 19 ILE 19 39 39 ILE ILE A . n 
A 1 20 LEU 20 40 40 LEU LEU A . n 
A 1 21 TRP 21 41 41 TRP TRP A . n 
A 1 22 ILE 22 42 42 ILE ILE A . n 
A 1 23 LEU 23 43 43 LEU LEU A . n 
A 1 24 ASP 24 44 44 ASP ASP A . n 
A 1 25 ARG 25 45 45 ARG ARG A . n 
A 1 26 LEU 26 46 46 LEU LEU A . n 
A 1 27 NH2 27 47 47 NH2 NH2 A . n 
B 1 1  ACE 1  21 ?  ?   ?   B . n 
B 1 2  SER 2  22 ?  ?   ?   B . n 
B 1 3  SER 3  23 ?  ?   ?   B . n 
B 1 4  ASP 4  24 24 ASP ASP B . n 
B 1 5  PRO 5  25 25 PRO PRO B . n 
B 1 6  LEU 6  26 26 LEU LEU B . n 
B 1 7  ALA 7  27 27 ALA ALA B . n 
B 1 8  VAL 8  28 28 VAL VAL B . n 
B 1 9  ALA 9  29 29 ALA ALA B . n 
B 1 10 ALA 10 30 30 ALA ALA B . n 
B 1 11 SER 11 31 31 SER SER B . n 
B 1 12 ILE 12 32 32 ILE ILE B . n 
B 1 13 ILE 13 33 33 ILE ILE B . n 
B 1 14 GLY 14 34 34 GLY GLY B . n 
B 1 15 ILE 15 35 35 ILE ILE B . n 
B 1 16 LEU 16 36 36 LEU LEU B . n 
B 1 17 HIS 17 37 37 HIS HIS B . n 
B 1 18 LEU 18 38 38 LEU LEU B . n 
B 1 19 ILE 19 39 39 ILE ILE B . n 
B 1 20 LEU 20 40 40 LEU LEU B . n 
B 1 21 TRP 21 41 41 TRP TRP B . n 
B 1 22 ILE 22 42 42 ILE ILE B . n 
B 1 23 LEU 23 43 43 LEU LEU B . n 
B 1 24 ASP 24 44 44 ASP ASP B . n 
B 1 25 ARG 25 45 45 ARG ARG B . n 
B 1 26 LEU 26 46 46 LEU LEU B . n 
B 1 27 NH2 27 47 47 NH2 NH2 B . n 
C 1 1  ACE 1  21 ?  ?   ?   C . n 
C 1 2  SER 2  22 ?  ?   ?   C . n 
C 1 3  SER 3  23 ?  ?   ?   C . n 
C 1 4  ASP 4  24 24 ASP ASP C . n 
C 1 5  PRO 5  25 25 PRO PRO C . n 
C 1 6  LEU 6  26 26 LEU LEU C . n 
C 1 7  ALA 7  27 27 ALA ALA C . n 
C 1 8  VAL 8  28 28 VAL VAL C . n 
C 1 9  ALA 9  29 29 ALA ALA C . n 
C 1 10 ALA 10 30 30 ALA ALA C . n 
C 1 11 SER 11 31 31 SER SER C . n 
C 1 12 ILE 12 32 32 ILE ILE C . n 
C 1 13 ILE 13 33 33 ILE ILE C . n 
C 1 14 GLY 14 34 34 GLY GLY C . n 
C 1 15 ILE 15 35 35 ILE ILE C . n 
C 1 16 LEU 16 36 36 LEU LEU C . n 
C 1 17 HIS 17 37 37 HIS HIS C . n 
C 1 18 LEU 18 38 38 LEU LEU C . n 
C 1 19 ILE 19 39 39 ILE ILE C . n 
C 1 20 LEU 20 40 40 LEU LEU C . n 
C 1 21 TRP 21 41 41 TRP TRP C . n 
C 1 22 ILE 22 42 42 ILE ILE C . n 
C 1 23 LEU 23 43 43 LEU LEU C . n 
C 1 24 ASP 24 44 44 ASP ASP C . n 
C 1 25 ARG 25 45 45 ARG ARG C . n 
C 1 26 LEU 26 46 46 LEU LEU C . n 
C 1 27 NH2 27 47 47 NH2 NH2 C . n 
D 1 1  ACE 1  21 ?  ?   ?   D . n 
D 1 2  SER 2  22 ?  ?   ?   D . n 
D 1 3  SER 3  23 ?  ?   ?   D . n 
D 1 4  ASP 4  24 24 ASP ASP D . n 
D 1 5  PRO 5  25 25 PRO PRO D . n 
D 1 6  LEU 6  26 26 LEU LEU D . n 
D 1 7  ALA 7  27 27 ALA ALA D . n 
D 1 8  VAL 8  28 28 VAL VAL D . n 
D 1 9  ALA 9  29 29 ALA ALA D . n 
D 1 10 ALA 10 30 30 ALA ALA D . n 
D 1 11 SER 11 31 31 SER SER D . n 
D 1 12 ILE 12 32 32 ILE ILE D . n 
D 1 13 ILE 13 33 33 ILE ILE D . n 
D 1 14 GLY 14 34 34 GLY GLY D . n 
D 1 15 ILE 15 35 35 ILE ILE D . n 
D 1 16 LEU 16 36 36 LEU LEU D . n 
D 1 17 HIS 17 37 37 HIS HIS D . n 
D 1 18 LEU 18 38 38 LEU LEU D . n 
D 1 19 ILE 19 39 39 ILE ILE D . n 
D 1 20 LEU 20 40 40 LEU LEU D . n 
D 1 21 TRP 21 41 41 TRP TRP D . n 
D 1 22 ILE 22 42 42 ILE ILE D . n 
D 1 23 LEU 23 43 43 LEU LEU D . n 
D 1 24 ASP 24 44 44 ASP ASP D . n 
D 1 25 ARG 25 45 45 ARG ARG D . n 
D 1 26 LEU 26 46 46 LEU LEU D . n 
D 1 27 NH2 27 47 47 NH2 NH2 D . n 
E 1 1  ACE 1  21 ?  ?   ?   E . n 
E 1 2  SER 2  22 ?  ?   ?   E . n 
E 1 3  SER 3  23 ?  ?   ?   E . n 
E 1 4  ASP 4  24 24 ASP ASP E . n 
E 1 5  PRO 5  25 25 PRO PRO E . n 
E 1 6  LEU 6  26 26 LEU LEU E . n 
E 1 7  ALA 7  27 27 ALA ALA E . n 
E 1 8  VAL 8  28 28 VAL VAL E . n 
E 1 9  ALA 9  29 29 ALA ALA E . n 
E 1 10 ALA 10 30 30 ALA ALA E . n 
E 1 11 SER 11 31 31 SER SER E . n 
E 1 12 ILE 12 32 32 ILE ILE E . n 
E 1 13 ILE 13 33 33 ILE ILE E . n 
E 1 14 GLY 14 34 34 GLY GLY E . n 
E 1 15 ILE 15 35 35 ILE ILE E . n 
E 1 16 LEU 16 36 36 LEU LEU E . n 
E 1 17 HIS 17 37 37 HIS HIS E . n 
E 1 18 LEU 18 38 38 LEU LEU E . n 
E 1 19 ILE 19 39 39 ILE ILE E . n 
E 1 20 LEU 20 40 40 LEU LEU E . n 
E 1 21 TRP 21 41 41 TRP TRP E . n 
E 1 22 ILE 22 42 42 ILE ILE E . n 
E 1 23 LEU 23 43 43 LEU LEU E . n 
E 1 24 ASP 24 44 44 ASP ASP E . n 
E 1 25 ARG 25 45 45 ARG ARG E . n 
E 1 26 LEU 26 46 46 LEU LEU E . n 
E 1 27 NH2 27 47 47 NH2 NH2 E . n 
F 1 1  ACE 1  21 ?  ?   ?   F . n 
F 1 2  SER 2  22 ?  ?   ?   F . n 
F 1 3  SER 3  23 ?  ?   ?   F . n 
F 1 4  ASP 4  24 24 ASP ASP F . n 
F 1 5  PRO 5  25 25 PRO PRO F . n 
F 1 6  LEU 6  26 26 LEU LEU F . n 
F 1 7  ALA 7  27 27 ALA ALA F . n 
F 1 8  VAL 8  28 28 VAL VAL F . n 
F 1 9  ALA 9  29 29 ALA ALA F . n 
F 1 10 ALA 10 30 30 ALA ALA F . n 
F 1 11 SER 11 31 31 SER SER F . n 
F 1 12 ILE 12 32 32 ILE ILE F . n 
F 1 13 ILE 13 33 33 ILE ILE F . n 
F 1 14 GLY 14 34 34 GLY GLY F . n 
F 1 15 ILE 15 35 35 ILE ILE F . n 
F 1 16 LEU 16 36 36 LEU LEU F . n 
F 1 17 HIS 17 37 37 HIS HIS F . n 
F 1 18 LEU 18 38 38 LEU LEU F . n 
F 1 19 ILE 19 39 39 ILE ILE F . n 
F 1 20 LEU 20 40 40 LEU LEU F . n 
F 1 21 TRP 21 41 41 TRP TRP F . n 
F 1 22 ILE 22 42 42 ILE ILE F . n 
F 1 23 LEU 23 43 43 LEU LEU F . n 
F 1 24 ASP 24 44 44 ASP ASP F . n 
F 1 25 ARG 25 45 45 ARG ARG F . n 
F 1 26 LEU 26 46 46 LEU LEU F . n 
F 1 27 NH2 27 47 47 NH2 NH2 F . n 
G 1 1  ACE 1  21 ?  ?   ?   G . n 
G 1 2  SER 2  22 ?  ?   ?   G . n 
G 1 3  SER 3  23 ?  ?   ?   G . n 
G 1 4  ASP 4  24 24 ASP ASP G . n 
G 1 5  PRO 5  25 25 PRO PRO G . n 
G 1 6  LEU 6  26 26 LEU LEU G . n 
G 1 7  ALA 7  27 27 ALA ALA G . n 
G 1 8  VAL 8  28 28 VAL VAL G . n 
G 1 9  ALA 9  29 29 ALA ALA G . n 
G 1 10 ALA 10 30 30 ALA ALA G . n 
G 1 11 SER 11 31 31 SER SER G . n 
G 1 12 ILE 12 32 32 ILE ILE G . n 
G 1 13 ILE 13 33 33 ILE ILE G . n 
G 1 14 GLY 14 34 34 GLY GLY G . n 
G 1 15 ILE 15 35 35 ILE ILE G . n 
G 1 16 LEU 16 36 36 LEU LEU G . n 
G 1 17 HIS 17 37 37 HIS HIS G . n 
G 1 18 LEU 18 38 38 LEU LEU G . n 
G 1 19 ILE 19 39 39 ILE ILE G . n 
G 1 20 LEU 20 40 40 LEU LEU G . n 
G 1 21 TRP 21 41 41 TRP TRP G . n 
G 1 22 ILE 22 42 42 ILE ILE G . n 
G 1 23 LEU 23 43 43 LEU LEU G . n 
G 1 24 ASP 24 44 44 ASP ASP G . n 
G 1 25 ARG 25 45 45 ARG ARG G . n 
G 1 26 LEU 26 46 46 LEU LEU G . n 
G 1 27 NH2 27 47 47 NH2 NH2 G . n 
H 1 1  ACE 1  21 ?  ?   ?   H . n 
H 1 2  SER 2  22 ?  ?   ?   H . n 
H 1 3  SER 3  23 ?  ?   ?   H . n 
H 1 4  ASP 4  24 24 ASP ASP H . n 
H 1 5  PRO 5  25 25 PRO PRO H . n 
H 1 6  LEU 6  26 26 LEU LEU H . n 
H 1 7  ALA 7  27 27 ALA ALA H . n 
H 1 8  VAL 8  28 28 VAL VAL H . n 
H 1 9  ALA 9  29 29 ALA ALA H . n 
H 1 10 ALA 10 30 30 ALA ALA H . n 
H 1 11 SER 11 31 31 SER SER H . n 
H 1 12 ILE 12 32 32 ILE ILE H . n 
H 1 13 ILE 13 33 33 ILE ILE H . n 
H 1 14 GLY 14 34 34 GLY GLY H . n 
H 1 15 ILE 15 35 35 ILE ILE H . n 
H 1 16 LEU 16 36 36 LEU LEU H . n 
H 1 17 HIS 17 37 37 HIS HIS H . n 
H 1 18 LEU 18 38 38 LEU LEU H . n 
H 1 19 ILE 19 39 39 ILE ILE H . n 
H 1 20 LEU 20 40 40 LEU LEU H . n 
H 1 21 TRP 21 41 41 TRP TRP H . n 
H 1 22 ILE 22 42 42 ILE ILE H . n 
H 1 23 LEU 23 43 43 LEU LEU H . n 
H 1 24 ASP 24 44 44 ASP ASP H . n 
H 1 25 ARG 25 45 45 ARG ARG H . n 
H 1 26 LEU 26 46 46 LEU LEU H . n 
H 1 27 NH2 27 47 47 NH2 NH2 H . n 
# 
loop_
_pdbx_nonpoly_scheme.asym_id 
_pdbx_nonpoly_scheme.entity_id 
_pdbx_nonpoly_scheme.mon_id 
_pdbx_nonpoly_scheme.ndb_seq_num 
_pdbx_nonpoly_scheme.pdb_seq_num 
_pdbx_nonpoly_scheme.auth_seq_num 
_pdbx_nonpoly_scheme.pdb_mon_id 
_pdbx_nonpoly_scheme.auth_mon_id 
_pdbx_nonpoly_scheme.pdb_strand_id 
_pdbx_nonpoly_scheme.pdb_ins_code 
I  2 OLC 1 101 101 OLC OLC A . 
J  3 E01 1 102 101 E01 E01 A . 
K  2 OLC 1 101 101 OLC OLC B . 
L  4 CL  1 102 1   CL  CL  B . 
M  2 OLC 1 101 101 OLC OLC D . 
N  2 OLC 1 101 101 OLC OLC E . 
O  2 OLC 1 102 101 OLC OLC E . 
P  2 OLC 1 101 101 OLC OLC F . 
Q  3 E01 1 102 101 E01 E01 F . 
R  2 OLC 1 101 101 OLC OLC G . 
S  2 OLC 1 101 101 OLC OLC H . 
T  4 CL  1 102 2   CL  CL  H . 
U  5 HOH 1 201 30  HOH HOH A . 
U  5 HOH 2 202 27  HOH HOH A . 
U  5 HOH 3 203 11  HOH HOH A . 
U  5 HOH 4 204 8   HOH HOH A . 
U  5 HOH 5 205 20  HOH HOH A . 
V  5 HOH 1 201 3   HOH HOH B . 
V  5 HOH 2 202 29  HOH HOH B . 
V  5 HOH 3 203 16  HOH HOH B . 
W  5 HOH 1 101 21  HOH HOH C . 
W  5 HOH 2 102 2   HOH HOH C . 
W  5 HOH 3 103 26  HOH HOH C . 
X  5 HOH 1 201 1   HOH HOH D . 
X  5 HOH 2 202 18  HOH HOH D . 
X  5 HOH 3 203 22  HOH HOH D . 
Y  5 HOH 1 201 5   HOH HOH E . 
Y  5 HOH 2 202 23  HOH HOH E . 
Z  5 HOH 1 201 25  HOH HOH F . 
Z  5 HOH 2 202 28  HOH HOH F . 
Z  5 HOH 3 203 13  HOH HOH F . 
Z  5 HOH 4 204 24  HOH HOH F . 
Z  5 HOH 5 205 15  HOH HOH F . 
Z  5 HOH 6 206 9   HOH HOH F . 
AA 5 HOH 1 201 14  HOH HOH G . 
AA 5 HOH 2 202 7   HOH HOH G . 
AA 5 HOH 3 203 10  HOH HOH G . 
AA 5 HOH 4 204 19  HOH HOH G . 
BA 5 HOH 1 201 6   HOH HOH H . 
BA 5 HOH 2 202 17  HOH HOH H . 
BA 5 HOH 3 203 4   HOH HOH H . 
BA 5 HOH 4 204 12  HOH HOH H . 
# 
loop_
_software.citation_id 
_software.classification 
_software.compiler_name 
_software.compiler_version 
_software.contact_author 
_software.contact_author_email 
_software.date 
_software.description 
_software.dependencies 
_software.hardware 
_software.language 
_software.location 
_software.mods 
_software.name 
_software.os 
_software.os_version 
_software.type 
_software.version 
_software.pdbx_ordinal 
? refinement       ? ? ? ? ? ? ? ? ? ? ? PHENIX ? ? ? '(1.11.1_2575: ???)' 1 
? 'data reduction' ? ? ? ? ? ? ? ? ? ? ? XDS    ? ? ? .                    2 
? 'data scaling'   ? ? ? ? ? ? ? ? ? ? ? XDS    ? ? ? .                    3 
? phasing          ? ? ? ? ? ? ? ? ? ? ? PHASER ? ? ? .                    4 
# 
_cell.angle_alpha                  90.00 
_cell.angle_alpha_esd              ? 
_cell.angle_beta                   90.00 
_cell.angle_beta_esd               ? 
_cell.angle_gamma                  90.00 
_cell.angle_gamma_esd              ? 
_cell.entry_id                     6NV1 
_cell.details                      ? 
_cell.formula_units_Z              ? 
_cell.length_a                     49.806 
_cell.length_a_esd                 ? 
_cell.length_b                     49.950 
_cell.length_b_esd                 ? 
_cell.length_c                     75.029 
_cell.length_c_esd                 ? 
_cell.volume                       ? 
_cell.volume_esd                   ? 
_cell.Z_PDB                        32 
_cell.reciprocal_angle_alpha       ? 
_cell.reciprocal_angle_beta        ? 
_cell.reciprocal_angle_gamma       ? 
_cell.reciprocal_angle_alpha_esd   ? 
_cell.reciprocal_angle_beta_esd    ? 
_cell.reciprocal_angle_gamma_esd   ? 
_cell.reciprocal_length_a          ? 
_cell.reciprocal_length_b          ? 
_cell.reciprocal_length_c          ? 
_cell.reciprocal_length_a_esd      ? 
_cell.reciprocal_length_b_esd      ? 
_cell.reciprocal_length_c_esd      ? 
_cell.pdbx_unique_axis             ? 
# 
_symmetry.entry_id                         6NV1 
_symmetry.cell_setting                     ? 
_symmetry.Int_Tables_number                19 
_symmetry.space_group_name_Hall            ? 
_symmetry.space_group_name_H-M             'P 21 21 21' 
_symmetry.pdbx_full_space_group_name_H-M   ? 
# 
_exptl.absorpt_coefficient_mu     ? 
_exptl.absorpt_correction_T_max   ? 
_exptl.absorpt_correction_T_min   ? 
_exptl.absorpt_correction_type    ? 
_exptl.absorpt_process_details    ? 
_exptl.entry_id                   6NV1 
_exptl.crystals_number            1 
_exptl.details                    ? 
_exptl.method                     'X-RAY DIFFRACTION' 
_exptl.method_details             ? 
# 
_exptl_crystal.colour                      ? 
_exptl_crystal.density_diffrn              ? 
_exptl_crystal.density_Matthews            2.31 
_exptl_crystal.density_method              ? 
_exptl_crystal.density_percent_sol         46.73 
_exptl_crystal.description                 ? 
_exptl_crystal.F_000                       ? 
_exptl_crystal.id                          1 
_exptl_crystal.preparation                 ? 
_exptl_crystal.size_max                    ? 
_exptl_crystal.size_mid                    ? 
_exptl_crystal.size_min                    ? 
_exptl_crystal.size_rad                    ? 
_exptl_crystal.colour_lustre               ? 
_exptl_crystal.colour_modifier             ? 
_exptl_crystal.colour_primary              ? 
_exptl_crystal.density_meas                ? 
_exptl_crystal.density_meas_esd            ? 
_exptl_crystal.density_meas_gt             ? 
_exptl_crystal.density_meas_lt             ? 
_exptl_crystal.density_meas_temp           ? 
_exptl_crystal.density_meas_temp_esd       ? 
_exptl_crystal.density_meas_temp_gt        ? 
_exptl_crystal.density_meas_temp_lt        ? 
_exptl_crystal.pdbx_crystal_image_url      ? 
_exptl_crystal.pdbx_crystal_image_format   ? 
_exptl_crystal.pdbx_mosaicity              ? 
_exptl_crystal.pdbx_mosaicity_esd          ? 
# 
_exptl_crystal_grow.apparatus       ? 
_exptl_crystal_grow.atmosphere      ? 
_exptl_crystal_grow.crystal_id      1 
_exptl_crystal_grow.details         ? 
_exptl_crystal_grow.method          'LIPIDIC CUBIC PHASE' 
_exptl_crystal_grow.method_ref      ? 
_exptl_crystal_grow.pH              ? 
_exptl_crystal_grow.pressure        ? 
_exptl_crystal_grow.pressure_esd    ? 
_exptl_crystal_grow.seeding         ? 
_exptl_crystal_grow.seeding_ref     ? 
_exptl_crystal_grow.temp            300 
_exptl_crystal_grow.temp_details    ? 
_exptl_crystal_grow.temp_esd        ? 
_exptl_crystal_grow.time            ? 
_exptl_crystal_grow.pdbx_details    
'0.045 M HEPES pH 7.5, 19.8% w/v PEG 4000, 0.01 M L-proline, monoolein, MNG-34, spiroadamantyl amine' 
_exptl_crystal_grow.pdbx_pH_range   ? 
# 
_diffrn.ambient_environment              ? 
_diffrn.ambient_temp                     100 
_diffrn.ambient_temp_details             ? 
_diffrn.ambient_temp_esd                 ? 
_diffrn.crystal_id                       1 
_diffrn.crystal_support                  ? 
_diffrn.crystal_treatment                ? 
_diffrn.details                          ? 
_diffrn.id                               1 
_diffrn.ambient_pressure                 ? 
_diffrn.ambient_pressure_esd             ? 
_diffrn.ambient_pressure_gt              ? 
_diffrn.ambient_pressure_lt              ? 
_diffrn.ambient_temp_gt                  ? 
_diffrn.ambient_temp_lt                  ? 
_diffrn.pdbx_serial_crystal_experiment   N 
# 
_diffrn_detector.details                      ? 
_diffrn_detector.detector                     PIXEL 
_diffrn_detector.diffrn_id                    1 
_diffrn_detector.type                         'DECTRIS PILATUS3 S 6M' 
_diffrn_detector.area_resol_mean              ? 
_diffrn_detector.dtime                        ? 
_diffrn_detector.pdbx_frames_total            ? 
_diffrn_detector.pdbx_collection_time_total   ? 
_diffrn_detector.pdbx_collection_date         2016-12-20 
_diffrn_detector.pdbx_frequency               ? 
# 
_diffrn_radiation.collimation                      ? 
_diffrn_radiation.diffrn_id                        1 
_diffrn_radiation.filter_edge                      ? 
_diffrn_radiation.inhomogeneity                    ? 
_diffrn_radiation.monochromator                    ? 
_diffrn_radiation.polarisn_norm                    ? 
_diffrn_radiation.polarisn_ratio                   ? 
_diffrn_radiation.probe                            ? 
_diffrn_radiation.type                             ? 
_diffrn_radiation.xray_symbol                      ? 
_diffrn_radiation.wavelength_id                    1 
_diffrn_radiation.pdbx_monochromatic_or_laue_m_l   M 
_diffrn_radiation.pdbx_wavelength_list             ? 
_diffrn_radiation.pdbx_wavelength                  ? 
_diffrn_radiation.pdbx_diffrn_protocol             'SINGLE WAVELENGTH' 
_diffrn_radiation.pdbx_analyzer                    ? 
_diffrn_radiation.pdbx_scattering_type             x-ray 
# 
_diffrn_radiation_wavelength.id           1 
_diffrn_radiation_wavelength.wavelength   1.1158 
_diffrn_radiation_wavelength.wt           1.0 
# 
_diffrn_source.current                     ? 
_diffrn_source.details                     ? 
_diffrn_source.diffrn_id                   1 
_diffrn_source.power                       ? 
_diffrn_source.size                        ? 
_diffrn_source.source                      SYNCHROTRON 
_diffrn_source.target                      ? 
_diffrn_source.type                        'ALS BEAMLINE 8.3.1' 
_diffrn_source.voltage                     ? 
_diffrn_source.take-off_angle              ? 
_diffrn_source.pdbx_wavelength_list        1.1158 
_diffrn_source.pdbx_wavelength             ? 
_diffrn_source.pdbx_synchrotron_beamline   8.3.1 
_diffrn_source.pdbx_synchrotron_site       ALS 
# 
_reflns.B_iso_Wilson_estimate            ? 
_reflns.entry_id                         6NV1 
_reflns.data_reduction_details           ? 
_reflns.data_reduction_method            ? 
_reflns.d_resolution_high                2.5 
_reflns.d_resolution_low                 41.58 
_reflns.details                          ? 
_reflns.limit_h_max                      ? 
_reflns.limit_h_min                      ? 
_reflns.limit_k_max                      ? 
_reflns.limit_k_min                      ? 
_reflns.limit_l_max                      ? 
_reflns.limit_l_min                      ? 
_reflns.number_all                       ? 
_reflns.number_obs                       6840 
_reflns.observed_criterion               ? 
_reflns.observed_criterion_F_max         ? 
_reflns.observed_criterion_F_min         ? 
_reflns.observed_criterion_I_max         ? 
_reflns.observed_criterion_I_min         ? 
_reflns.observed_criterion_sigma_F       ? 
_reflns.observed_criterion_sigma_I       ? 
_reflns.percent_possible_obs             99.25 
_reflns.R_free_details                   ? 
_reflns.Rmerge_F_all                     ? 
_reflns.Rmerge_F_obs                     ? 
_reflns.Friedel_coverage                 ? 
_reflns.number_gt                        ? 
_reflns.threshold_expression             ? 
_reflns.pdbx_redundancy                  10.3 
_reflns.pdbx_Rmerge_I_obs                0.1262 
_reflns.pdbx_Rmerge_I_all                ? 
_reflns.pdbx_Rsym_value                  ? 
_reflns.pdbx_netI_over_av_sigmaI         ? 
_reflns.pdbx_netI_over_sigmaI            13.27 
_reflns.pdbx_res_netI_over_av_sigmaI_2   ? 
_reflns.pdbx_res_netI_over_sigmaI_2      ? 
_reflns.pdbx_chi_squared                 ? 
_reflns.pdbx_scaling_rejects             ? 
_reflns.pdbx_d_res_high_opt              ? 
_reflns.pdbx_d_res_low_opt               ? 
_reflns.pdbx_d_res_opt_method            ? 
_reflns.phase_calculation_details        ? 
_reflns.pdbx_Rrim_I_all                  ? 
_reflns.pdbx_Rpim_I_all                  ? 
_reflns.pdbx_d_opt                       ? 
_reflns.pdbx_number_measured_all         ? 
_reflns.pdbx_diffrn_id                   1 
_reflns.pdbx_ordinal                     1 
_reflns.pdbx_CC_half                     1.00 
_reflns.pdbx_R_split                     ? 
# 
_reflns_shell.d_res_high                  2.5 
_reflns_shell.d_res_low                   2.589 
_reflns_shell.meanI_over_sigI_all         ? 
_reflns_shell.meanI_over_sigI_obs         3.52 
_reflns_shell.number_measured_all         ? 
_reflns_shell.number_measured_obs         ? 
_reflns_shell.number_possible             ? 
_reflns_shell.number_unique_all           ? 
_reflns_shell.number_unique_obs           653 
_reflns_shell.percent_possible_all        98.93 
_reflns_shell.percent_possible_obs        ? 
_reflns_shell.Rmerge_F_all                ? 
_reflns_shell.Rmerge_F_obs                ? 
_reflns_shell.Rmerge_I_all                ? 
_reflns_shell.Rmerge_I_obs                0.7294 
_reflns_shell.meanI_over_sigI_gt          ? 
_reflns_shell.meanI_over_uI_all           ? 
_reflns_shell.meanI_over_uI_gt            ? 
_reflns_shell.number_measured_gt          ? 
_reflns_shell.number_unique_gt            ? 
_reflns_shell.percent_possible_gt         ? 
_reflns_shell.Rmerge_F_gt                 ? 
_reflns_shell.Rmerge_I_gt                 ? 
_reflns_shell.pdbx_redundancy             3.52 
_reflns_shell.pdbx_Rsym_value             ? 
_reflns_shell.pdbx_chi_squared            ? 
_reflns_shell.pdbx_netI_over_sigmaI_all   ? 
_reflns_shell.pdbx_netI_over_sigmaI_obs   ? 
_reflns_shell.pdbx_Rrim_I_all             ? 
_reflns_shell.pdbx_Rpim_I_all             ? 
_reflns_shell.pdbx_rejects                ? 
_reflns_shell.pdbx_ordinal                1 
_reflns_shell.pdbx_diffrn_id              1 
_reflns_shell.pdbx_CC_half                0.941 
_reflns_shell.pdbx_R_split                ? 
# 
_refine.aniso_B[1][1]                            ? 
_refine.aniso_B[1][2]                            ? 
_refine.aniso_B[1][3]                            ? 
_refine.aniso_B[2][2]                            ? 
_refine.aniso_B[2][3]                            ? 
_refine.aniso_B[3][3]                            ? 
_refine.B_iso_max                                ? 
_refine.B_iso_mean                               ? 
_refine.B_iso_min                                ? 
_refine.correlation_coeff_Fo_to_Fc               ? 
_refine.correlation_coeff_Fo_to_Fc_free          ? 
_refine.details                                  ? 
_refine.diff_density_max                         ? 
_refine.diff_density_max_esd                     ? 
_refine.diff_density_min                         ? 
_refine.diff_density_min_esd                     ? 
_refine.diff_density_rms                         ? 
_refine.diff_density_rms_esd                     ? 
_refine.entry_id                                 6NV1 
_refine.pdbx_refine_id                           'X-RAY DIFFRACTION' 
_refine.ls_abs_structure_details                 ? 
_refine.ls_abs_structure_Flack                   ? 
_refine.ls_abs_structure_Flack_esd               ? 
_refine.ls_abs_structure_Rogers                  ? 
_refine.ls_abs_structure_Rogers_esd              ? 
_refine.ls_d_res_high                            2.500 
_refine.ls_d_res_low                             41.579 
_refine.ls_extinction_coef                       ? 
_refine.ls_extinction_coef_esd                   ? 
_refine.ls_extinction_expression                 ? 
_refine.ls_extinction_method                     ? 
_refine.ls_goodness_of_fit_all                   ? 
_refine.ls_goodness_of_fit_all_esd               ? 
_refine.ls_goodness_of_fit_obs                   ? 
_refine.ls_goodness_of_fit_obs_esd               ? 
_refine.ls_hydrogen_treatment                    ? 
_refine.ls_matrix_type                           ? 
_refine.ls_number_constraints                    ? 
_refine.ls_number_parameters                     ? 
_refine.ls_number_reflns_all                     ? 
_refine.ls_number_reflns_obs                     6792 
_refine.ls_number_reflns_R_free                  676 
_refine.ls_number_reflns_R_work                  ? 
_refine.ls_number_restraints                     ? 
_refine.ls_percent_reflns_obs                    99.25 
_refine.ls_percent_reflns_R_free                 9.95 
_refine.ls_R_factor_all                          ? 
_refine.ls_R_factor_obs                          0.2239 
_refine.ls_R_factor_R_free                       0.2581 
_refine.ls_R_factor_R_free_error                 ? 
_refine.ls_R_factor_R_free_error_details         ? 
_refine.ls_R_factor_R_work                       0.2200 
_refine.ls_R_Fsqd_factor_obs                     ? 
_refine.ls_R_I_factor_obs                        ? 
_refine.ls_redundancy_reflns_all                 ? 
_refine.ls_redundancy_reflns_obs                 ? 
_refine.ls_restrained_S_all                      ? 
_refine.ls_restrained_S_obs                      ? 
_refine.ls_shift_over_esd_max                    ? 
_refine.ls_shift_over_esd_mean                   ? 
_refine.ls_structure_factor_coef                 ? 
_refine.ls_weighting_details                     ? 
_refine.ls_weighting_scheme                      ? 
_refine.ls_wR_factor_all                         ? 
_refine.ls_wR_factor_obs                         ? 
_refine.ls_wR_factor_R_free                      ? 
_refine.ls_wR_factor_R_work                      ? 
_refine.occupancy_max                            ? 
_refine.occupancy_min                            ? 
_refine.solvent_model_details                    'FLAT BULK SOLVENT MODEL' 
_refine.solvent_model_param_bsol                 ? 
_refine.solvent_model_param_ksol                 ? 
_refine.ls_R_factor_gt                           ? 
_refine.ls_goodness_of_fit_gt                    ? 
_refine.ls_goodness_of_fit_ref                   ? 
_refine.ls_shift_over_su_max                     ? 
_refine.ls_shift_over_su_max_lt                  ? 
_refine.ls_shift_over_su_mean                    ? 
_refine.ls_shift_over_su_mean_lt                 ? 
_refine.pdbx_ls_sigma_I                          ? 
_refine.pdbx_ls_sigma_F                          1.34 
_refine.pdbx_ls_sigma_Fsqd                       ? 
_refine.pdbx_data_cutoff_high_absF               ? 
_refine.pdbx_data_cutoff_high_rms_absF           ? 
_refine.pdbx_data_cutoff_low_absF                ? 
_refine.pdbx_isotropic_thermal_model             ? 
_refine.pdbx_ls_cross_valid_method               'FREE R-VALUE' 
_refine.pdbx_method_to_determine_struct          'MOLECULAR REPLACEMENT' 
_refine.pdbx_starting_model                      6BKK 
_refine.pdbx_stereochemistry_target_values       ML 
_refine.pdbx_R_Free_selection_details            ? 
_refine.pdbx_stereochem_target_val_spec_case     ? 
_refine.pdbx_overall_ESU_R                       ? 
_refine.pdbx_overall_ESU_R_Free                  ? 
_refine.pdbx_solvent_vdw_probe_radii             1.11 
_refine.pdbx_solvent_ion_probe_radii             ? 
_refine.pdbx_solvent_shrinkage_radii             0.90 
_refine.pdbx_real_space_R                        ? 
_refine.pdbx_density_correlation                 ? 
_refine.pdbx_pd_number_of_powder_patterns        ? 
_refine.pdbx_pd_number_of_points                 ? 
_refine.pdbx_pd_meas_number_of_points            ? 
_refine.pdbx_pd_proc_ls_prof_R_factor            ? 
_refine.pdbx_pd_proc_ls_prof_wR_factor           ? 
_refine.pdbx_pd_Marquardt_correlation_coeff      ? 
_refine.pdbx_pd_Fsqrd_R_factor                   ? 
_refine.pdbx_pd_ls_matrix_band_width             ? 
_refine.pdbx_overall_phase_error                 33.38 
_refine.pdbx_overall_SU_R_free_Cruickshank_DPI   ? 
_refine.pdbx_overall_SU_R_free_Blow_DPI          ? 
_refine.pdbx_overall_SU_R_Blow_DPI               ? 
_refine.pdbx_TLS_residual_ADP_flag               ? 
_refine.pdbx_diffrn_id                           1 
_refine.overall_SU_B                             ? 
_refine.overall_SU_ML                            0.28 
_refine.overall_SU_R_Cruickshank_DPI             ? 
_refine.overall_SU_R_free                        ? 
_refine.overall_FOM_free_R_set                   ? 
_refine.overall_FOM_work_R_set                   ? 
_refine.pdbx_average_fsc_overall                 ? 
_refine.pdbx_average_fsc_work                    ? 
_refine.pdbx_average_fsc_free                    ? 
# 
_refine_hist.pdbx_refine_id                   'X-RAY DIFFRACTION' 
_refine_hist.cycle_id                         LAST 
_refine_hist.pdbx_number_atoms_protein        1432 
_refine_hist.pdbx_number_atoms_nucleic_acid   0 
_refine_hist.pdbx_number_atoms_ligand         234 
_refine_hist.number_atoms_solvent             30 
_refine_hist.number_atoms_total               1696 
_refine_hist.d_res_high                       2.500 
_refine_hist.d_res_low                        41.579 
# 
loop_
_refine_ls_restr.pdbx_refine_id 
_refine_ls_restr.criterion 
_refine_ls_restr.dev_ideal 
_refine_ls_restr.dev_ideal_target 
_refine_ls_restr.number 
_refine_ls_restr.rejects 
_refine_ls_restr.type 
_refine_ls_restr.weight 
_refine_ls_restr.pdbx_restraint_function 
'X-RAY DIFFRACTION' ? 0.012  ? 1686 ? f_bond_d           ? ? 
'X-RAY DIFFRACTION' ? 1.493  ? 2244 ? f_angle_d          ? ? 
'X-RAY DIFFRACTION' ? 21.831 ? 632  ? f_dihedral_angle_d ? ? 
'X-RAY DIFFRACTION' ? 0.919  ? 290  ? f_chiral_restr     ? ? 
'X-RAY DIFFRACTION' ? 0.005  ? 240  ? f_plane_restr      ? ? 
# 
loop_
_refine_ls_shell.pdbx_refine_id 
_refine_ls_shell.d_res_high 
_refine_ls_shell.d_res_low 
_refine_ls_shell.number_reflns_all 
_refine_ls_shell.number_reflns_obs 
_refine_ls_shell.number_reflns_R_free 
_refine_ls_shell.number_reflns_R_work 
_refine_ls_shell.percent_reflns_obs 
_refine_ls_shell.percent_reflns_R_free 
_refine_ls_shell.R_factor_all 
_refine_ls_shell.R_factor_obs 
_refine_ls_shell.R_factor_R_free 
_refine_ls_shell.R_factor_R_free_error 
_refine_ls_shell.R_factor_R_work 
_refine_ls_shell.redundancy_reflns_all 
_refine_ls_shell.redundancy_reflns_obs 
_refine_ls_shell.wR_factor_all 
_refine_ls_shell.wR_factor_obs 
_refine_ls_shell.wR_factor_R_free 
_refine_ls_shell.wR_factor_R_work 
_refine_ls_shell.pdbx_total_number_of_bins_used 
_refine_ls_shell.pdbx_phase_error 
_refine_ls_shell.pdbx_fsc_work 
_refine_ls_shell.pdbx_fsc_free 
'X-RAY DIFFRACTION' 2.5001 2.6931  . . 131 1170 99.00 . . . 0.2995 . 0.2667 . . . . . . . . . . 
'X-RAY DIFFRACTION' 2.6931 2.9640  . . 132 1203 99.00 . . . 0.2697 . 0.2342 . . . . . . . . . . 
'X-RAY DIFFRACTION' 2.9640 3.3928  . . 133 1213 99.00 . . . 0.2551 . 0.2135 . . . . . . . . . . 
'X-RAY DIFFRACTION' 3.3928 4.2739  . . 140 1232 99.00 . . . 0.2753 . 0.1885 . . . . . . . . . . 
'X-RAY DIFFRACTION' 4.2739 41.5844 . . 140 1298 99.00 . . . 0.2317 . 0.2283 . . . . . . . . . . 
# 
_struct.entry_id                     6NV1 
_struct.title                        
'Structure of drug-resistant V27A mutant of the influenza M2 proton channel bound to spiroadamantyl amine inhibitor' 
_struct.pdbx_model_details           ? 
_struct.pdbx_formula_weight          ? 
_struct.pdbx_formula_weight_method   ? 
_struct.pdbx_model_type_details      ? 
_struct.pdbx_CASP_flag               N 
# 
_struct_keywords.entry_id        6NV1 
_struct_keywords.text            'proton channel, MEMBRANE PROTEIN' 
_struct_keywords.pdbx_keywords   'MEMBRANE PROTEIN' 
# 
loop_
_struct_asym.id 
_struct_asym.pdbx_blank_PDB_chainid_flag 
_struct_asym.pdbx_modified 
_struct_asym.entity_id 
_struct_asym.details 
A  N N 1 ? 
B  N N 1 ? 
C  N N 1 ? 
D  N N 1 ? 
E  N N 1 ? 
F  N N 1 ? 
G  N N 1 ? 
H  N N 1 ? 
I  N N 2 ? 
J  N N 3 ? 
K  N N 2 ? 
L  N N 4 ? 
M  N N 2 ? 
N  N N 2 ? 
O  N N 2 ? 
P  N N 2 ? 
Q  N N 3 ? 
R  N N 2 ? 
S  N N 2 ? 
T  N N 4 ? 
U  N N 5 ? 
V  N N 5 ? 
W  N N 5 ? 
X  N N 5 ? 
Y  N N 5 ? 
Z  N N 5 ? 
AA N N 5 ? 
BA N N 5 ? 
# 
_struct_ref.id                         1 
_struct_ref.db_name                    UNP 
_struct_ref.db_code                    A4D7H3_9INFA 
_struct_ref.pdbx_db_accession          A4D7H3 
_struct_ref.pdbx_db_isoform            ? 
_struct_ref.entity_id                  1 
_struct_ref.pdbx_seq_one_letter_code   SSDPLAVAASIIGILHLILWILDRL 
_struct_ref.pdbx_align_begin           22 
# 
loop_
_struct_ref_seq.align_id 
_struct_ref_seq.ref_id 
_struct_ref_seq.pdbx_PDB_id_code 
_struct_ref_seq.pdbx_strand_id 
_struct_ref_seq.seq_align_beg 
_struct_ref_seq.pdbx_seq_align_beg_ins_code 
_struct_ref_seq.seq_align_end 
_struct_ref_seq.pdbx_seq_align_end_ins_code 
_struct_ref_seq.pdbx_db_accession 
_struct_ref_seq.db_align_beg 
_struct_ref_seq.pdbx_db_align_beg_ins_code 
_struct_ref_seq.db_align_end 
_struct_ref_seq.pdbx_db_align_end_ins_code 
_struct_ref_seq.pdbx_auth_seq_align_beg 
_struct_ref_seq.pdbx_auth_seq_align_end 
1 1 6NV1 A 2 ? 26 ? A4D7H3 22 ? 46 ? 22 46 
2 1 6NV1 B 2 ? 26 ? A4D7H3 22 ? 46 ? 22 46 
3 1 6NV1 C 2 ? 26 ? A4D7H3 22 ? 46 ? 22 46 
4 1 6NV1 D 2 ? 26 ? A4D7H3 22 ? 46 ? 22 46 
5 1 6NV1 E 2 ? 26 ? A4D7H3 22 ? 46 ? 22 46 
6 1 6NV1 F 2 ? 26 ? A4D7H3 22 ? 46 ? 22 46 
7 1 6NV1 G 2 ? 26 ? A4D7H3 22 ? 46 ? 22 46 
8 1 6NV1 H 2 ? 26 ? A4D7H3 22 ? 46 ? 22 46 
# 
loop_
_struct_ref_seq_dif.align_id 
_struct_ref_seq_dif.pdbx_pdb_id_code 
_struct_ref_seq_dif.mon_id 
_struct_ref_seq_dif.pdbx_pdb_strand_id 
_struct_ref_seq_dif.seq_num 
_struct_ref_seq_dif.pdbx_pdb_ins_code 
_struct_ref_seq_dif.pdbx_seq_db_name 
_struct_ref_seq_dif.pdbx_seq_db_accession_code 
_struct_ref_seq_dif.db_mon_id 
_struct_ref_seq_dif.pdbx_seq_db_seq_num 
_struct_ref_seq_dif.details 
_struct_ref_seq_dif.pdbx_auth_seq_num 
_struct_ref_seq_dif.pdbx_ordinal 
1 6NV1 ACE A 1  ? UNP A4D7H3 ? ? acetylation 21 1  
1 6NV1 NH2 A 27 ? UNP A4D7H3 ? ? amidation   47 2  
2 6NV1 ACE B 1  ? UNP A4D7H3 ? ? acetylation 21 3  
2 6NV1 NH2 B 27 ? UNP A4D7H3 ? ? amidation   47 4  
3 6NV1 ACE C 1  ? UNP A4D7H3 ? ? acetylation 21 5  
3 6NV1 NH2 C 27 ? UNP A4D7H3 ? ? amidation   47 6  
4 6NV1 ACE D 1  ? UNP A4D7H3 ? ? acetylation 21 7  
4 6NV1 NH2 D 27 ? UNP A4D7H3 ? ? amidation   47 8  
5 6NV1 ACE E 1  ? UNP A4D7H3 ? ? acetylation 21 9  
5 6NV1 NH2 E 27 ? UNP A4D7H3 ? ? amidation   47 10 
6 6NV1 ACE F 1  ? UNP A4D7H3 ? ? acetylation 21 11 
6 6NV1 NH2 F 27 ? UNP A4D7H3 ? ? amidation   47 12 
7 6NV1 ACE G 1  ? UNP A4D7H3 ? ? acetylation 21 13 
7 6NV1 NH2 G 27 ? UNP A4D7H3 ? ? amidation   47 14 
8 6NV1 ACE H 1  ? UNP A4D7H3 ? ? acetylation 21 15 
8 6NV1 NH2 H 27 ? UNP A4D7H3 ? ? amidation   47 16 
# 
loop_
_pdbx_struct_assembly.id 
_pdbx_struct_assembly.details 
_pdbx_struct_assembly.method_details 
_pdbx_struct_assembly.oligomeric_details 
_pdbx_struct_assembly.oligomeric_count 
1 author_and_software_defined_assembly PISA tetrameric 4 
2 author_and_software_defined_assembly PISA tetrameric 4 
# 
loop_
_pdbx_struct_assembly_prop.biol_id 
_pdbx_struct_assembly_prop.type 
_pdbx_struct_assembly_prop.value 
_pdbx_struct_assembly_prop.details 
1 'ABSA (A^2)' 4700 ? 
1 MORE         -46  ? 
1 'SSA (A^2)'  6340 ? 
2 'ABSA (A^2)' 4990 ? 
2 MORE         -47  ? 
2 'SSA (A^2)'  6900 ? 
# 
loop_
_pdbx_struct_assembly_gen.assembly_id 
_pdbx_struct_assembly_gen.oper_expression 
_pdbx_struct_assembly_gen.asym_id_list 
1 1 A,B,C,D,I,J,K,L,M,U,V,W,X       
2 1 E,F,G,H,N,O,P,Q,R,S,T,Y,Z,AA,BA 
# 
_pdbx_struct_assembly_auth_evidence.id                     1 
_pdbx_struct_assembly_auth_evidence.assembly_id            1 
_pdbx_struct_assembly_auth_evidence.experimental_support   none 
_pdbx_struct_assembly_auth_evidence.details                
;tetramer 1: ABCD
tetramer 2: EFGH
;
# 
_pdbx_struct_oper_list.id                   1 
_pdbx_struct_oper_list.type                 'identity operation' 
_pdbx_struct_oper_list.name                 1_555 
_pdbx_struct_oper_list.symmetry_operation   x,y,z 
_pdbx_struct_oper_list.matrix[1][1]         1.0000000000 
_pdbx_struct_oper_list.matrix[1][2]         0.0000000000 
_pdbx_struct_oper_list.matrix[1][3]         0.0000000000 
_pdbx_struct_oper_list.vector[1]            0.0000000000 
_pdbx_struct_oper_list.matrix[2][1]         0.0000000000 
_pdbx_struct_oper_list.matrix[2][2]         1.0000000000 
_pdbx_struct_oper_list.matrix[2][3]         0.0000000000 
_pdbx_struct_oper_list.vector[2]            0.0000000000 
_pdbx_struct_oper_list.matrix[3][1]         0.0000000000 
_pdbx_struct_oper_list.matrix[3][2]         0.0000000000 
_pdbx_struct_oper_list.matrix[3][3]         1.0000000000 
_pdbx_struct_oper_list.vector[3]            0.0000000000 
# 
loop_
_struct_conf.conf_type_id 
_struct_conf.id 
_struct_conf.pdbx_PDB_helix_id 
_struct_conf.beg_label_comp_id 
_struct_conf.beg_label_asym_id 
_struct_conf.beg_label_seq_id 
_struct_conf.pdbx_beg_PDB_ins_code 
_struct_conf.end_label_comp_id 
_struct_conf.end_label_asym_id 
_struct_conf.end_label_seq_id 
_struct_conf.pdbx_end_PDB_ins_code 
_struct_conf.beg_auth_comp_id 
_struct_conf.beg_auth_asym_id 
_struct_conf.beg_auth_seq_id 
_struct_conf.end_auth_comp_id 
_struct_conf.end_auth_asym_id 
_struct_conf.end_auth_seq_id 
_struct_conf.pdbx_PDB_helix_class 
_struct_conf.details 
_struct_conf.pdbx_PDB_helix_length 
HELX_P HELX_P1 AA1 ASP A 4 ? LEU A 26 ? ASP A 24 LEU A 46 1 ? 23 
HELX_P HELX_P2 AA2 PRO B 5 ? LEU B 26 ? PRO B 25 LEU B 46 1 ? 22 
HELX_P HELX_P3 AA3 PRO C 5 ? LEU C 26 ? PRO C 25 LEU C 46 1 ? 22 
HELX_P HELX_P4 AA4 PRO D 5 ? LEU D 26 ? PRO D 25 LEU D 46 1 ? 22 
HELX_P HELX_P5 AA5 PRO E 5 ? LEU E 26 ? PRO E 25 LEU E 46 1 ? 22 
HELX_P HELX_P6 AA6 PRO F 5 ? LEU F 26 ? PRO F 25 LEU F 46 1 ? 22 
HELX_P HELX_P7 AA7 PRO G 5 ? LEU G 26 ? PRO G 25 LEU G 46 1 ? 22 
HELX_P HELX_P8 AA8 PRO H 5 ? LEU H 26 ? PRO H 25 LEU H 46 1 ? 22 
# 
_struct_conf_type.id          HELX_P 
_struct_conf_type.criteria    ? 
_struct_conf_type.reference   ? 
# 
loop_
_struct_conn.id 
_struct_conn.conn_type_id 
_struct_conn.pdbx_leaving_atom_flag 
_struct_conn.pdbx_PDB_id 
_struct_conn.ptnr1_label_asym_id 
_struct_conn.ptnr1_label_comp_id 
_struct_conn.ptnr1_label_seq_id 
_struct_conn.ptnr1_label_atom_id 
_struct_conn.pdbx_ptnr1_label_alt_id 
_struct_conn.pdbx_ptnr1_PDB_ins_code 
_struct_conn.pdbx_ptnr1_standard_comp_id 
_struct_conn.ptnr1_symmetry 
_struct_conn.ptnr2_label_asym_id 
_struct_conn.ptnr2_label_comp_id 
_struct_conn.ptnr2_label_seq_id 
_struct_conn.ptnr2_label_atom_id 
_struct_conn.pdbx_ptnr2_label_alt_id 
_struct_conn.pdbx_ptnr2_PDB_ins_code 
_struct_conn.ptnr1_auth_asym_id 
_struct_conn.ptnr1_auth_comp_id 
_struct_conn.ptnr1_auth_seq_id 
_struct_conn.ptnr2_auth_asym_id 
_struct_conn.ptnr2_auth_comp_id 
_struct_conn.ptnr2_auth_seq_id 
_struct_conn.ptnr2_symmetry 
_struct_conn.pdbx_ptnr3_label_atom_id 
_struct_conn.pdbx_ptnr3_label_seq_id 
_struct_conn.pdbx_ptnr3_label_comp_id 
_struct_conn.pdbx_ptnr3_label_asym_id 
_struct_conn.pdbx_ptnr3_label_alt_id 
_struct_conn.pdbx_ptnr3_PDB_ins_code 
_struct_conn.details 
_struct_conn.pdbx_dist_value 
_struct_conn.pdbx_value_order 
_struct_conn.pdbx_role 
covale1 covale both ? A LEU 26 C ? ? ? 1_555 A NH2 27 N ? ? A LEU 46 A NH2 47 1_555 ? ? ? ? ? ? ? 1.336 ? ? 
covale2 covale both ? B LEU 26 C ? ? ? 1_555 B NH2 27 N ? ? B LEU 46 B NH2 47 1_555 ? ? ? ? ? ? ? 1.332 ? ? 
covale3 covale both ? C LEU 26 C ? ? ? 1_555 C NH2 27 N ? ? C LEU 46 C NH2 47 1_555 ? ? ? ? ? ? ? 1.326 ? ? 
covale4 covale both ? D LEU 26 C ? ? ? 1_555 D NH2 27 N ? ? D LEU 46 D NH2 47 1_555 ? ? ? ? ? ? ? 1.331 ? ? 
covale5 covale both ? E LEU 26 C ? ? ? 1_555 E NH2 27 N ? ? E LEU 46 E NH2 47 1_555 ? ? ? ? ? ? ? 1.328 ? ? 
covale6 covale both ? F LEU 26 C ? ? ? 1_555 F NH2 27 N ? ? F LEU 46 F NH2 47 1_555 ? ? ? ? ? ? ? 1.333 ? ? 
covale7 covale both ? G LEU 26 C ? ? ? 1_555 G NH2 27 N ? ? G LEU 46 G NH2 47 1_555 ? ? ? ? ? ? ? 1.330 ? ? 
covale8 covale both ? H LEU 26 C ? ? ? 1_555 H NH2 27 N ? ? H LEU 46 H NH2 47 1_555 ? ? ? ? ? ? ? 1.327 ? ? 
# 
_struct_conn_type.id          covale 
_struct_conn_type.criteria    ? 
_struct_conn_type.reference   ? 
# 
loop_
_pdbx_modification_feature.ordinal 
_pdbx_modification_feature.label_comp_id 
_pdbx_modification_feature.label_asym_id 
_pdbx_modification_feature.label_seq_id 
_pdbx_modification_feature.label_alt_id 
_pdbx_modification_feature.modified_residue_label_comp_id 
_pdbx_modification_feature.modified_residue_label_asym_id 
_pdbx_modification_feature.modified_residue_label_seq_id 
_pdbx_modification_feature.modified_residue_label_alt_id 
_pdbx_modification_feature.auth_comp_id 
_pdbx_modification_feature.auth_asym_id 
_pdbx_modification_feature.auth_seq_id 
_pdbx_modification_feature.PDB_ins_code 
_pdbx_modification_feature.symmetry 
_pdbx_modification_feature.modified_residue_auth_comp_id 
_pdbx_modification_feature.modified_residue_auth_asym_id 
_pdbx_modification_feature.modified_residue_auth_seq_id 
_pdbx_modification_feature.modified_residue_PDB_ins_code 
_pdbx_modification_feature.modified_residue_symmetry 
_pdbx_modification_feature.comp_id_linking_atom 
_pdbx_modification_feature.modified_residue_id_linking_atom 
_pdbx_modification_feature.modified_residue_id 
_pdbx_modification_feature.ref_pcm_id 
_pdbx_modification_feature.ref_comp_id 
_pdbx_modification_feature.type 
_pdbx_modification_feature.category 
1 NH2 A 27 ? LEU A 26 ? NH2 A 47 ? 1_555 LEU A 46 ? 1_555 . . LEU 14 NH2 None 'Terminal amidation' 
2 NH2 B 27 ? LEU B 26 ? NH2 B 47 ? 1_555 LEU B 46 ? 1_555 . . LEU 14 NH2 None 'Terminal amidation' 
3 NH2 C 27 ? LEU C 26 ? NH2 C 47 ? 1_555 LEU C 46 ? 1_555 . . LEU 14 NH2 None 'Terminal amidation' 
4 NH2 D 27 ? LEU D 26 ? NH2 D 47 ? 1_555 LEU D 46 ? 1_555 . . LEU 14 NH2 None 'Terminal amidation' 
5 NH2 E 27 ? LEU E 26 ? NH2 E 47 ? 1_555 LEU E 46 ? 1_555 . . LEU 14 NH2 None 'Terminal amidation' 
6 NH2 F 27 ? LEU F 26 ? NH2 F 47 ? 1_555 LEU F 46 ? 1_555 . . LEU 14 NH2 None 'Terminal amidation' 
7 NH2 G 27 ? LEU G 26 ? NH2 G 47 ? 1_555 LEU G 46 ? 1_555 . . LEU 14 NH2 None 'Terminal amidation' 
8 NH2 H 27 ? LEU H 26 ? NH2 H 47 ? 1_555 LEU H 46 ? 1_555 . . LEU 14 NH2 None 'Terminal amidation' 
# 
loop_
_struct_site.id 
_struct_site.pdbx_evidence_code 
_struct_site.pdbx_auth_asym_id 
_struct_site.pdbx_auth_comp_id 
_struct_site.pdbx_auth_seq_id 
_struct_site.pdbx_auth_ins_code 
_struct_site.pdbx_num_residues 
_struct_site.details 
AC1 Software A OLC 101 ? 4 'binding site for residue OLC A 101'                
AC2 Software A E01 102 ? 8 'binding site for residue E01 A 102'                
AC3 Software B OLC 101 ? 8 'binding site for residue OLC B 101'                
AC4 Software D OLC 101 ? 7 'binding site for residue OLC D 101'                
AC5 Software E OLC 101 ? 6 'binding site for residue OLC E 101'                
AC6 Software E OLC 102 ? 3 'binding site for residue OLC E 102'                
AC7 Software F OLC 101 ? 4 'binding site for residue OLC F 101'                
AC8 Software F E01 102 ? 8 'binding site for residue E01 F 102'                
AC9 Software G OLC 101 ? 2 'binding site for residue OLC G 101'                
AD1 Software H OLC 101 ? 3 'binding site for residue OLC H 101'                
AD2 Software H CL  102 ? 1 'binding site for residue CL H 102'                 
AD3 Software B LEU 46  ? 4 'binding site for Di-peptide LEU B 46 and NH2 B 47' 
AD4 Software C LEU 46  ? 6 'binding site for Di-peptide LEU C 46 and NH2 C 47' 
AD5 Software D LEU 46  ? 5 'binding site for Di-peptide LEU D 46 and NH2 D 47' 
AD6 Software E LEU 46  ? 5 'binding site for Di-peptide LEU E 46 and NH2 E 47' 
AD7 Software F LEU 46  ? 4 'binding site for Di-peptide LEU F 46 and NH2 F 47' 
AD8 Software G LEU 46  ? 7 'binding site for Di-peptide LEU G 46 and NH2 G 47' 
AD9 Software H LEU 46  ? 6 'binding site for Di-peptide LEU H 46 and NH2 H 47' 
# 
loop_
_struct_site_gen.id 
_struct_site_gen.site_id 
_struct_site_gen.pdbx_num_res 
_struct_site_gen.label_comp_id 
_struct_site_gen.label_asym_id 
_struct_site_gen.label_seq_id 
_struct_site_gen.pdbx_auth_ins_code 
_struct_site_gen.auth_comp_id 
_struct_site_gen.auth_asym_id 
_struct_site_gen.auth_seq_id 
_struct_site_gen.label_atom_id 
_struct_site_gen.label_alt_id 
_struct_site_gen.symmetry 
_struct_site_gen.details 
1  AC1 4 ARG B 25 ? ARG B 45  . ? 1_555 ? 
2  AC1 4 VAL C 8  ? VAL C 28  . ? 3_545 ? 
3  AC1 4 ILE C 12 ? ILE C 32  . ? 3_545 ? 
4  AC1 4 ILE C 13 ? ILE C 33  . ? 3_545 ? 
5  AC2 8 ALA A 7  ? ALA A 27  . ? 1_555 ? 
6  AC2 8 ALA A 10 ? ALA A 30  . ? 1_555 ? 
7  AC2 8 SER A 11 ? SER A 31  . ? 1_555 ? 
8  AC2 8 HOH U .  ? HOH A 201 . ? 1_555 ? 
9  AC2 8 HOH U .  ? HOH A 202 . ? 1_555 ? 
10 AC2 8 SER B 11 ? SER B 31  . ? 1_555 ? 
11 AC2 8 ALA D 10 ? ALA D 30  . ? 1_555 ? 
12 AC2 8 SER D 11 ? SER D 31  . ? 1_555 ? 
13 AC3 8 LEU B 20 ? LEU B 40  . ? 1_555 ? 
14 AC3 8 LEU B 23 ? LEU B 43  . ? 1_555 ? 
15 AC3 8 ASP B 24 ? ASP B 44  . ? 1_555 ? 
16 AC3 8 LEU C 26 ? LEU C 46  . ? 1_555 ? 
17 AC3 8 LEU G 26 ? LEU G 46  . ? 3_555 ? 
18 AC3 8 VAL H 8  ? VAL H 28  . ? 1_655 ? 
19 AC3 8 ILE H 12 ? ILE H 32  . ? 1_655 ? 
20 AC3 8 ILE H 13 ? ILE H 33  . ? 1_655 ? 
21 AC4 7 PRO A 5  ? PRO A 25  . ? 3_555 ? 
22 AC4 7 ALA A 9  ? ALA A 29  . ? 3_555 ? 
23 AC4 7 LEU C 20 ? LEU C 40  . ? 1_555 ? 
24 AC4 7 ASP C 24 ? ASP C 44  . ? 1_555 ? 
25 AC4 7 TRP D 21 ? TRP D 41  . ? 1_555 ? 
26 AC4 7 ARG D 25 ? ARG D 45  . ? 1_555 ? 
27 AC4 7 LEU H 23 ? LEU H 43  . ? 3_455 ? 
28 AC5 6 LEU E 16 ? LEU E 36  . ? 1_555 ? 
29 AC5 6 PRO G 5  ? PRO G 25  . ? 3_455 ? 
30 AC5 6 VAL G 8  ? VAL G 28  . ? 3_455 ? 
31 AC5 6 ALA G 9  ? ALA G 29  . ? 3_455 ? 
32 AC5 6 ILE G 12 ? ILE G 32  . ? 3_455 ? 
33 AC5 6 ILE G 13 ? ILE G 33  . ? 3_455 ? 
34 AC6 3 TRP E 21 ? TRP E 41  . ? 1_555 ? 
35 AC6 3 LEU E 26 ? LEU E 46  . ? 1_555 ? 
36 AC6 3 ASP H 24 ? ASP H 44  . ? 1_555 ? 
37 AC7 4 LEU A 26 ? LEU A 46  . ? 1_555 ? 
38 AC7 4 ALA F 9  ? ALA F 29  . ? 1_555 ? 
39 AC7 4 ILE F 12 ? ILE F 32  . ? 1_555 ? 
40 AC7 4 ILE F 13 ? ILE F 33  . ? 1_555 ? 
41 AC8 8 ALA F 7  ? ALA F 27  . ? 1_555 ? 
42 AC8 8 ALA F 10 ? ALA F 30  . ? 1_555 ? 
43 AC8 8 SER F 11 ? SER F 31  . ? 1_555 ? 
44 AC8 8 HOH Z .  ? HOH F 202 . ? 1_555 ? 
45 AC8 8 HOH Z .  ? HOH F 203 . ? 1_555 ? 
46 AC8 8 ALA G 7  ? ALA G 27  . ? 1_555 ? 
47 AC8 8 SER G 11 ? SER G 31  . ? 1_555 ? 
48 AC8 8 SER H 11 ? SER H 31  . ? 1_555 ? 
49 AC9 2 ARG G 25 ? ARG G 45  . ? 1_555 ? 
50 AC9 2 LEU G 26 ? LEU G 46  . ? 1_555 ? 
51 AD1 3 ILE E 12 ? ILE E 32  . ? 3_445 ? 
52 AD1 3 ASP G 24 ? ASP G 44  . ? 1_555 ? 
53 AD1 3 LEU H 26 ? LEU H 46  . ? 1_555 ? 
54 AD2 1 TRP H 21 ? TRP H 41  . ? 1_555 ? 
55 AD3 4 ILE B 22 ? ILE B 42  . ? 1_555 ? 
56 AD3 4 LEU B 23 ? LEU B 43  . ? 1_555 ? 
57 AD3 4 ASP B 24 ? ASP B 44  . ? 1_555 ? 
58 AD3 4 ARG B 25 ? ARG B 45  . ? 1_555 ? 
59 AD4 6 OLC K .  ? OLC B 101 . ? 1_555 ? 
60 AD4 6 ILE C 22 ? ILE C 42  . ? 1_555 ? 
61 AD4 6 LEU C 23 ? LEU C 43  . ? 1_555 ? 
62 AD4 6 ASP C 24 ? ASP C 44  . ? 1_555 ? 
63 AD4 6 ARG C 25 ? ARG C 45  . ? 1_555 ? 
64 AD4 6 PRO D 5  ? PRO D 25  . ? 3_555 ? 
65 AD5 5 ILE D 22 ? ILE D 42  . ? 1_555 ? 
66 AD5 5 LEU D 23 ? LEU D 43  . ? 1_555 ? 
67 AD5 5 ASP D 24 ? ASP D 44  . ? 1_555 ? 
68 AD5 5 ARG D 25 ? ARG D 45  . ? 1_555 ? 
69 AD5 5 PRO E 5  ? PRO E 25  . ? 1_555 ? 
70 AD6 5 ILE E 22 ? ILE E 42  . ? 1_555 ? 
71 AD6 5 LEU E 23 ? LEU E 43  . ? 1_555 ? 
72 AD6 5 ASP E 24 ? ASP E 44  . ? 1_555 ? 
73 AD6 5 ARG E 25 ? ARG E 45  . ? 1_555 ? 
74 AD6 5 OLC O .  ? OLC E 102 . ? 1_555 ? 
75 AD7 4 ILE F 22 ? ILE F 42  . ? 1_555 ? 
76 AD7 4 LEU F 23 ? LEU F 43  . ? 1_555 ? 
77 AD7 4 ASP F 24 ? ASP F 44  . ? 1_555 ? 
78 AD7 4 ARG F 25 ? ARG F 45  . ? 1_555 ? 
79 AD8 7 OLC K .  ? OLC B 101 . ? 3_545 ? 
80 AD8 7 ILE G 22 ? ILE G 42  . ? 1_555 ? 
81 AD8 7 LEU G 23 ? LEU G 43  . ? 1_555 ? 
82 AD8 7 ASP G 24 ? ASP G 44  . ? 1_555 ? 
83 AD8 7 ARG G 25 ? ARG G 45  . ? 1_555 ? 
84 AD8 7 OLC R .  ? OLC G 101 . ? 1_555 ? 
85 AD8 7 PRO H 5  ? PRO H 25  . ? 3_445 ? 
86 AD9 6 PRO A 5  ? PRO A 25  . ? 1_455 ? 
87 AD9 6 ILE H 22 ? ILE H 42  . ? 1_555 ? 
88 AD9 6 LEU H 23 ? LEU H 43  . ? 1_555 ? 
89 AD9 6 ASP H 24 ? ASP H 44  . ? 1_555 ? 
90 AD9 6 ARG H 25 ? ARG H 45  . ? 1_555 ? 
91 AD9 6 OLC S .  ? OLC H 101 . ? 1_555 ? 
# 
_pdbx_entry_details.entry_id                   6NV1 
_pdbx_entry_details.compound_details           ? 
_pdbx_entry_details.source_details             ? 
_pdbx_entry_details.nonpolymer_details         ? 
_pdbx_entry_details.sequence_details           ? 
_pdbx_entry_details.has_ligand_of_interest     ? 
_pdbx_entry_details.has_protein_modification   Y 
# 
loop_
_pdbx_unobs_or_zero_occ_residues.id 
_pdbx_unobs_or_zero_occ_residues.PDB_model_num 
_pdbx_unobs_or_zero_occ_residues.polymer_flag 
_pdbx_unobs_or_zero_occ_residues.occupancy_flag 
_pdbx_unobs_or_zero_occ_residues.auth_asym_id 
_pdbx_unobs_or_zero_occ_residues.auth_comp_id 
_pdbx_unobs_or_zero_occ_residues.auth_seq_id 
_pdbx_unobs_or_zero_occ_residues.PDB_ins_code 
_pdbx_unobs_or_zero_occ_residues.label_asym_id 
_pdbx_unobs_or_zero_occ_residues.label_comp_id 
_pdbx_unobs_or_zero_occ_residues.label_seq_id 
1  1 Y 1 A ACE 21 ? A ACE 1 
2  1 Y 1 A SER 22 ? A SER 2 
3  1 Y 1 A SER 23 ? A SER 3 
4  1 Y 1 B ACE 21 ? B ACE 1 
5  1 Y 1 B SER 22 ? B SER 2 
6  1 Y 1 B SER 23 ? B SER 3 
7  1 Y 1 C ACE 21 ? C ACE 1 
8  1 Y 1 C SER 22 ? C SER 2 
9  1 Y 1 C SER 23 ? C SER 3 
10 1 Y 1 D ACE 21 ? D ACE 1 
11 1 Y 1 D SER 22 ? D SER 2 
12 1 Y 1 D SER 23 ? D SER 3 
13 1 Y 1 E ACE 21 ? E ACE 1 
14 1 Y 1 E SER 22 ? E SER 2 
15 1 Y 1 E SER 23 ? E SER 3 
16 1 Y 1 F ACE 21 ? F ACE 1 
17 1 Y 1 F SER 22 ? F SER 2 
18 1 Y 1 F SER 23 ? F SER 3 
19 1 Y 1 G ACE 21 ? G ACE 1 
20 1 Y 1 G SER 22 ? G SER 2 
21 1 Y 1 G SER 23 ? G SER 3 
22 1 Y 1 H ACE 21 ? H ACE 1 
23 1 Y 1 H SER 22 ? H SER 2 
24 1 Y 1 H SER 23 ? H SER 3 
# 
loop_
_chem_comp_atom.comp_id 
_chem_comp_atom.atom_id 
_chem_comp_atom.type_symbol 
_chem_comp_atom.pdbx_aromatic_flag 
_chem_comp_atom.pdbx_stereo_config 
_chem_comp_atom.pdbx_ordinal 
ACE C    C  N N 1   
ACE O    O  N N 2   
ACE CH3  C  N N 3   
ACE H    H  N N 4   
ACE H1   H  N N 5   
ACE H2   H  N N 6   
ACE H3   H  N N 7   
ALA N    N  N N 8   
ALA CA   C  N S 9   
ALA C    C  N N 10  
ALA O    O  N N 11  
ALA CB   C  N N 12  
ALA OXT  O  N N 13  
ALA H    H  N N 14  
ALA H2   H  N N 15  
ALA HA   H  N N 16  
ALA HB1  H  N N 17  
ALA HB2  H  N N 18  
ALA HB3  H  N N 19  
ALA HXT  H  N N 20  
ARG N    N  N N 21  
ARG CA   C  N S 22  
ARG C    C  N N 23  
ARG O    O  N N 24  
ARG CB   C  N N 25  
ARG CG   C  N N 26  
ARG CD   C  N N 27  
ARG NE   N  N N 28  
ARG CZ   C  N N 29  
ARG NH1  N  N N 30  
ARG NH2  N  N N 31  
ARG OXT  O  N N 32  
ARG H    H  N N 33  
ARG H2   H  N N 34  
ARG HA   H  N N 35  
ARG HB2  H  N N 36  
ARG HB3  H  N N 37  
ARG HG2  H  N N 38  
ARG HG3  H  N N 39  
ARG HD2  H  N N 40  
ARG HD3  H  N N 41  
ARG HE   H  N N 42  
ARG HH11 H  N N 43  
ARG HH12 H  N N 44  
ARG HH21 H  N N 45  
ARG HH22 H  N N 46  
ARG HXT  H  N N 47  
ASP N    N  N N 48  
ASP CA   C  N S 49  
ASP C    C  N N 50  
ASP O    O  N N 51  
ASP CB   C  N N 52  
ASP CG   C  N N 53  
ASP OD1  O  N N 54  
ASP OD2  O  N N 55  
ASP OXT  O  N N 56  
ASP H    H  N N 57  
ASP H2   H  N N 58  
ASP HA   H  N N 59  
ASP HB2  H  N N 60  
ASP HB3  H  N N 61  
ASP HD2  H  N N 62  
ASP HXT  H  N N 63  
CL  CL   CL N N 64  
E01 C1   C  N N 65  
E01 C2   C  N N 66  
E01 C3   C  N N 67  
E01 C4   C  N N 68  
E01 C5   C  N N 69  
E01 C6   C  N N 70  
E01 C14  C  N N 71  
E01 C15  C  N N 72  
E01 C12  C  N N 73  
E01 C11  C  N N 74  
E01 C10  C  N N 75  
E01 C7   C  N N 76  
E01 C8   C  N N 77  
E01 C9   C  N N 78  
E01 C13  C  N N 79  
E01 N1   N  N N 80  
E01 H1   H  N N 81  
E01 H2B  H  N N 82  
E01 H2A  H  N N 83  
E01 H3B  H  N N 84  
E01 H3A  H  N N 85  
E01 H5B  H  N N 86  
E01 H5A  H  N N 87  
E01 H6B  H  N N 88  
E01 H6A  H  N N 89  
E01 H14A H  N N 90  
E01 H14B H  N N 91  
E01 H15A H  N N 92  
E01 H15B H  N N 93  
E01 H12  H  N N 94  
E01 H11  H  N N 95  
E01 H10B H  N N 96  
E01 H10A H  N N 97  
E01 H7   H  N N 98  
E01 H8A  H  N N 99  
E01 H8B  H  N N 100 
E01 H9   H  N N 101 
E01 H13A H  N N 102 
E01 H13B H  N N 103 
E01 H1B  H  N N 104 
E01 H1A  H  N N 105 
GLY N    N  N N 106 
GLY CA   C  N N 107 
GLY C    C  N N 108 
GLY O    O  N N 109 
GLY OXT  O  N N 110 
GLY H    H  N N 111 
GLY H2   H  N N 112 
GLY HA2  H  N N 113 
GLY HA3  H  N N 114 
GLY HXT  H  N N 115 
HIS N    N  N N 116 
HIS CA   C  N S 117 
HIS C    C  N N 118 
HIS O    O  N N 119 
HIS CB   C  N N 120 
HIS CG   C  Y N 121 
HIS ND1  N  Y N 122 
HIS CD2  C  Y N 123 
HIS CE1  C  Y N 124 
HIS NE2  N  Y N 125 
HIS OXT  O  N N 126 
HIS H    H  N N 127 
HIS H2   H  N N 128 
HIS HA   H  N N 129 
HIS HB2  H  N N 130 
HIS HB3  H  N N 131 
HIS HD1  H  N N 132 
HIS HD2  H  N N 133 
HIS HE1  H  N N 134 
HIS HE2  H  N N 135 
HIS HXT  H  N N 136 
HOH O    O  N N 137 
HOH H1   H  N N 138 
HOH H2   H  N N 139 
ILE N    N  N N 140 
ILE CA   C  N S 141 
ILE C    C  N N 142 
ILE O    O  N N 143 
ILE CB   C  N S 144 
ILE CG1  C  N N 145 
ILE CG2  C  N N 146 
ILE CD1  C  N N 147 
ILE OXT  O  N N 148 
ILE H    H  N N 149 
ILE H2   H  N N 150 
ILE HA   H  N N 151 
ILE HB   H  N N 152 
ILE HG12 H  N N 153 
ILE HG13 H  N N 154 
ILE HG21 H  N N 155 
ILE HG22 H  N N 156 
ILE HG23 H  N N 157 
ILE HD11 H  N N 158 
ILE HD12 H  N N 159 
ILE HD13 H  N N 160 
ILE HXT  H  N N 161 
LEU N    N  N N 162 
LEU CA   C  N S 163 
LEU C    C  N N 164 
LEU O    O  N N 165 
LEU CB   C  N N 166 
LEU CG   C  N N 167 
LEU CD1  C  N N 168 
LEU CD2  C  N N 169 
LEU OXT  O  N N 170 
LEU H    H  N N 171 
LEU H2   H  N N 172 
LEU HA   H  N N 173 
LEU HB2  H  N N 174 
LEU HB3  H  N N 175 
LEU HG   H  N N 176 
LEU HD11 H  N N 177 
LEU HD12 H  N N 178 
LEU HD13 H  N N 179 
LEU HD21 H  N N 180 
LEU HD22 H  N N 181 
LEU HD23 H  N N 182 
LEU HXT  H  N N 183 
NH2 N    N  N N 184 
NH2 HN1  H  N N 185 
NH2 HN2  H  N N 186 
OLC C18  C  N N 187 
OLC C10  C  N N 188 
OLC C9   C  N N 189 
OLC C17  C  N N 190 
OLC C11  C  N N 191 
OLC C8   C  N N 192 
OLC C24  C  N N 193 
OLC C16  C  N N 194 
OLC C12  C  N N 195 
OLC C7   C  N N 196 
OLC C15  C  N N 197 
OLC C13  C  N N 198 
OLC C6   C  N N 199 
OLC C14  C  N N 200 
OLC C5   C  N N 201 
OLC C4   C  N N 202 
OLC C3   C  N N 203 
OLC C2   C  N N 204 
OLC C21  C  N N 205 
OLC C1   C  N N 206 
OLC C22  C  N R 207 
OLC O19  O  N N 208 
OLC O25  O  N N 209 
OLC O23  O  N N 210 
OLC O20  O  N N 211 
OLC H18  H  N N 212 
OLC H18A H  N N 213 
OLC H18B H  N N 214 
OLC H10  H  N N 215 
OLC H9   H  N N 216 
OLC H17  H  N N 217 
OLC H17A H  N N 218 
OLC H11  H  N N 219 
OLC H11A H  N N 220 
OLC H8   H  N N 221 
OLC H8A  H  N N 222 
OLC H24  H  N N 223 
OLC H24A H  N N 224 
OLC H16  H  N N 225 
OLC H16A H  N N 226 
OLC H12  H  N N 227 
OLC H12A H  N N 228 
OLC H7   H  N N 229 
OLC H7A  H  N N 230 
OLC H15  H  N N 231 
OLC H15A H  N N 232 
OLC H13  H  N N 233 
OLC H13A H  N N 234 
OLC H6   H  N N 235 
OLC H6A  H  N N 236 
OLC H14  H  N N 237 
OLC H14A H  N N 238 
OLC H5   H  N N 239 
OLC H5A  H  N N 240 
OLC H4   H  N N 241 
OLC H4A  H  N N 242 
OLC H3   H  N N 243 
OLC H3A  H  N N 244 
OLC H2   H  N N 245 
OLC H2A  H  N N 246 
OLC H21  H  N N 247 
OLC H21A H  N N 248 
OLC H22  H  N N 249 
OLC HO25 H  N N 250 
OLC HO23 H  N N 251 
PRO N    N  N N 252 
PRO CA   C  N S 253 
PRO C    C  N N 254 
PRO O    O  N N 255 
PRO CB   C  N N 256 
PRO CG   C  N N 257 
PRO CD   C  N N 258 
PRO OXT  O  N N 259 
PRO H    H  N N 260 
PRO HA   H  N N 261 
PRO HB2  H  N N 262 
PRO HB3  H  N N 263 
PRO HG2  H  N N 264 
PRO HG3  H  N N 265 
PRO HD2  H  N N 266 
PRO HD3  H  N N 267 
PRO HXT  H  N N 268 
SER N    N  N N 269 
SER CA   C  N S 270 
SER C    C  N N 271 
SER O    O  N N 272 
SER CB   C  N N 273 
SER OG   O  N N 274 
SER OXT  O  N N 275 
SER H    H  N N 276 
SER H2   H  N N 277 
SER HA   H  N N 278 
SER HB2  H  N N 279 
SER HB3  H  N N 280 
SER HG   H  N N 281 
SER HXT  H  N N 282 
TRP N    N  N N 283 
TRP CA   C  N S 284 
TRP C    C  N N 285 
TRP O    O  N N 286 
TRP CB   C  N N 287 
TRP CG   C  Y N 288 
TRP CD1  C  Y N 289 
TRP CD2  C  Y N 290 
TRP NE1  N  Y N 291 
TRP CE2  C  Y N 292 
TRP CE3  C  Y N 293 
TRP CZ2  C  Y N 294 
TRP CZ3  C  Y N 295 
TRP CH2  C  Y N 296 
TRP OXT  O  N N 297 
TRP H    H  N N 298 
TRP H2   H  N N 299 
TRP HA   H  N N 300 
TRP HB2  H  N N 301 
TRP HB3  H  N N 302 
TRP HD1  H  N N 303 
TRP HE1  H  N N 304 
TRP HE3  H  N N 305 
TRP HZ2  H  N N 306 
TRP HZ3  H  N N 307 
TRP HH2  H  N N 308 
TRP HXT  H  N N 309 
VAL N    N  N N 310 
VAL CA   C  N S 311 
VAL C    C  N N 312 
VAL O    O  N N 313 
VAL CB   C  N N 314 
VAL CG1  C  N N 315 
VAL CG2  C  N N 316 
VAL OXT  O  N N 317 
VAL H    H  N N 318 
VAL H2   H  N N 319 
VAL HA   H  N N 320 
VAL HB   H  N N 321 
VAL HG11 H  N N 322 
VAL HG12 H  N N 323 
VAL HG13 H  N N 324 
VAL HG21 H  N N 325 
VAL HG22 H  N N 326 
VAL HG23 H  N N 327 
VAL HXT  H  N N 328 
# 
loop_
_chem_comp_bond.comp_id 
_chem_comp_bond.atom_id_1 
_chem_comp_bond.atom_id_2 
_chem_comp_bond.value_order 
_chem_comp_bond.pdbx_aromatic_flag 
_chem_comp_bond.pdbx_stereo_config 
_chem_comp_bond.pdbx_ordinal 
ACE C   O    doub N N 1   
ACE C   CH3  sing N N 2   
ACE C   H    sing N N 3   
ACE CH3 H1   sing N N 4   
ACE CH3 H2   sing N N 5   
ACE CH3 H3   sing N N 6   
ALA N   CA   sing N N 7   
ALA N   H    sing N N 8   
ALA N   H2   sing N N 9   
ALA CA  C    sing N N 10  
ALA CA  CB   sing N N 11  
ALA CA  HA   sing N N 12  
ALA C   O    doub N N 13  
ALA C   OXT  sing N N 14  
ALA CB  HB1  sing N N 15  
ALA CB  HB2  sing N N 16  
ALA CB  HB3  sing N N 17  
ALA OXT HXT  sing N N 18  
ARG N   CA   sing N N 19  
ARG N   H    sing N N 20  
ARG N   H2   sing N N 21  
ARG CA  C    sing N N 22  
ARG CA  CB   sing N N 23  
ARG CA  HA   sing N N 24  
ARG C   O    doub N N 25  
ARG C   OXT  sing N N 26  
ARG CB  CG   sing N N 27  
ARG CB  HB2  sing N N 28  
ARG CB  HB3  sing N N 29  
ARG CG  CD   sing N N 30  
ARG CG  HG2  sing N N 31  
ARG CG  HG3  sing N N 32  
ARG CD  NE   sing N N 33  
ARG CD  HD2  sing N N 34  
ARG CD  HD3  sing N N 35  
ARG NE  CZ   sing N N 36  
ARG NE  HE   sing N N 37  
ARG CZ  NH1  sing N N 38  
ARG CZ  NH2  doub N N 39  
ARG NH1 HH11 sing N N 40  
ARG NH1 HH12 sing N N 41  
ARG NH2 HH21 sing N N 42  
ARG NH2 HH22 sing N N 43  
ARG OXT HXT  sing N N 44  
ASP N   CA   sing N N 45  
ASP N   H    sing N N 46  
ASP N   H2   sing N N 47  
ASP CA  C    sing N N 48  
ASP CA  CB   sing N N 49  
ASP CA  HA   sing N N 50  
ASP C   O    doub N N 51  
ASP C   OXT  sing N N 52  
ASP CB  CG   sing N N 53  
ASP CB  HB2  sing N N 54  
ASP CB  HB3  sing N N 55  
ASP CG  OD1  doub N N 56  
ASP CG  OD2  sing N N 57  
ASP OD2 HD2  sing N N 58  
ASP OXT HXT  sing N N 59  
E01 C15 C11  sing N N 60  
E01 C15 C12  sing N N 61  
E01 C11 C10  sing N N 62  
E01 C11 C4   sing N N 63  
E01 C10 C9   sing N N 64  
E01 C6  C5   sing N N 65  
E01 C6  C1   sing N N 66  
E01 N1  C1   sing N N 67  
E01 C12 C13  sing N N 68  
E01 C12 C14  sing N N 69  
E01 C4  C5   sing N N 70  
E01 C4  C3   sing N N 71  
E01 C4  C7   sing N N 72  
E01 C13 C9   sing N N 73  
E01 C3  C2   sing N N 74  
E01 C9  C8   sing N N 75  
E01 C1  C2   sing N N 76  
E01 C14 C7   sing N N 77  
E01 C7  C8   sing N N 78  
E01 C1  H1   sing N N 79  
E01 C2  H2B  sing N N 80  
E01 C2  H2A  sing N N 81  
E01 C3  H3B  sing N N 82  
E01 C3  H3A  sing N N 83  
E01 C5  H5B  sing N N 84  
E01 C5  H5A  sing N N 85  
E01 C6  H6B  sing N N 86  
E01 C6  H6A  sing N N 87  
E01 C14 H14A sing N N 88  
E01 C14 H14B sing N N 89  
E01 C15 H15A sing N N 90  
E01 C15 H15B sing N N 91  
E01 C12 H12  sing N N 92  
E01 C11 H11  sing N N 93  
E01 C10 H10B sing N N 94  
E01 C10 H10A sing N N 95  
E01 C7  H7   sing N N 96  
E01 C8  H8A  sing N N 97  
E01 C8  H8B  sing N N 98  
E01 C9  H9   sing N N 99  
E01 C13 H13A sing N N 100 
E01 C13 H13B sing N N 101 
E01 N1  H1B  sing N N 102 
E01 N1  H1A  sing N N 103 
GLY N   CA   sing N N 104 
GLY N   H    sing N N 105 
GLY N   H2   sing N N 106 
GLY CA  C    sing N N 107 
GLY CA  HA2  sing N N 108 
GLY CA  HA3  sing N N 109 
GLY C   O    doub N N 110 
GLY C   OXT  sing N N 111 
GLY OXT HXT  sing N N 112 
HIS N   CA   sing N N 113 
HIS N   H    sing N N 114 
HIS N   H2   sing N N 115 
HIS CA  C    sing N N 116 
HIS CA  CB   sing N N 117 
HIS CA  HA   sing N N 118 
HIS C   O    doub N N 119 
HIS C   OXT  sing N N 120 
HIS CB  CG   sing N N 121 
HIS CB  HB2  sing N N 122 
HIS CB  HB3  sing N N 123 
HIS CG  ND1  sing Y N 124 
HIS CG  CD2  doub Y N 125 
HIS ND1 CE1  doub Y N 126 
HIS ND1 HD1  sing N N 127 
HIS CD2 NE2  sing Y N 128 
HIS CD2 HD2  sing N N 129 
HIS CE1 NE2  sing Y N 130 
HIS CE1 HE1  sing N N 131 
HIS NE2 HE2  sing N N 132 
HIS OXT HXT  sing N N 133 
HOH O   H1   sing N N 134 
HOH O   H2   sing N N 135 
ILE N   CA   sing N N 136 
ILE N   H    sing N N 137 
ILE N   H2   sing N N 138 
ILE CA  C    sing N N 139 
ILE CA  CB   sing N N 140 
ILE CA  HA   sing N N 141 
ILE C   O    doub N N 142 
ILE C   OXT  sing N N 143 
ILE CB  CG1  sing N N 144 
ILE CB  CG2  sing N N 145 
ILE CB  HB   sing N N 146 
ILE CG1 CD1  sing N N 147 
ILE CG1 HG12 sing N N 148 
ILE CG1 HG13 sing N N 149 
ILE CG2 HG21 sing N N 150 
ILE CG2 HG22 sing N N 151 
ILE CG2 HG23 sing N N 152 
ILE CD1 HD11 sing N N 153 
ILE CD1 HD12 sing N N 154 
ILE CD1 HD13 sing N N 155 
ILE OXT HXT  sing N N 156 
LEU N   CA   sing N N 157 
LEU N   H    sing N N 158 
LEU N   H2   sing N N 159 
LEU CA  C    sing N N 160 
LEU CA  CB   sing N N 161 
LEU CA  HA   sing N N 162 
LEU C   O    doub N N 163 
LEU C   OXT  sing N N 164 
LEU CB  CG   sing N N 165 
LEU CB  HB2  sing N N 166 
LEU CB  HB3  sing N N 167 
LEU CG  CD1  sing N N 168 
LEU CG  CD2  sing N N 169 
LEU CG  HG   sing N N 170 
LEU CD1 HD11 sing N N 171 
LEU CD1 HD12 sing N N 172 
LEU CD1 HD13 sing N N 173 
LEU CD2 HD21 sing N N 174 
LEU CD2 HD22 sing N N 175 
LEU CD2 HD23 sing N N 176 
LEU OXT HXT  sing N N 177 
NH2 N   HN1  sing N N 178 
NH2 N   HN2  sing N N 179 
OLC C18 C17  sing N N 180 
OLC C10 C9   doub N N 181 
OLC C10 C11  sing N N 182 
OLC C9  C8   sing N N 183 
OLC C17 C16  sing N Z 184 
OLC C11 C12  sing N N 185 
OLC C8  C7   sing N N 186 
OLC C24 C22  sing N N 187 
OLC C24 O25  sing N N 188 
OLC C16 C15  sing N N 189 
OLC C12 C13  sing N N 190 
OLC C7  C6   sing N N 191 
OLC C15 C14  sing N N 192 
OLC C13 C14  sing N N 193 
OLC C6  C5   sing N N 194 
OLC C5  C4   sing N N 195 
OLC C4  C3   sing N N 196 
OLC C3  C2   sing N N 197 
OLC C2  C1   sing N N 198 
OLC C21 C22  sing N N 199 
OLC C21 O20  sing N N 200 
OLC C1  O19  doub N N 201 
OLC C1  O20  sing N N 202 
OLC C22 O23  sing N N 203 
OLC C18 H18  sing N N 204 
OLC C18 H18A sing N N 205 
OLC C18 H18B sing N N 206 
OLC C10 H10  sing N N 207 
OLC C9  H9   sing N N 208 
OLC C17 H17  sing N N 209 
OLC C17 H17A sing N N 210 
OLC C11 H11  sing N N 211 
OLC C11 H11A sing N N 212 
OLC C8  H8   sing N N 213 
OLC C8  H8A  sing N N 214 
OLC C24 H24  sing N N 215 
OLC C24 H24A sing N N 216 
OLC C16 H16  sing N N 217 
OLC C16 H16A sing N N 218 
OLC C12 H12  sing N N 219 
OLC C12 H12A sing N N 220 
OLC C7  H7   sing N N 221 
OLC C7  H7A  sing N N 222 
OLC C15 H15  sing N N 223 
OLC C15 H15A sing N N 224 
OLC C13 H13  sing N N 225 
OLC C13 H13A sing N N 226 
OLC C6  H6   sing N N 227 
OLC C6  H6A  sing N N 228 
OLC C14 H14  sing N N 229 
OLC C14 H14A sing N N 230 
OLC C5  H5   sing N N 231 
OLC C5  H5A  sing N N 232 
OLC C4  H4   sing N N 233 
OLC C4  H4A  sing N N 234 
OLC C3  H3   sing N N 235 
OLC C3  H3A  sing N N 236 
OLC C2  H2   sing N N 237 
OLC C2  H2A  sing N N 238 
OLC C21 H21  sing N N 239 
OLC C21 H21A sing N N 240 
OLC C22 H22  sing N N 241 
OLC O25 HO25 sing N N 242 
OLC O23 HO23 sing N N 243 
PRO N   CA   sing N N 244 
PRO N   CD   sing N N 245 
PRO N   H    sing N N 246 
PRO CA  C    sing N N 247 
PRO CA  CB   sing N N 248 
PRO CA  HA   sing N N 249 
PRO C   O    doub N N 250 
PRO C   OXT  sing N N 251 
PRO CB  CG   sing N N 252 
PRO CB  HB2  sing N N 253 
PRO CB  HB3  sing N N 254 
PRO CG  CD   sing N N 255 
PRO CG  HG2  sing N N 256 
PRO CG  HG3  sing N N 257 
PRO CD  HD2  sing N N 258 
PRO CD  HD3  sing N N 259 
PRO OXT HXT  sing N N 260 
SER N   CA   sing N N 261 
SER N   H    sing N N 262 
SER N   H2   sing N N 263 
SER CA  C    sing N N 264 
SER CA  CB   sing N N 265 
SER CA  HA   sing N N 266 
SER C   O    doub N N 267 
SER C   OXT  sing N N 268 
SER CB  OG   sing N N 269 
SER CB  HB2  sing N N 270 
SER CB  HB3  sing N N 271 
SER OG  HG   sing N N 272 
SER OXT HXT  sing N N 273 
TRP N   CA   sing N N 274 
TRP N   H    sing N N 275 
TRP N   H2   sing N N 276 
TRP CA  C    sing N N 277 
TRP CA  CB   sing N N 278 
TRP CA  HA   sing N N 279 
TRP C   O    doub N N 280 
TRP C   OXT  sing N N 281 
TRP CB  CG   sing N N 282 
TRP CB  HB2  sing N N 283 
TRP CB  HB3  sing N N 284 
TRP CG  CD1  doub Y N 285 
TRP CG  CD2  sing Y N 286 
TRP CD1 NE1  sing Y N 287 
TRP CD1 HD1  sing N N 288 
TRP CD2 CE2  doub Y N 289 
TRP CD2 CE3  sing Y N 290 
TRP NE1 CE2  sing Y N 291 
TRP NE1 HE1  sing N N 292 
TRP CE2 CZ2  sing Y N 293 
TRP CE3 CZ3  doub Y N 294 
TRP CE3 HE3  sing N N 295 
TRP CZ2 CH2  doub Y N 296 
TRP CZ2 HZ2  sing N N 297 
TRP CZ3 CH2  sing Y N 298 
TRP CZ3 HZ3  sing N N 299 
TRP CH2 HH2  sing N N 300 
TRP OXT HXT  sing N N 301 
VAL N   CA   sing N N 302 
VAL N   H    sing N N 303 
VAL N   H2   sing N N 304 
VAL CA  C    sing N N 305 
VAL CA  CB   sing N N 306 
VAL CA  HA   sing N N 307 
VAL C   O    doub N N 308 
VAL C   OXT  sing N N 309 
VAL CB  CG1  sing N N 310 
VAL CB  CG2  sing N N 311 
VAL CB  HB   sing N N 312 
VAL CG1 HG11 sing N N 313 
VAL CG1 HG12 sing N N 314 
VAL CG1 HG13 sing N N 315 
VAL CG2 HG21 sing N N 316 
VAL CG2 HG22 sing N N 317 
VAL CG2 HG23 sing N N 318 
VAL OXT HXT  sing N N 319 
# 
_pdbx_audit_support.funding_organization   'National Institutes of Health/National Human Genome Research Institute (NIH/NHGRI)' 
_pdbx_audit_support.country                'United States' 
_pdbx_audit_support.grant_number           R01-GM056423 
_pdbx_audit_support.ordinal                1 
# 
_pdbx_initial_refinement_model.id               1 
_pdbx_initial_refinement_model.entity_id_list   ? 
_pdbx_initial_refinement_model.type             'experimental model' 
_pdbx_initial_refinement_model.source_name      PDB 
_pdbx_initial_refinement_model.accession_code   6BKK 
_pdbx_initial_refinement_model.details          ? 
# 
_atom_sites.entry_id                    6NV1 
_atom_sites.fract_transf_matrix[1][1]   0.00136696 
_atom_sites.fract_transf_matrix[1][2]   0.01208473 
_atom_sites.fract_transf_matrix[1][3]   0.01597551 
_atom_sites.fract_transf_matrix[2][1]   -0.01263384 
_atom_sites.fract_transf_matrix[2][2]   -0.01184645 
_atom_sites.fract_transf_matrix[2][3]   0.01004232 
_atom_sites.fract_transf_matrix[3][1]   0.01029908 
_atom_sites.fract_transf_matrix[3][2]   -0.00714739 
_atom_sites.fract_transf_matrix[3][3]   0.00452541 
_atom_sites.fract_transf_vector[1]      -0.223582 
_atom_sites.fract_transf_vector[2]      0.063016 
_atom_sites.fract_transf_vector[3]      0.249883 
# 
loop_
_atom_type.symbol 
C  
CL 
N  
O  
# 
loop_
_atom_site.group_PDB 
_atom_site.id 
_atom_site.type_symbol 
_atom_site.label_atom_id 
_atom_site.label_alt_id 
_atom_site.label_comp_id 
_atom_site.label_asym_id 
_atom_site.label_entity_id 
_atom_site.label_seq_id 
_atom_site.pdbx_PDB_ins_code 
_atom_site.Cartn_x 
_atom_site.Cartn_y 
_atom_site.Cartn_z 
_atom_site.occupancy 
_atom_site.B_iso_or_equiv 
_atom_site.pdbx_formal_charge 
_atom_site.auth_seq_id 
_atom_site.auth_comp_id 
_atom_site.auth_asym_id 
_atom_site.auth_atom_id 
_atom_site.pdbx_PDB_model_num 
ATOM   1    N  N   . ASP A  1 4  ? -7.688  22.702  6.690   1.00 58.97 ?  24  ASP A N   1 
ATOM   2    C  CA  . ASP A  1 4  ? -7.571  22.539  8.131   1.00 46.62 ?  24  ASP A CA  1 
ATOM   3    C  C   . ASP A  1 4  ? -6.125  22.259  8.490   1.00 47.02 ?  24  ASP A C   1 
ATOM   4    O  O   . ASP A  1 4  ? -5.591  21.210  8.133   1.00 49.49 ?  24  ASP A O   1 
ATOM   5    C  CB  . ASP A  1 4  ? -8.483  21.430  8.629   1.00 44.79 ?  24  ASP A CB  1 
ATOM   6    C  CG  . ASP A  1 4  ? -8.510  21.323  10.142  1.00 54.39 ?  24  ASP A CG  1 
ATOM   7    O  OD1 . ASP A  1 4  ? -7.777  22.059  10.842  1.00 51.70 ?  24  ASP A OD1 1 
ATOM   8    O  OD2 . ASP A  1 4  ? -9.298  20.498  10.658  1.00 71.31 -1 24  ASP A OD2 1 
ATOM   9    N  N   . PRO A  1 5  ? -5.508  23.191  9.234   1.00 51.50 ?  25  PRO A N   1 
ATOM   10   C  CA  . PRO A  1 5  ? -4.083  23.036  9.567   1.00 47.40 ?  25  PRO A CA  1 
ATOM   11   C  C   . PRO A  1 5  ? -3.767  21.754  10.312  1.00 45.61 ?  25  PRO A C   1 
ATOM   12   O  O   . PRO A  1 5  ? -2.674  21.203  10.125  1.00 44.82 ?  25  PRO A O   1 
ATOM   13   C  CB  . PRO A  1 5  ? -3.783  24.284  10.415  1.00 44.74 ?  25  PRO A CB  1 
ATOM   14   C  CG  . PRO A  1 5  ? -5.104  24.758  10.893  1.00 44.64 ?  25  PRO A CG  1 
ATOM   15   C  CD  . PRO A  1 5  ? -6.072  24.425  9.812   1.00 44.44 ?  25  PRO A CD  1 
ATOM   16   N  N   . LEU A  1 6  ? -4.665  21.278  11.179  1.00 41.62 ?  26  LEU A N   1 
ATOM   17   C  CA  . LEU A  1 6  ? -4.398  20.023  11.868  1.00 38.89 ?  26  LEU A CA  1 
ATOM   18   C  C   . LEU A  1 6  ? -4.373  18.867  10.875  1.00 37.40 ?  26  LEU A C   1 
ATOM   19   O  O   . LEU A  1 6  ? -3.475  18.021  10.911  1.00 36.08 ?  26  LEU A O   1 
ATOM   20   C  CB  . LEU A  1 6  ? -5.440  19.786  12.957  1.00 40.11 ?  26  LEU A CB  1 
ATOM   21   C  CG  . LEU A  1 6  ? -5.336  18.491  13.783  1.00 38.86 ?  26  LEU A CG  1 
ATOM   22   C  CD1 . LEU A  1 6  ? -4.044  18.413  14.587  1.00 36.81 ?  26  LEU A CD1 1 
ATOM   23   C  CD2 . LEU A  1 6  ? -6.525  18.351  14.699  1.00 45.61 ?  26  LEU A CD2 1 
ATOM   24   N  N   . ALA A  1 7  ? -5.356  18.822  9.970   1.00 36.30 ?  27  ALA A N   1 
ATOM   25   C  CA  . ALA A  1 7  ? -5.379  17.760  8.969   1.00 41.17 ?  27  ALA A CA  1 
ATOM   26   C  C   . ALA A  1 7  ? -4.184  17.870  8.039   1.00 39.65 ?  27  ALA A C   1 
ATOM   27   O  O   . ALA A  1 7  ? -3.604  16.853  7.640   1.00 39.85 ?  27  ALA A O   1 
ATOM   28   C  CB  . ALA A  1 7  ? -6.680  17.791  8.164   1.00 38.97 ?  27  ALA A CB  1 
ATOM   29   N  N   . VAL A  1 8  ? -3.820  19.097  7.671   1.00 36.92 ?  28  VAL A N   1 
ATOM   30   C  CA  . VAL A  1 8  ? -2.680  19.314  6.788   1.00 38.25 ?  28  VAL A CA  1 
ATOM   31   C  C   . VAL A  1 8  ? -1.397  18.808  7.437   1.00 37.28 ?  28  VAL A C   1 
ATOM   32   O  O   . VAL A  1 8  ? -0.628  18.048  6.827   1.00 35.96 ?  28  VAL A O   1 
ATOM   33   C  CB  . VAL A  1 8  ? -2.587  20.809  6.427   1.00 43.71 ?  28  VAL A CB  1 
ATOM   34   C  CG1 . VAL A  1 8  ? -1.275  21.119  5.697   1.00 40.65 ?  28  VAL A CG1 1 
ATOM   35   C  CG2 . VAL A  1 8  ? -3.779  21.191  5.560   1.00 45.07 ?  28  VAL A CG2 1 
ATOM   36   N  N   . ALA A  1 9  ? -1.154  19.220  8.683   1.00 39.11 ?  29  ALA A N   1 
ATOM   37   C  CA  . ALA A  1 9  ? 0.018   18.766  9.424   1.00 36.83 ?  29  ALA A CA  1 
ATOM   38   C  C   . ALA A  1 9  ? 0.012   17.252  9.604   1.00 36.00 ?  29  ALA A C   1 
ATOM   39   O  O   . ALA A  1 9  ? 1.068   16.613  9.548   1.00 32.84 ?  29  ALA A O   1 
ATOM   40   C  CB  . ALA A  1 9  ? 0.077   19.461  10.781  1.00 41.91 ?  29  ALA A CB  1 
ATOM   41   N  N   . ALA A  1 10 ? -1.162  16.660  9.848   1.00 32.47 ?  30  ALA A N   1 
ATOM   42   C  CA  . ALA A  1 10 ? -1.227  15.215  10.022  1.00 34.65 ?  30  ALA A CA  1 
ATOM   43   C  C   . ALA A  1 10 ? -0.934  14.486  8.712   1.00 37.60 ?  30  ALA A C   1 
ATOM   44   O  O   . ALA A  1 10 ? -0.271  13.446  8.707   1.00 31.48 ?  30  ALA A O   1 
ATOM   45   C  CB  . ALA A  1 10 ? -2.593  14.824  10.567  1.00 32.94 ?  30  ALA A CB  1 
ATOM   46   N  N   . SER A  1 11 ? -1.392  15.036  7.589   1.00 38.40 ?  31  SER A N   1 
ATOM   47   C  CA  . SER A  1 11 ? -1.113  14.439  6.287   1.00 36.66 ?  31  SER A CA  1 
ATOM   48   C  C   . SER A  1 11 ? 0.384   14.496  5.959   1.00 35.76 ?  31  SER A C   1 
ATOM   49   O  O   . SER A  1 11 ? 1.003   13.474  5.598   1.00 33.04 ?  31  SER A O   1 
ATOM   50   C  CB  . SER A  1 11 ? -1.950  15.158  5.230   1.00 40.24 ?  31  SER A CB  1 
ATOM   51   O  OG  . SER A  1 11 ? -3.334  15.149  5.582   1.00 35.92 ?  31  SER A OG  1 
ATOM   52   N  N   . ILE A  1 12 ? 0.990   15.680  6.120   1.00 33.58 ?  32  ILE A N   1 
ATOM   53   C  CA  . ILE A  1 12 ? 2.432   15.808  5.920   1.00 35.23 ?  32  ILE A CA  1 
ATOM   54   C  C   . ILE A  1 12 ? 3.187   14.848  6.824   1.00 31.74 ?  32  ILE A C   1 
ATOM   55   O  O   . ILE A  1 12 ? 4.052   14.087  6.367   1.00 35.87 ?  32  ILE A O   1 
ATOM   56   C  CB  . ILE A  1 12 ? 2.885   17.264  6.183   1.00 36.64 ?  32  ILE A CB  1 
ATOM   57   C  CG1 . ILE A  1 12 ? 2.324   18.236  5.136   1.00 33.01 ?  32  ILE A CG1 1 
ATOM   58   C  CG2 . ILE A  1 12 ? 4.395   17.353  6.391   1.00 32.68 ?  32  ILE A CG2 1 
ATOM   59   C  CD1 . ILE A  1 12 ? 2.599   19.667  5.468   1.00 34.58 ?  32  ILE A CD1 1 
ATOM   60   N  N   . ILE A  1 13 ? 2.814   14.810  8.097   1.00 32.00 ?  33  ILE A N   1 
ATOM   61   C  CA  . ILE A  1 13 ? 3.505   13.988  9.083   1.00 36.33 ?  33  ILE A CA  1 
ATOM   62   C  C   . ILE A  1 13 ? 3.333   12.500  8.788   1.00 32.71 ?  33  ILE A C   1 
ATOM   63   O  O   . ILE A  1 13 ? 4.240   11.708  9.045   1.00 32.57 ?  33  ILE A O   1 
ATOM   64   C  CB  . ILE A  1 13 ? 3.021   14.358  10.507  1.00 35.49 ?  33  ILE A CB  1 
ATOM   65   C  CG1 . ILE A  1 13 ? 3.666   15.659  10.997  1.00 35.44 ?  33  ILE A CG1 1 
ATOM   66   C  CG2 . ILE A  1 13 ? 3.211   13.223  11.510  1.00 33.29 ?  33  ILE A CG2 1 
ATOM   67   C  CD1 . ILE A  1 13 ? 3.173   16.063  12.362  1.00 37.45 ?  33  ILE A CD1 1 
ATOM   68   N  N   . GLY A  1 14 ? 2.174   12.089  8.266   1.00 32.36 ?  34  GLY A N   1 
ATOM   69   C  CA  . GLY A  1 14 ? 1.989   10.680  7.938   1.00 34.41 ?  34  GLY A CA  1 
ATOM   70   C  C   . GLY A  1 14 ? 2.865   10.242  6.784   1.00 35.95 ?  34  GLY A C   1 
ATOM   71   O  O   . GLY A  1 14 ? 3.472   9.158   6.820   1.00 36.33 ?  34  GLY A O   1 
ATOM   72   N  N   . ILE A  1 15 ? 2.974   11.097  5.759   1.00 33.36 ?  35  ILE A N   1 
ATOM   73   C  CA  . ILE A  1 15 ? 3.903   10.853  4.654   1.00 34.14 ?  35  ILE A CA  1 
ATOM   74   C  C   . ILE A  1 15 ? 5.334   10.737  5.175   1.00 36.18 ?  35  ILE A C   1 
ATOM   75   O  O   . ILE A  1 15 ? 6.087   9.809   4.824   1.00 33.55 ?  35  ILE A O   1 
ATOM   76   C  CB  . ILE A  1 15 ? 3.780   11.987  3.621   1.00 39.23 ?  35  ILE A CB  1 
ATOM   77   C  CG1 . ILE A  1 15 ? 2.363   11.994  3.035   1.00 34.94 ?  35  ILE A CG1 1 
ATOM   78   C  CG2 . ILE A  1 15 ? 4.894   11.907  2.590   1.00 37.16 ?  35  ILE A CG2 1 
ATOM   79   C  CD1 . ILE A  1 15 ? 2.054   13.177  2.203   1.00 30.82 ?  35  ILE A CD1 1 
ATOM   80   N  N   . LEU A  1 16 ? 5.724   11.696  6.027   1.00 36.70 ?  36  LEU A N   1 
ATOM   81   C  CA  . LEU A  1 16 ? 7.057   11.682  6.626   1.00 36.45 ?  36  LEU A CA  1 
ATOM   82   C  C   . LEU A  1 16 ? 7.307   10.433  7.464   1.00 39.00 ?  36  LEU A C   1 
ATOM   83   O  O   . LEU A  1 16 ? 8.413   9.875   7.432   1.00 40.08 ?  36  LEU A O   1 
ATOM   84   C  CB  . LEU A  1 16 ? 7.242   12.921  7.488   1.00 37.16 ?  36  LEU A CB  1 
ATOM   85   C  CG  . LEU A  1 16 ? 8.554   12.930  8.243   1.00 37.85 ?  36  LEU A CG  1 
ATOM   86   C  CD1 . LEU A  1 16 ? 9.719   13.024  7.258   1.00 38.89 ?  36  LEU A CD1 1 
ATOM   87   C  CD2 . LEU A  1 16 ? 8.529   14.098  9.202   1.00 40.67 ?  36  LEU A CD2 1 
ATOM   88   N  N   . HIS A  1 17 ? 6.290   9.972   8.210   1.00 40.14 ?  37  HIS A N   1 
ATOM   89   C  CA  . HIS A  1 17 ? 6.430   8.788   9.055   1.00 36.69 ?  37  HIS A CA  1 
ATOM   90   C  C   . HIS A  1 17 ? 6.684   7.553   8.210   1.00 34.56 ?  37  HIS A C   1 
ATOM   91   O  O   . HIS A  1 17 ? 7.545   6.733   8.542   1.00 34.79 ?  37  HIS A O   1 
ATOM   92   C  CB  . HIS A  1 17 ? 5.179   8.618   9.916   1.00 35.04 ?  37  HIS A CB  1 
ATOM   93   C  CG  . HIS A  1 17 ? 5.276   7.545   10.969  1.00 37.58 ?  37  HIS A CG  1 
ATOM   94   N  ND1 . HIS A  1 17 ? 4.212   7.224   11.792  1.00 38.12 ?  37  HIS A ND1 1 
ATOM   95   C  CD2 . HIS A  1 17 ? 6.289   6.721   11.333  1.00 35.68 ?  37  HIS A CD2 1 
ATOM   96   C  CE1 . HIS A  1 17 ? 4.566   6.250   12.611  1.00 36.79 ?  37  HIS A CE1 1 
ATOM   97   N  NE2 . HIS A  1 17 ? 5.819   5.924   12.353  1.00 37.89 ?  37  HIS A NE2 1 
ATOM   98   N  N   . LEU A  1 18 ? 5.937   7.397   7.114   1.00 34.68 ?  38  LEU A N   1 
ATOM   99   C  CA  . LEU A  1 18 ? 6.203   6.270   6.223   1.00 33.71 ?  38  LEU A CA  1 
ATOM   100  C  C   . LEU A  1 18 ? 7.618   6.339   5.647   1.00 36.65 ?  38  LEU A C   1 
ATOM   101  O  O   . LEU A  1 18 ? 8.336   5.322   5.632   1.00 30.49 ?  38  LEU A O   1 
ATOM   102  C  CB  . LEU A  1 18 ? 5.179   6.218   5.095   1.00 33.58 ?  38  LEU A CB  1 
ATOM   103  C  CG  . LEU A  1 18 ? 5.511   5.042   4.195   1.00 35.59 ?  38  LEU A CG  1 
ATOM   104  C  CD1 . LEU A  1 18 ? 5.446   3.744   4.999   1.00 32.52 ?  38  LEU A CD1 1 
ATOM   105  C  CD2 . LEU A  1 18 ? 4.608   4.997   2.979   1.00 36.20 ?  38  LEU A CD2 1 
ATOM   106  N  N   . ILE A  1 19 ? 8.045   7.541   5.196   1.00 35.87 ?  39  ILE A N   1 
ATOM   107  C  CA  . ILE A  1 19 ? 9.402   7.695   4.661   1.00 33.95 ?  39  ILE A CA  1 
ATOM   108  C  C   . ILE A  1 19 ? 10.429  7.265   5.702   1.00 33.60 ?  39  ILE A C   1 
ATOM   109  O  O   . ILE A  1 19 ? 11.320  6.440   5.432   1.00 33.65 ?  39  ILE A O   1 
ATOM   110  C  CB  . ILE A  1 19 ? 9.670   9.155   4.221   1.00 39.35 ?  39  ILE A CB  1 
ATOM   111  C  CG1 . ILE A  1 19 ? 8.819   9.575   3.018   1.00 36.72 ?  39  ILE A CG1 1 
ATOM   112  C  CG2 . ILE A  1 19 ? 11.176  9.389   3.952   1.00 33.12 ?  39  ILE A CG2 1 
ATOM   113  C  CD1 . ILE A  1 19 ? 8.994   11.045  2.602   1.00 31.37 ?  39  ILE A CD1 1 
ATOM   114  N  N   . LEU A  1 20 ? 10.301  7.807   6.918   1.00 31.30 ?  40  LEU A N   1 
ATOM   115  C  CA  . LEU A  1 20 ? 11.290  7.562   7.960   1.00 37.47 ?  40  LEU A CA  1 
ATOM   116  C  C   . LEU A  1 20 ? 11.310  6.102   8.396   1.00 36.24 ?  40  LEU A C   1 
ATOM   117  O  O   . LEU A  1 20 ? 12.382  5.544   8.659   1.00 35.41 ?  40  LEU A O   1 
ATOM   118  C  CB  . LEU A  1 20 ? 11.022  8.472   9.157   1.00 38.62 ?  40  LEU A CB  1 
ATOM   119  C  CG  . LEU A  1 20 ? 11.211  9.979   8.953   1.00 37.19 ?  40  LEU A CG  1 
ATOM   120  C  CD1 . LEU A  1 20 ? 10.843  10.790  10.226  1.00 28.27 ?  40  LEU A CD1 1 
ATOM   121  C  CD2 . LEU A  1 20 ? 12.626  10.244  8.526   1.00 40.06 ?  40  LEU A CD2 1 
ATOM   122  N  N   . TRP A  1 21 ? 10.140  5.471   8.496   1.00 34.14 ?  41  TRP A N   1 
ATOM   123  C  CA  . TRP A  1 21 ? 10.103  4.070   8.884   1.00 33.22 ?  41  TRP A CA  1 
ATOM   124  C  C   . TRP A  1 21 ? 10.702  3.165   7.809   1.00 33.48 ?  41  TRP A C   1 
ATOM   125  O  O   . TRP A  1 21 ? 11.472  2.250   8.130   1.00 30.22 ?  41  TRP A O   1 
ATOM   126  C  CB  . TRP A  1 21 ? 8.677   3.670   9.217   1.00 30.46 ?  41  TRP A CB  1 
ATOM   127  C  CG  . TRP A  1 21 ? 8.547   2.187   9.355   1.00 34.08 ?  41  TRP A CG  1 
ATOM   128  C  CD1 . TRP A  1 21 ? 8.881   1.422   10.438  1.00 31.59 ?  41  TRP A CD1 1 
ATOM   129  C  CD2 . TRP A  1 21 ? 8.038   1.282   8.364   1.00 29.46 ?  41  TRP A CD2 1 
ATOM   130  N  NE1 . TRP A  1 21 ? 8.623   0.096   10.173  1.00 39.30 ?  41  TRP A NE1 1 
ATOM   131  C  CE2 . TRP A  1 21 ? 8.108   -0.017  8.907   1.00 32.20 ?  41  TRP A CE2 1 
ATOM   132  C  CE3 . TRP A  1 21 ? 7.533   1.448   7.079   1.00 30.09 ?  41  TRP A CE3 1 
ATOM   133  C  CZ2 . TRP A  1 21 ? 7.677   -1.157  8.208   1.00 32.47 ?  41  TRP A CZ2 1 
ATOM   134  C  CZ3 . TRP A  1 21 ? 7.113   0.309   6.373   1.00 36.91 ?  41  TRP A CZ3 1 
ATOM   135  C  CH2 . TRP A  1 21 ? 7.180   -0.974  6.950   1.00 33.70 ?  41  TRP A CH2 1 
ATOM   136  N  N   . ILE A  1 22 ? 10.380  3.403   6.534   1.00 29.61 ?  42  ILE A N   1 
ATOM   137  C  CA  . ILE A  1 22 ? 10.982  2.589   5.482   1.00 36.51 ?  42  ILE A CA  1 
ATOM   138  C  C   . ILE A  1 22 ? 12.496  2.725   5.509   1.00 39.28 ?  42  ILE A C   1 
ATOM   139  O  O   . ILE A  1 22 ? 13.226  1.729   5.436   1.00 41.17 ?  42  ILE A O   1 
ATOM   140  C  CB  . ILE A  1 22 ? 10.430  2.982   4.102   1.00 37.39 ?  42  ILE A CB  1 
ATOM   141  C  CG1 . ILE A  1 22 ? 9.005   2.480   3.913   1.00 36.46 ?  42  ILE A CG1 1 
ATOM   142  C  CG2 . ILE A  1 22 ? 11.354  2.463   3.000   1.00 36.83 ?  42  ILE A CG2 1 
ATOM   143  C  CD1 . ILE A  1 22 ? 8.445   2.802   2.549   1.00 37.87 ?  42  ILE A CD1 1 
ATOM   144  N  N   . LEU A  1 23 ? 12.994  3.959   5.639   1.00 37.80 ?  43  LEU A N   1 
ATOM   145  C  CA  . LEU A  1 23 ? 14.438  4.163   5.681   1.00 42.26 ?  43  LEU A CA  1 
ATOM   146  C  C   . LEU A  1 23 ? 15.071  3.527   6.920   1.00 43.00 ?  43  LEU A C   1 
ATOM   147  O  O   . LEU A  1 23 ? 16.168  2.965   6.836   1.00 44.80 ?  43  LEU A O   1 
ATOM   148  C  CB  . LEU A  1 23 ? 14.744  5.662   5.602   1.00 48.15 ?  43  LEU A CB  1 
ATOM   149  C  CG  . LEU A  1 23 ? 14.438  6.332   4.245   1.00 41.12 ?  43  LEU A CG  1 
ATOM   150  C  CD1 . LEU A  1 23 ? 14.653  7.832   4.294   1.00 36.66 ?  43  LEU A CD1 1 
ATOM   151  C  CD2 . LEU A  1 23 ? 15.263  5.718   3.117   1.00 42.65 ?  43  LEU A CD2 1 
ATOM   152  N  N   . ASP A  1 24 ? 14.379  3.536   8.058   1.00 45.29 ?  44  ASP A N   1 
ATOM   153  C  CA  . ASP A  1 24 ? 14.930  2.909   9.255   1.00 46.78 ?  44  ASP A CA  1 
ATOM   154  C  C   . ASP A  1 24 ? 14.970  1.391   9.117   1.00 46.72 ?  44  ASP A C   1 
ATOM   155  O  O   . ASP A  1 24 ? 15.924  0.745   9.556   1.00 48.17 ?  44  ASP A O   1 
ATOM   156  C  CB  . ASP A  1 24 ? 14.098  3.298   10.479  1.00 42.74 ?  44  ASP A CB  1 
ATOM   157  C  CG  . ASP A  1 24 ? 14.543  2.581   11.738  1.00 51.43 ?  44  ASP A CG  1 
ATOM   158  O  OD1 . ASP A  1 24 ? 15.680  2.833   12.214  1.00 58.05 ?  44  ASP A OD1 1 
ATOM   159  O  OD2 . ASP A  1 24 ? 13.773  1.733   12.233  1.00 54.75 -1 44  ASP A OD2 1 
ATOM   160  N  N   . ARG A  1 25 ? 13.948  0.799   8.517   1.00 37.84 ?  45  ARG A N   1 
ATOM   161  C  CA  . ARG A  1 25 ? 13.985  -0.645  8.359   1.00 45.12 ?  45  ARG A CA  1 
ATOM   162  C  C   . ARG A  1 25 ? 15.030  -1.053  7.326   1.00 48.92 ?  45  ARG A C   1 
ATOM   163  O  O   . ARG A  1 25 ? 15.687  -2.086  7.479   1.00 53.77 ?  45  ARG A O   1 
ATOM   164  C  CB  . ARG A  1 25 ? 12.596  -1.177  8.013   1.00 42.66 ?  45  ARG A CB  1 
ATOM   165  C  CG  . ARG A  1 25 ? 11.593  -0.978  9.153   1.00 43.52 ?  45  ARG A CG  1 
ATOM   166  C  CD  . ARG A  1 25 ? 12.009  -1.730  10.419  1.00 38.51 ?  45  ARG A CD  1 
ATOM   167  N  NE  . ARG A  1 25 ? 12.030  -3.176  10.206  1.00 47.88 ?  45  ARG A NE  1 
ATOM   168  C  CZ  . ARG A  1 25 ? 13.129  -3.914  10.075  1.00 51.06 ?  45  ARG A CZ  1 
ATOM   169  N  NH1 . ARG A  1 25 ? 14.334  -3.348  10.145  1.00 51.77 1  45  ARG A NH1 1 
ATOM   170  N  NH2 . ARG A  1 25 ? 13.026  -5.225  9.876   1.00 48.00 ?  45  ARG A NH2 1 
ATOM   171  N  N   . LEU A  1 26 ? 15.200  -0.260  6.274   1.00 50.43 ?  46  LEU A N   1 
ATOM   172  C  CA  . LEU A  1 26 ? 16.227  -0.531  5.267   1.00 47.00 ?  46  LEU A CA  1 
ATOM   173  C  C   . LEU A  1 26 ? 17.645  -0.245  5.789   1.00 49.87 ?  46  LEU A C   1 
ATOM   174  O  O   . LEU A  1 26 ? 18.619  -0.872  5.353   1.00 47.38 ?  46  LEU A O   1 
ATOM   175  C  CB  . LEU A  1 26 ? 15.973  0.288   4.002   1.00 41.80 ?  46  LEU A CB  1 
ATOM   176  C  CG  . LEU A  1 26 ? 14.697  -0.118  3.268   1.00 45.80 ?  46  LEU A CG  1 
ATOM   177  C  CD1 . LEU A  1 26 ? 14.514  0.708   2.004   1.00 45.68 ?  46  LEU A CD1 1 
ATOM   178  C  CD2 . LEU A  1 26 ? 14.685  -1.613  2.991   1.00 50.83 ?  46  LEU A CD2 1 
HETATM 179  N  N   . NH2 A  1 27 ? 17.761  0.711   6.715   1.00 47.38 ?  47  NH2 A N   1 
ATOM   180  N  N   . ASP B  1 4  ? -14.961 16.919  11.529  1.00 57.46 ?  24  ASP B N   1 
ATOM   181  C  CA  . ASP B  1 4  ? -15.153 15.507  11.840  1.00 52.34 ?  24  ASP B CA  1 
ATOM   182  C  C   . ASP B  1 4  ? -14.338 15.082  13.055  1.00 51.28 ?  24  ASP B C   1 
ATOM   183  O  O   . ASP B  1 4  ? -13.112 15.164  13.052  1.00 51.93 ?  24  ASP B O   1 
ATOM   184  C  CB  . ASP B  1 4  ? -14.800 14.619  10.638  1.00 49.34 ?  24  ASP B CB  1 
ATOM   185  C  CG  . ASP B  1 4  ? -15.134 13.131  10.870  1.00 57.49 ?  24  ASP B CG  1 
ATOM   186  O  OD1 . ASP B  1 4  ? -15.576 12.753  11.982  1.00 60.23 ?  24  ASP B OD1 1 
ATOM   187  O  OD2 . ASP B  1 4  ? -14.978 12.323  9.925   1.00 55.46 -1 24  ASP B OD2 1 
ATOM   188  N  N   . PRO B  1 5  ? -15.031 14.653  14.110  1.00 49.03 ?  25  PRO B N   1 
ATOM   189  C  CA  . PRO B  1 5  ? -14.311 14.167  15.293  1.00 47.09 ?  25  PRO B CA  1 
ATOM   190  C  C   . PRO B  1 5  ? -13.409 12.989  14.990  1.00 43.98 ?  25  PRO B C   1 
ATOM   191  O  O   . PRO B  1 5  ? -12.337 12.878  15.598  1.00 42.77 ?  25  PRO B O   1 
ATOM   192  C  CB  . PRO B  1 5  ? -15.441 13.779  16.259  1.00 50.92 ?  25  PRO B CB  1 
ATOM   193  C  CG  . PRO B  1 5  ? -16.647 13.601  15.393  1.00 51.25 ?  25  PRO B CG  1 
ATOM   194  C  CD  . PRO B  1 5  ? -16.491 14.589  14.280  1.00 49.65 ?  25  PRO B CD  1 
ATOM   195  N  N   . LEU B  1 6  ? -13.812 12.102  14.067  1.00 46.32 ?  26  LEU B N   1 
ATOM   196  C  CA  . LEU B  1 6  ? -12.966 10.965  13.709  1.00 42.41 ?  26  LEU B CA  1 
ATOM   197  C  C   . LEU B  1 6  ? -11.668 11.423  13.053  1.00 40.48 ?  26  LEU B C   1 
ATOM   198  O  O   . LEU B  1 6  ? -10.581 10.949  13.411  1.00 36.06 ?  26  LEU B O   1 
ATOM   199  C  CB  . LEU B  1 6  ? -13.717 10.012  12.783  1.00 43.33 ?  26  LEU B CB  1 
ATOM   200  C  CG  . LEU B  1 6  ? -12.851 8.842   12.309  1.00 42.15 ?  26  LEU B CG  1 
ATOM   201  C  CD1 . LEU B  1 6  ? -12.371 8.003   13.482  1.00 40.95 ?  26  LEU B CD1 1 
ATOM   202  C  CD2 . LEU B  1 6  ? -13.576 7.979   11.292  1.00 43.54 ?  26  LEU B CD2 1 
ATOM   203  N  N   . ALA B  1 7  ? -11.762 12.356  12.100  1.00 41.25 ?  27  ALA B N   1 
ATOM   204  C  CA  . ALA B  1 7  ? -10.562 12.872  11.448  1.00 39.59 ?  27  ALA B CA  1 
ATOM   205  C  C   . ALA B  1 7  ? -9.660  13.597  12.439  1.00 39.15 ?  27  ALA B C   1 
ATOM   206  O  O   . ALA B  1 7  ? -8.435  13.436  12.397  1.00 34.54 ?  27  ALA B O   1 
ATOM   207  C  CB  . ALA B  1 7  ? -10.946 13.804  10.303  1.00 44.19 ?  27  ALA B CB  1 
ATOM   208  N  N   . VAL B  1 8  ? -10.246 14.393  13.344  1.00 37.25 ?  28  VAL B N   1 
ATOM   209  C  CA  . VAL B  1 8  ? -9.457  15.109  14.351  1.00 34.58 ?  28  VAL B CA  1 
ATOM   210  C  C   . VAL B  1 8  ? -8.741  14.131  15.281  1.00 37.33 ?  28  VAL B C   1 
ATOM   211  O  O   . VAL B  1 8  ? -7.539  14.290  15.569  1.00 35.16 ?  28  VAL B O   1 
ATOM   212  C  CB  . VAL B  1 8  ? -10.348 16.088  15.142  1.00 37.55 ?  28  VAL B CB  1 
ATOM   213  C  CG1 . VAL B  1 8  ? -9.598  16.637  16.342  1.00 42.61 ?  28  VAL B CG1 1 
ATOM   214  C  CG2 . VAL B  1 8  ? -10.779 17.240  14.251  1.00 39.31 ?  28  VAL B CG2 1 
ATOM   215  N  N   . ALA B  1 9  ? -9.476  13.131  15.800  1.00 33.36 ?  29  ALA B N   1 
ATOM   216  C  CA  . ALA B  1 9  ? -8.855  12.153  16.689  1.00 32.97 ?  29  ALA B CA  1 
ATOM   217  C  C   . ALA B  1 9  ? -7.737  11.401  15.977  1.00 32.96 ?  29  ALA B C   1 
ATOM   218  O  O   . ALA B  1 9  ? -6.668  11.176  16.553  1.00 32.85 ?  29  ALA B O   1 
ATOM   219  C  CB  . ALA B  1 9  ? -9.901  11.185  17.244  1.00 33.54 ?  29  ALA B CB  1 
ATOM   220  N  N   . ALA B  1 10 ? -7.948  11.036  14.709  1.00 33.47 ?  30  ALA B N   1 
ATOM   221  C  CA  . ALA B  1 10 ? -6.913  10.335  13.959  1.00 31.38 ?  30  ALA B CA  1 
ATOM   222  C  C   . ALA B  1 10 ? -5.713  11.233  13.668  1.00 33.82 ?  30  ALA B C   1 
ATOM   223  O  O   . ALA B  1 10 ? -4.573  10.760  13.647  1.00 33.08 ?  30  ALA B O   1 
ATOM   224  C  CB  . ALA B  1 10 ? -7.490  9.789   12.659  1.00 32.65 ?  30  ALA B CB  1 
ATOM   225  N  N   . SER B  1 11 ? -5.937  12.524  13.425  1.00 34.34 ?  31  SER B N   1 
ATOM   226  C  CA  . SER B  1 11 ? -4.813  13.433  13.205  1.00 32.47 ?  31  SER B CA  1 
ATOM   227  C  C   . SER B  1 11 ? -3.951  13.535  14.455  1.00 35.08 ?  31  SER B C   1 
ATOM   228  O  O   . SER B  1 11 ? -2.711  13.462  14.392  1.00 29.95 ?  31  SER B O   1 
ATOM   229  C  CB  . SER B  1 11 ? -5.324  14.818  12.826  1.00 33.27 ?  31  SER B CB  1 
ATOM   230  O  OG  . SER B  1 11 ? -6.183  14.750  11.716  1.00 35.44 ?  31  SER B OG  1 
ATOM   231  N  N   . ILE B  1 12 ? -4.604  13.753  15.601  1.00 36.72 ?  32  ILE B N   1 
ATOM   232  C  CA  . ILE B  1 12 ? -3.899  13.785  16.877  1.00 30.42 ?  32  ILE B CA  1 
ATOM   233  C  C   . ILE B  1 12 ? -3.158  12.476  17.094  1.00 31.96 ?  32  ILE B C   1 
ATOM   234  O  O   . ILE B  1 12 ? -2.016  12.455  17.569  1.00 33.49 ?  32  ILE B O   1 
ATOM   235  C  CB  . ILE B  1 12 ? -4.890  14.088  18.014  1.00 31.52 ?  32  ILE B CB  1 
ATOM   236  C  CG1 . ILE B  1 12 ? -5.521  15.468  17.789  1.00 35.23 ?  32  ILE B CG1 1 
ATOM   237  C  CG2 . ILE B  1 12 ? -4.198  14.023  19.364  1.00 33.50 ?  32  ILE B CG2 1 
ATOM   238  C  CD1 . ILE B  1 12 ? -6.659  15.797  18.733  1.00 33.85 ?  32  ILE B CD1 1 
ATOM   239  N  N   . ILE B  1 13 ? -3.792  11.363  16.736  1.00 32.89 ?  33  ILE B N   1 
ATOM   240  C  CA  . ILE B  1 13 ? -3.177  10.058  16.937  1.00 35.99 ?  33  ILE B CA  1 
ATOM   241  C  C   . ILE B  1 13 ? -1.944  9.916   16.052  1.00 32.32 ?  33  ILE B C   1 
ATOM   242  O  O   . ILE B  1 13 ? -0.933  9.348   16.467  1.00 31.48 ?  33  ILE B O   1 
ATOM   243  C  CB  . ILE B  1 13 ? -4.204  8.938   16.658  1.00 33.69 ?  33  ILE B CB  1 
ATOM   244  C  CG1 . ILE B  1 13 ? -5.223  8.821   17.795  1.00 34.56 ?  33  ILE B CG1 1 
ATOM   245  C  CG2 . ILE B  1 13 ? -3.511  7.614   16.432  1.00 30.51 ?  33  ILE B CG2 1 
ATOM   246  C  CD1 . ILE B  1 13 ? -4.629  8.549   19.116  1.00 40.54 ?  33  ILE B CD1 1 
ATOM   247  N  N   . GLY B  1 14 ? -2.001  10.447  14.833  1.00 33.31 ?  34  GLY B N   1 
ATOM   248  C  CA  . GLY B  1 14 ? -0.859  10.330  13.941  1.00 33.26 ?  34  GLY B CA  1 
ATOM   249  C  C   . GLY B  1 14 ? 0.318   11.153  14.409  1.00 29.58 ?  34  GLY B C   1 
ATOM   250  O  O   . GLY B  1 14 ? 1.465   10.691  14.383  1.00 30.35 ?  34  GLY B O   1 
ATOM   251  N  N   . ILE B  1 15 ? 0.055   12.374  14.865  1.00 29.47 ?  35  ILE B N   1 
ATOM   252  C  CA  . ILE B  1 15 ? 1.133   13.184  15.416  1.00 33.51 ?  35  ILE B CA  1 
ATOM   253  C  C   . ILE B  1 15 ? 1.753   12.471  16.611  1.00 33.69 ?  35  ILE B C   1 
ATOM   254  O  O   . ILE B  1 15 ? 2.985   12.331  16.713  1.00 31.63 ?  35  ILE B O   1 
ATOM   255  C  CB  . ILE B  1 15 ? 0.615   14.589  15.778  1.00 33.81 ?  35  ILE B CB  1 
ATOM   256  C  CG1 . ILE B  1 15 ? 0.084   15.300  14.523  1.00 33.70 ?  35  ILE B CG1 1 
ATOM   257  C  CG2 . ILE B  1 15 ? 1.722   15.411  16.380  1.00 28.54 ?  35  ILE B CG2 1 
ATOM   258  C  CD1 . ILE B  1 15 ? -0.611  16.618  14.790  1.00 30.60 ?  35  ILE B CD1 1 
ATOM   259  N  N   . LEU B  1 16 ? 0.903   11.980  17.522  1.00 32.99 ?  36  LEU B N   1 
ATOM   260  C  CA  . LEU B  1 16 ? 1.403   11.241  18.683  1.00 33.56 ?  36  LEU B CA  1 
ATOM   261  C  C   . LEU B  1 16 ? 2.196   10.004  18.266  1.00 35.76 ?  36  LEU B C   1 
ATOM   262  O  O   . LEU B  1 16 ? 3.196   9.660   18.908  1.00 34.12 ?  36  LEU B O   1 
ATOM   263  C  CB  . LEU B  1 16 ? 0.237   10.846  19.590  1.00 30.37 ?  36  LEU B CB  1 
ATOM   264  C  CG  . LEU B  1 16 ? 0.582   9.979   20.804  1.00 37.40 ?  36  LEU B CG  1 
ATOM   265  C  CD1 . LEU B  1 16 ? 1.484   10.738  21.757  1.00 37.84 ?  36  LEU B CD1 1 
ATOM   266  C  CD2 . LEU B  1 16 ? -0.674  9.574   21.551  1.00 34.42 ?  36  LEU B CD2 1 
ATOM   267  N  N   . HIS B  1 17 ? 1.766   9.323   17.195  1.00 34.19 ?  37  HIS B N   1 
ATOM   268  C  CA  . HIS B  1 17 ? 2.438   8.108   16.744  1.00 32.56 ?  37  HIS B CA  1 
ATOM   269  C  C   . HIS B  1 17 ? 3.841   8.418   16.238  1.00 31.70 ?  37  HIS B C   1 
ATOM   270  O  O   . HIS B  1 17 ? 4.797   7.709   16.566  1.00 28.29 ?  37  HIS B O   1 
ATOM   271  C  CB  . HIS B  1 17 ? 1.603   7.436   15.653  1.00 33.02 ?  37  HIS B CB  1 
ATOM   272  C  CG  . HIS B  1 17 ? 2.065   6.055   15.291  1.00 31.00 ?  37  HIS B CG  1 
ATOM   273  N  ND1 . HIS B  1 17 ? 1.473   5.316   14.291  1.00 33.33 ?  37  HIS B ND1 1 
ATOM   274  C  CD2 . HIS B  1 17 ? 3.048   5.275   15.800  1.00 28.60 ?  37  HIS B CD2 1 
ATOM   275  C  CE1 . HIS B  1 17 ? 2.070   4.141   14.204  1.00 33.75 ?  37  HIS B CE1 1 
ATOM   276  N  NE2 . HIS B  1 17 ? 3.022   4.088   15.115  1.00 32.34 ?  37  HIS B NE2 1 
ATOM   277  N  N   . LEU B  1 18 ? 3.979   9.465   15.422  1.00 29.20 ?  38  LEU B N   1 
ATOM   278  C  CA  . LEU B  1 18 ? 5.315   9.850   14.980  1.00 32.15 ?  38  LEU B CA  1 
ATOM   279  C  C   . LEU B  1 18 ? 6.193   10.218  16.178  1.00 35.86 ?  38  LEU B C   1 
ATOM   280  O  O   . LEU B  1 18 ? 7.366   9.825   16.233  1.00 35.64 ?  38  LEU B O   1 
ATOM   281  C  CB  . LEU B  1 18 ? 5.248   11.002  13.963  1.00 30.63 ?  38  LEU B CB  1 
ATOM   282  C  CG  . LEU B  1 18 ? 6.600   11.509  13.434  1.00 31.36 ?  38  LEU B CG  1 
ATOM   283  C  CD1 . LEU B  1 18 ? 7.340   10.372  12.759  1.00 30.99 ?  38  LEU B CD1 1 
ATOM   284  C  CD2 . LEU B  1 18 ? 6.458   12.667  12.468  1.00 27.30 ?  38  LEU B CD2 1 
ATOM   285  N  N   . ILE B  1 19 ? 5.643   10.968  17.150  1.00 32.42 ?  39  ILE B N   1 
ATOM   286  C  CA  . ILE B  1 19 ? 6.432   11.343  18.324  1.00 32.17 ?  39  ILE B CA  1 
ATOM   287  C  C   . ILE B  1 19 ? 6.908   10.100  19.065  1.00 32.88 ?  39  ILE B C   1 
ATOM   288  O  O   . ILE B  1 19 ? 8.100   9.940   19.349  1.00 35.69 ?  39  ILE B O   1 
ATOM   289  C  CB  . ILE B  1 19 ? 5.622   12.261  19.261  1.00 40.84 ?  39  ILE B CB  1 
ATOM   290  C  CG1 . ILE B  1 19 ? 5.266   13.589  18.588  1.00 36.79 ?  39  ILE B CG1 1 
ATOM   291  C  CG2 . ILE B  1 19 ? 6.431   12.577  20.541  1.00 39.06 ?  39  ILE B CG2 1 
ATOM   292  C  CD1 . ILE B  1 19 ? 4.363   14.472  19.454  1.00 36.64 ?  39  ILE B CD1 1 
ATOM   293  N  N   . LEU B  1 20 ? 5.982   9.187   19.365  1.00 35.45 ?  40  LEU B N   1 
ATOM   294  C  CA  . LEU B  1 20 ? 6.314   7.985   20.132  1.00 35.65 ?  40  LEU B CA  1 
ATOM   295  C  C   . LEU B  1 20 ? 7.293   7.091   19.380  1.00 36.76 ?  40  LEU B C   1 
ATOM   296  O  O   . LEU B  1 20 ? 8.246   6.561   19.974  1.00 37.05 ?  40  LEU B O   1 
ATOM   297  C  CB  . LEU B  1 20 ? 5.022   7.213   20.455  1.00 32.08 ?  40  LEU B CB  1 
ATOM   298  C  CG  . LEU B  1 20 ? 3.989   7.821   21.424  1.00 36.91 ?  40  LEU B CG  1 
ATOM   299  C  CD1 . LEU B  1 20 ? 2.717   7.022   21.447  1.00 33.36 ?  40  LEU B CD1 1 
ATOM   300  C  CD2 . LEU B  1 20 ? 4.558   7.862   22.846  1.00 37.81 ?  40  LEU B CD2 1 
ATOM   301  N  N   . TRP B  1 21 ? 7.103   6.945   18.060  1.00 33.14 ?  41  TRP B N   1 
ATOM   302  C  CA  . TRP B  1 21 ? 7.978   6.083   17.271  1.00 33.83 ?  41  TRP B CA  1 
ATOM   303  C  C   . TRP B  1 21 ? 9.389   6.653   17.184  1.00 34.71 ?  41  TRP B C   1 
ATOM   304  O  O   . TRP B  1 21 ? 10.369  5.904   17.276  1.00 33.07 ?  41  TRP B O   1 
ATOM   305  C  CB  . TRP B  1 21 ? 7.391   5.896   15.883  1.00 33.05 ?  41  TRP B CB  1 
ATOM   306  C  CG  . TRP B  1 21 ? 8.259   5.106   14.983  1.00 37.87 ?  41  TRP B CG  1 
ATOM   307  C  CD1 . TRP B  1 21 ? 8.329   3.738   14.893  1.00 34.80 ?  41  TRP B CD1 1 
ATOM   308  C  CD2 . TRP B  1 21 ? 9.231   5.621   14.043  1.00 38.80 ?  41  TRP B CD2 1 
ATOM   309  N  NE1 . TRP B  1 21 ? 9.253   3.382   13.934  1.00 37.73 ?  41  TRP B NE1 1 
ATOM   310  C  CE2 . TRP B  1 21 ? 9.824   4.518   13.409  1.00 39.77 ?  41  TRP B CE2 1 
ATOM   311  C  CE3 . TRP B  1 21 ? 9.635   6.906   13.668  1.00 39.08 ?  41  TRP B CE3 1 
ATOM   312  C  CZ2 . TRP B  1 21 ? 10.807  4.665   12.428  1.00 39.37 ?  41  TRP B CZ2 1 
ATOM   313  C  CZ3 . TRP B  1 21 ? 10.614  7.053   12.690  1.00 37.78 ?  41  TRP B CZ3 1 
ATOM   314  C  CH2 . TRP B  1 21 ? 11.192  5.948   12.092  1.00 41.78 ?  41  TRP B CH2 1 
ATOM   315  N  N   . ILE B  1 22 ? 9.504   7.974   16.980  1.00 34.55 ?  42  ILE B N   1 
ATOM   316  C  CA  . ILE B  1 22 ? 10.808  8.629   16.949  1.00 36.89 ?  42  ILE B CA  1 
ATOM   317  C  C   . ILE B  1 22 ? 11.502  8.488   18.300  1.00 39.82 ?  42  ILE B C   1 
ATOM   318  O  O   . ILE B  1 22 ? 12.715  8.233   18.365  1.00 38.93 ?  42  ILE B O   1 
ATOM   319  C  CB  . ILE B  1 22 ? 10.646  10.096  16.512  1.00 35.53 ?  42  ILE B CB  1 
ATOM   320  C  CG1 . ILE B  1 22 ? 10.314  10.147  15.030  1.00 30.84 ?  42  ILE B CG1 1 
ATOM   321  C  CG2 . ILE B  1 22 ? 11.898  10.909  16.806  1.00 36.23 ?  42  ILE B CG2 1 
ATOM   322  C  CD1 . ILE B  1 22 ? 10.170  11.531  14.512  1.00 33.98 ?  42  ILE B CD1 1 
ATOM   323  N  N   . LEU B  1 23 ? 10.757  8.655   19.401  1.00 33.58 ?  43  LEU B N   1 
ATOM   324  C  CA  . LEU B  1 23 ? 11.398  8.467   20.699  1.00 38.54 ?  43  LEU B CA  1 
ATOM   325  C  C   . LEU B  1 23 ? 11.850  7.031   20.883  1.00 39.25 ?  43  LEU B C   1 
ATOM   326  O  O   . LEU B  1 23 ? 12.905  6.783   21.469  1.00 40.56 ?  43  LEU B O   1 
ATOM   327  C  CB  . LEU B  1 23 ? 10.472  8.862   21.849  1.00 43.53 ?  43  LEU B CB  1 
ATOM   328  C  CG  . LEU B  1 23 ? 10.178  10.355  22.001  1.00 45.88 ?  43  LEU B CG  1 
ATOM   329  C  CD1 . LEU B  1 23 ? 9.200   10.594  23.131  1.00 39.21 ?  43  LEU B CD1 1 
ATOM   330  C  CD2 . LEU B  1 23 ? 11.469  11.127  22.225  1.00 42.51 ?  43  LEU B CD2 1 
ATOM   331  N  N   . ASP B  1 24 ? 11.094  6.078   20.358  1.00 42.41 ?  44  ASP B N   1 
ATOM   332  C  CA  . ASP B  1 24 ? 11.487  4.681   20.495  1.00 47.51 ?  44  ASP B CA  1 
ATOM   333  C  C   . ASP B  1 24 ? 12.709  4.360   19.638  1.00 42.76 ?  44  ASP B C   1 
ATOM   334  O  O   . ASP B  1 24 ? 13.607  3.635   20.076  1.00 42.33 ?  44  ASP B O   1 
ATOM   335  C  CB  . ASP B  1 24 ? 10.312  3.771   20.126  1.00 45.02 ?  44  ASP B CB  1 
ATOM   336  C  CG  . ASP B  1 24 ? 10.690  2.307   20.142  1.00 46.08 ?  44  ASP B CG  1 
ATOM   337  O  OD1 . ASP B  1 24 ? 11.017  1.809   21.244  1.00 47.44 ?  44  ASP B OD1 1 
ATOM   338  O  OD2 . ASP B  1 24 ? 10.688  1.665   19.068  1.00 44.41 -1 44  ASP B OD2 1 
ATOM   339  N  N   . ARG B  1 25 ? 12.784  4.916   18.430  1.00 41.01 ?  45  ARG B N   1 
ATOM   340  C  CA  . ARG B  1 25 ? 13.944  4.638   17.592  1.00 40.17 ?  45  ARG B CA  1 
ATOM   341  C  C   . ARG B  1 25 ? 15.197  5.259   18.189  1.00 44.22 ?  45  ARG B C   1 
ATOM   342  O  O   . ARG B  1 25 ? 16.269  4.642   18.162  1.00 43.94 ?  45  ARG B O   1 
ATOM   343  C  CB  . ARG B  1 25 ? 13.718  5.156   16.173  1.00 40.75 ?  45  ARG B CB  1 
ATOM   344  C  CG  . ARG B  1 25 ? 12.612  4.456   15.386  1.00 42.87 ?  45  ARG B CG  1 
ATOM   345  C  CD  . ARG B  1 25 ? 12.918  2.994   15.152  1.00 41.35 ?  45  ARG B CD  1 
ATOM   346  N  NE  . ARG B  1 25 ? 12.554  2.174   16.292  1.00 42.48 ?  45  ARG B NE  1 
ATOM   347  C  CZ  . ARG B  1 25 ? 12.939  0.914   16.461  1.00 46.68 ?  45  ARG B CZ  1 
ATOM   348  N  NH1 . ARG B  1 25 ? 12.546  0.248   17.549  1.00 52.90 1  45  ARG B NH1 1 
ATOM   349  N  NH2 . ARG B  1 25 ? 13.704  0.321   15.553  1.00 45.75 ?  45  ARG B NH2 1 
ATOM   350  N  N   . LEU B  1 26 ? 15.075  6.459   18.759  1.00 42.16 ?  46  LEU B N   1 
ATOM   351  C  CA  . LEU B  1 26 ? 16.201  7.116   19.420  1.00 44.76 ?  46  LEU B CA  1 
ATOM   352  C  C   . LEU B  1 26 ? 16.520  6.426   20.755  1.00 43.12 ?  46  LEU B C   1 
ATOM   353  O  O   . LEU B  1 26 ? 17.677  6.346   21.163  1.00 41.23 ?  46  LEU B O   1 
ATOM   354  C  CB  . LEU B  1 26 ? 15.912  8.606   19.629  1.00 39.16 ?  46  LEU B CB  1 
ATOM   355  C  CG  . LEU B  1 26 ? 15.804  9.383   18.300  1.00 52.14 ?  46  LEU B CG  1 
ATOM   356  C  CD1 . LEU B  1 26 ? 15.526  10.880  18.513  1.00 50.67 ?  46  LEU B CD1 1 
ATOM   357  C  CD2 . LEU B  1 26 ? 17.026  9.177   17.392  1.00 46.89 ?  46  LEU B CD2 1 
HETATM 358  N  N   . NH2 B  1 27 ? 15.487  5.915   21.422  1.00 38.29 ?  47  NH2 B N   1 
ATOM   359  N  N   . ASP C  1 4  ? -16.522 11.152  3.712   1.00 64.14 ?  24  ASP C N   1 
ATOM   360  C  CA  . ASP C  1 4  ? -15.529 10.538  2.835   1.00 69.44 ?  24  ASP C CA  1 
ATOM   361  C  C   . ASP C  1 4  ? -15.110 9.160   3.334   1.00 59.75 ?  24  ASP C C   1 
ATOM   362  O  O   . ASP C  1 4  ? -14.536 9.034   4.411   1.00 62.99 ?  24  ASP C O   1 
ATOM   363  C  CB  . ASP C  1 4  ? -14.298 11.447  2.696   1.00 68.48 ?  24  ASP C CB  1 
ATOM   364  C  CG  . ASP C  1 4  ? -13.287 10.918  1.681   1.00 71.77 ?  24  ASP C CG  1 
ATOM   365  O  OD1 . ASP C  1 4  ? -13.562 10.993  0.462   1.00 69.36 ?  24  ASP C OD1 1 
ATOM   366  O  OD2 . ASP C  1 4  ? -12.207 10.443  2.102   1.00 71.33 -1 24  ASP C OD2 1 
ATOM   367  N  N   . PRO C  1 5  ? -15.429 8.124   2.560   1.00 55.42 ?  25  PRO C N   1 
ATOM   368  C  CA  . PRO C  1 5  ? -15.055 6.760   2.977   1.00 60.15 ?  25  PRO C CA  1 
ATOM   369  C  C   . PRO C  1 5  ? -13.555 6.530   3.089   1.00 54.74 ?  25  PRO C C   1 
ATOM   370  O  O   . PRO C  1 5  ? -13.116 5.815   3.998   1.00 51.53 ?  25  PRO C O   1 
ATOM   371  C  CB  . PRO C  1 5  ? -15.692 5.878   1.892   1.00 58.53 ?  25  PRO C CB  1 
ATOM   372  C  CG  . PRO C  1 5  ? -15.915 6.791   0.731   1.00 62.90 ?  25  PRO C CG  1 
ATOM   373  C  CD  . PRO C  1 5  ? -16.213 8.134   1.316   1.00 58.07 ?  25  PRO C CD  1 
ATOM   374  N  N   . LEU C  1 6  ? -12.755 7.127   2.195   1.00 52.69 ?  26  LEU C N   1 
ATOM   375  C  CA  . LEU C  1 6  ? -11.305 6.955   2.261   1.00 48.04 ?  26  LEU C CA  1 
ATOM   376  C  C   . LEU C  1 6  ? -10.751 7.533   3.551   1.00 44.28 ?  26  LEU C C   1 
ATOM   377  O  O   . LEU C  1 6  ? -9.901  6.917   4.203   1.00 42.26 ?  26  LEU C O   1 
ATOM   378  C  CB  . LEU C  1 6  ? -10.630 7.607   1.052   1.00 47.22 ?  26  LEU C CB  1 
ATOM   379  C  CG  . LEU C  1 6  ? -9.100  7.576   1.051   1.00 43.01 ?  26  LEU C CG  1 
ATOM   380  C  CD1 . LEU C  1 6  ? -8.540  6.173   1.064   1.00 37.35 ?  26  LEU C CD1 1 
ATOM   381  C  CD2 . LEU C  1 6  ? -8.553  8.350   -0.123  1.00 46.23 ?  26  LEU C CD2 1 
ATOM   382  N  N   . ALA C  1 7  ? -11.219 8.723   3.928   1.00 47.43 ?  27  ALA C N   1 
ATOM   383  C  CA  . ALA C  1 7  ? -10.791 9.330   5.181   1.00 45.43 ?  27  ALA C CA  1 
ATOM   384  C  C   . ALA C  1 7  ? -11.222 8.486   6.373   1.00 43.77 ?  27  ALA C C   1 
ATOM   385  O  O   . ALA C  1 7  ? -10.449 8.302   7.322   1.00 41.55 ?  27  ALA C O   1 
ATOM   386  C  CB  . ALA C  1 7  ? -11.347 10.751  5.294   1.00 50.38 ?  27  ALA C CB  1 
ATOM   387  N  N   . VAL C  1 8  ? -12.444 7.946   6.334   1.00 44.77 ?  28  VAL C N   1 
ATOM   388  C  CA  . VAL C  1 8  ? -12.935 7.119   7.437   1.00 45.39 ?  28  VAL C CA  1 
ATOM   389  C  C   . VAL C  1 8  ? -12.047 5.891   7.610   1.00 40.16 ?  28  VAL C C   1 
ATOM   390  O  O   . VAL C  1 8  ? -11.620 5.553   8.728   1.00 40.00 ?  28  VAL C O   1 
ATOM   391  C  CB  . VAL C  1 8  ? -14.406 6.722   7.202   1.00 45.91 ?  28  VAL C CB  1 
ATOM   392  C  CG1 . VAL C  1 8  ? -14.842 5.713   8.244   1.00 49.62 ?  28  VAL C CG1 1 
ATOM   393  C  CG2 . VAL C  1 8  ? -15.314 7.941   7.279   1.00 46.76 ?  28  VAL C CG2 1 
ATOM   394  N  N   . ALA C  1 9  ? -11.771 5.202   6.502   1.00 40.13 ?  29  ALA C N   1 
ATOM   395  C  CA  . ALA C  1 9  ? -10.904 4.030   6.547   1.00 42.28 ?  29  ALA C CA  1 
ATOM   396  C  C   . ALA C  1 9  ? -9.501  4.389   7.031   1.00 39.32 ?  29  ALA C C   1 
ATOM   397  O  O   . ALA C  1 9  ? -8.915  3.669   7.837   1.00 42.07 ?  29  ALA C O   1 
ATOM   398  C  CB  . ALA C  1 9  ? -10.842 3.373   5.170   1.00 41.52 ?  29  ALA C CB  1 
ATOM   399  N  N   . ALA C  1 10 ? -8.957  5.514   6.586   1.00 37.67 ?  30  ALA C N   1 
ATOM   400  C  CA  . ALA C  1 10 ? -7.604  5.854   7.006   1.00 38.13 ?  30  ALA C CA  1 
ATOM   401  C  C   . ALA C  1 10 ? -7.557  6.172   8.491   1.00 38.76 ?  30  ALA C C   1 
ATOM   402  O  O   . ALA C  1 10 ? -6.593  5.813   9.173   1.00 37.89 ?  30  ALA C O   1 
ATOM   403  C  CB  . ALA C  1 10 ? -7.069  7.036   6.187   1.00 38.82 ?  30  ALA C CB  1 
ATOM   404  N  N   . SER C  1 11 ? -8.595  6.828   9.012   1.00 38.09 ?  31  SER C N   1 
ATOM   405  C  CA  . SER C  1 11 ? -8.661  7.131   10.439  1.00 34.64 ?  31  SER C CA  1 
ATOM   406  C  C   . SER C  1 11 ? -8.760  5.864   11.280  1.00 38.57 ?  31  SER C C   1 
ATOM   407  O  O   . SER C  1 11 ? -8.042  5.702   12.283  1.00 38.79 ?  31  SER C O   1 
ATOM   408  C  CB  . SER C  1 11 ? -9.852  8.032   10.703  1.00 37.85 ?  31  SER C CB  1 
ATOM   409  O  OG  . SER C  1 11 ? -9.767  9.199   9.901   1.00 40.84 ?  31  SER C OG  1 
ATOM   410  N  N   . ILE C  1 12 ? -9.665  4.964   10.908  1.00 35.16 ?  32  ILE C N   1 
ATOM   411  C  CA  . ILE C  1 12 ? -9.749  3.705   11.637  1.00 34.79 ?  32  ILE C CA  1 
ATOM   412  C  C   . ILE C  1 12 ? -8.412  2.972   11.580  1.00 35.88 ?  32  ILE C C   1 
ATOM   413  O  O   . ILE C  1 12 ? -7.936  2.423   12.590  1.00 36.07 ?  32  ILE C O   1 
ATOM   414  C  CB  . ILE C  1 12 ? -10.913 2.863   11.090  1.00 39.28 ?  32  ILE C CB  1 
ATOM   415  C  CG1 . ILE C  1 12 ? -12.216 3.657   11.232  1.00 37.73 ?  32  ILE C CG1 1 
ATOM   416  C  CG2 . ILE C  1 12 ? -11.012 1.539   11.838  1.00 40.09 ?  32  ILE C CG2 1 
ATOM   417  C  CD1 . ILE C  1 12 ? -13.421 3.033   10.533  1.00 41.76 ?  32  ILE C CD1 1 
ATOM   418  N  N   . ILE C  1 13 ? -7.763  2.984   10.404  1.00 35.52 ?  33  ILE C N   1 
ATOM   419  C  CA  . ILE C  1 13 ? -6.511  2.257   10.219  1.00 36.90 ?  33  ILE C CA  1 
ATOM   420  C  C   . ILE C  1 13 ? -5.402  2.864   11.071  1.00 38.12 ?  33  ILE C C   1 
ATOM   421  O  O   . ILE C  1 13 ? -4.603  2.138   11.672  1.00 37.37 ?  33  ILE C O   1 
ATOM   422  C  CB  . ILE C  1 13 ? -6.117  2.273   8.731   1.00 42.25 ?  33  ILE C CB  1 
ATOM   423  C  CG1 . ILE C  1 13 ? -7.100  1.429   7.919   1.00 47.30 ?  33  ILE C CG1 1 
ATOM   424  C  CG2 . ILE C  1 13 ? -4.656  1.810   8.545   1.00 35.26 ?  33  ILE C CG2 1 
ATOM   425  C  CD1 . ILE C  1 13 ? -7.239  0.075   8.424   1.00 50.04 ?  33  ILE C CD1 1 
ATOM   426  N  N   . GLY C  1 14 ? -5.347  4.191   11.167  1.00 36.38 ?  34  GLY C N   1 
ATOM   427  C  CA  . GLY C  1 14 ? -4.316  4.814   11.975  1.00 33.18 ?  34  GLY C CA  1 
ATOM   428  C  C   . GLY C  1 14 ? -4.501  4.576   13.460  1.00 33.79 ?  34  GLY C C   1 
ATOM   429  O  O   . GLY C  1 14 ? -3.532  4.331   14.187  1.00 34.70 ?  34  GLY C O   1 
ATOM   430  N  N   . ILE C  1 15 ? -5.741  4.662   13.936  1.00 37.21 ?  35  ILE C N   1 
ATOM   431  C  CA  . ILE C  1 15 ? -6.006  4.364   15.342  1.00 36.50 ?  35  ILE C CA  1 
ATOM   432  C  C   . ILE C  1 15 ? -5.586  2.927   15.663  1.00 34.08 ?  35  ILE C C   1 
ATOM   433  O  O   . ILE C  1 15 ? -4.840  2.669   16.631  1.00 34.06 ?  35  ILE C O   1 
ATOM   434  C  CB  . ILE C  1 15 ? -7.488  4.643   15.652  1.00 35.57 ?  35  ILE C CB  1 
ATOM   435  C  CG1 . ILE C  1 15 ? -7.767  6.135   15.412  1.00 31.14 ?  35  ILE C CG1 1 
ATOM   436  C  CG2 . ILE C  1 15 ? -7.828  4.250   17.043  1.00 31.27 ?  35  ILE C CG2 1 
ATOM   437  C  CD1 . ILE C  1 15 ? -9.221  6.525   15.491  1.00 36.98 ?  35  ILE C CD1 1 
ATOM   438  N  N   . LEU C  1 16 ? -6.011  1.974   14.815  1.00 32.57 ?  36  LEU C N   1 
ATOM   439  C  CA  . LEU C  1 16 ? -5.614  0.576   14.994  1.00 35.92 ?  36  LEU C CA  1 
ATOM   440  C  C   . LEU C  1 16 ? -4.101  0.414   14.893  1.00 35.91 ?  36  LEU C C   1 
ATOM   441  O  O   . LEU C  1 16 ? -3.508  -0.397  15.619  1.00 36.56 ?  36  LEU C O   1 
ATOM   442  C  CB  . LEU C  1 16 ? -6.316  -0.318  13.962  1.00 34.73 ?  36  LEU C CB  1 
ATOM   443  C  CG  . LEU C  1 16 ? -5.997  -1.827  14.023  1.00 35.86 ?  36  LEU C CG  1 
ATOM   444  C  CD1 . LEU C  1 16 ? -6.539  -2.434  15.325  1.00 38.72 ?  36  LEU C CD1 1 
ATOM   445  C  CD2 . LEU C  1 16 ? -6.538  -2.616  12.837  1.00 35.10 ?  36  LEU C CD2 1 
ATOM   446  N  N   . HIS C  1 17 ? -3.457  1.197   14.011  1.00 34.04 ?  37  HIS C N   1 
ATOM   447  C  CA  . HIS C  1 17 ? -2.016  1.107   13.808  1.00 29.41 ?  37  HIS C CA  1 
ATOM   448  C  C   . HIS C  1 17 ? -1.258  1.524   15.056  1.00 30.37 ?  37  HIS C C   1 
ATOM   449  O  O   . HIS C  1 17 ? -0.354  0.814   15.510  1.00 30.14 ?  37  HIS C O   1 
ATOM   450  C  CB  . HIS C  1 17 ? -1.614  1.981   12.606  1.00 32.69 ?  37  HIS C CB  1 
ATOM   451  C  CG  . HIS C  1 17 ? -0.171  1.846   12.186  1.00 31.01 ?  37  HIS C CG  1 
ATOM   452  N  ND1 . HIS C  1 17 ? 0.384   2.602   11.172  1.00 33.53 ?  37  HIS C ND1 1 
ATOM   453  C  CD2 . HIS C  1 17 ? 0.830   1.053   12.646  1.00 28.85 ?  37  HIS C CD2 1 
ATOM   454  C  CE1 . HIS C  1 17 ? 1.659   2.281   11.027  1.00 32.35 ?  37  HIS C CE1 1 
ATOM   455  N  NE2 . HIS C  1 17 ? 1.956   1.346   11.912  1.00 27.91 ?  37  HIS C NE2 1 
ATOM   456  N  N   . LEU C  1 18 ? -1.627  2.671   15.638  1.00 28.03 ?  38  LEU C N   1 
ATOM   457  C  CA  . LEU C  1 18 ? -0.971  3.109   16.864  1.00 30.40 ?  38  LEU C CA  1 
ATOM   458  C  C   . LEU C  1 18 ? -1.183  2.101   17.989  1.00 33.16 ?  38  LEU C C   1 
ATOM   459  O  O   . LEU C  1 18 ? -0.233  1.771   18.710  1.00 31.49 ?  38  LEU C O   1 
ATOM   460  C  CB  . LEU C  1 18 ? -1.458  4.499   17.291  1.00 33.13 ?  38  LEU C CB  1 
ATOM   461  C  CG  . LEU C  1 18 ? -0.805  5.039   18.580  1.00 31.39 ?  38  LEU C CG  1 
ATOM   462  C  CD1 . LEU C  1 18 ? 0.704   5.162   18.431  1.00 31.68 ?  38  LEU C CD1 1 
ATOM   463  C  CD2 . LEU C  1 18 ? -1.393  6.384   19.027  1.00 33.40 ?  38  LEU C CD2 1 
ATOM   464  N  N   . ILE C  1 19 ? -2.414  1.583   18.146  1.00 31.15 ?  39  ILE C N   1 
ATOM   465  C  CA  . ILE C  1 19 ? -2.640  0.613   19.212  1.00 28.59 ?  39  ILE C CA  1 
ATOM   466  C  C   . ILE C  1 19 ? -1.741  -0.609  19.029  1.00 29.84 ?  39  ILE C C   1 
ATOM   467  O  O   . ILE C  1 19 ? -1.038  -1.035  19.957  1.00 27.16 ?  39  ILE C O   1 
ATOM   468  C  CB  . ILE C  1 19 ? -4.123  0.201   19.262  1.00 39.97 ?  39  ILE C CB  1 
ATOM   469  C  CG1 . ILE C  1 19 ? -5.014  1.388   19.595  1.00 34.85 ?  39  ILE C CG1 1 
ATOM   470  C  CG2 . ILE C  1 19 ? -4.325  -0.885  20.306  1.00 38.64 ?  39  ILE C CG2 1 
ATOM   471  C  CD1 . ILE C  1 19 ? -6.476  1.046   19.530  1.00 35.75 ?  39  ILE C CD1 1 
ATOM   472  N  N   . LEU C  1 20 ? -1.754  -1.197  17.825  1.00 27.80 ?  40  LEU C N   1 
ATOM   473  C  CA  . LEU C  1 20 ? -0.987  -2.425  17.611  1.00 32.93 ?  40  LEU C CA  1 
ATOM   474  C  C   . LEU C  1 20 ? 0.499   -2.164  17.772  1.00 36.15 ?  40  LEU C C   1 
ATOM   475  O  O   . LEU C  1 20 ? 1.237   -3.032  18.258  1.00 36.12 ?  40  LEU C O   1 
ATOM   476  C  CB  . LEU C  1 20 ? -1.255  -3.020  16.225  1.00 31.31 ?  40  LEU C CB  1 
ATOM   477  C  CG  . LEU C  1 20 ? -2.664  -3.521  15.934  1.00 35.49 ?  40  LEU C CG  1 
ATOM   478  C  CD1 . LEU C  1 20 ? -2.801  -4.019  14.499  1.00 30.55 ?  40  LEU C CD1 1 
ATOM   479  C  CD2 . LEU C  1 20 ? -3.119  -4.573  16.995  1.00 36.92 ?  40  LEU C CD2 1 
ATOM   480  N  N   . TRP C  1 21 ? 0.965   -0.989  17.341  1.00 32.64 ?  41  TRP C N   1 
ATOM   481  C  CA  . TRP C  1 21 ? 2.377   -0.691  17.503  1.00 33.90 ?  41  TRP C CA  1 
ATOM   482  C  C   . TRP C  1 21 ? 2.737   -0.568  18.979  1.00 32.52 ?  41  TRP C C   1 
ATOM   483  O  O   . TRP C  1 21 ? 3.782   -1.074  19.406  1.00 31.64 ?  41  TRP C O   1 
ATOM   484  C  CB  . TRP C  1 21 ? 2.750   0.577   16.722  1.00 36.87 ?  41  TRP C CB  1 
ATOM   485  C  CG  . TRP C  1 21 ? 4.171   1.032   16.951  1.00 36.62 ?  41  TRP C CG  1 
ATOM   486  C  CD1 . TRP C  1 21 ? 5.300   0.556   16.351  1.00 31.28 ?  41  TRP C CD1 1 
ATOM   487  C  CD2 . TRP C  1 21 ? 4.600   2.033   17.883  1.00 34.79 ?  41  TRP C CD2 1 
ATOM   488  N  NE1 . TRP C  1 21 ? 6.403   1.194   16.853  1.00 32.89 ?  41  TRP C NE1 1 
ATOM   489  C  CE2 . TRP C  1 21 ? 6.000   2.117   17.784  1.00 31.76 ?  41  TRP C CE2 1 
ATOM   490  C  CE3 . TRP C  1 21 ? 3.929   2.873   18.787  1.00 34.28 ?  41  TRP C CE3 1 
ATOM   491  C  CZ2 . TRP C  1 21 ? 6.742   3.004   18.547  1.00 35.58 ?  41  TRP C CZ2 1 
ATOM   492  C  CZ3 . TRP C  1 21 ? 4.664   3.756   19.539  1.00 34.55 ?  41  TRP C CZ3 1 
ATOM   493  C  CH2 . TRP C  1 21 ? 6.057   3.814   19.421  1.00 36.32 ?  41  TRP C CH2 1 
ATOM   494  N  N   . ILE C  1 22 ? 1.880   0.077   19.782  1.00 34.14 ?  42  ILE C N   1 
ATOM   495  C  CA  . ILE C  1 22 ? 2.137   0.157   21.226  1.00 36.85 ?  42  ILE C CA  1 
ATOM   496  C  C   . ILE C  1 22 ? 2.186   -1.236  21.840  1.00 37.51 ?  42  ILE C C   1 
ATOM   497  O  O   . ILE C  1 22 ? 3.058   -1.527  22.670  1.00 36.82 ?  42  ILE C O   1 
ATOM   498  C  CB  . ILE C  1 22 ? 1.099   1.059   21.939  1.00 36.41 ?  42  ILE C CB  1 
ATOM   499  C  CG1 . ILE C  1 22 ? 1.399   2.545   21.680  1.00 34.79 ?  42  ILE C CG1 1 
ATOM   500  C  CG2 . ILE C  1 22 ? 1.025   0.785   23.441  1.00 30.43 ?  42  ILE C CG2 1 
ATOM   501  C  CD1 . ILE C  1 22 ? 0.445   3.474   22.392  1.00 34.02 ?  42  ILE C CD1 1 
ATOM   502  N  N   . LEU C  1 23 ? 1.253   -2.111  21.447  1.00 37.27 ?  43  LEU C N   1 
ATOM   503  C  CA  . LEU C  1 23 ? 1.220   -3.473  21.990  1.00 37.81 ?  43  LEU C CA  1 
ATOM   504  C  C   . LEU C  1 23 ? 2.443   -4.293  21.572  1.00 40.50 ?  43  LEU C C   1 
ATOM   505  O  O   . LEU C  1 23 ? 2.881   -5.181  22.320  1.00 39.21 ?  43  LEU C O   1 
ATOM   506  C  CB  . LEU C  1 23 ? -0.073  -4.166  21.563  1.00 36.38 ?  43  LEU C CB  1 
ATOM   507  C  CG  . LEU C  1 23 ? -1.337  -3.614  22.220  1.00 35.17 ?  43  LEU C CG  1 
ATOM   508  C  CD1 . LEU C  1 23 ? -2.586  -4.235  21.642  1.00 30.95 ?  43  LEU C CD1 1 
ATOM   509  C  CD2 . LEU C  1 23 ? -1.264  -3.844  23.737  1.00 41.27 ?  43  LEU C CD2 1 
ATOM   510  N  N   . ASP C  1 24 ? 2.960   -4.067  20.362  1.00 40.60 ?  44  ASP C N   1 
ATOM   511  C  CA  . ASP C  1 24 ? 4.178   -4.759  19.944  1.00 41.43 ?  44  ASP C CA  1 
ATOM   512  C  C   . ASP C  1 24 ? 5.401   -4.214  20.674  1.00 45.00 ?  44  ASP C C   1 
ATOM   513  O  O   . ASP C  1 24 ? 6.333   -4.964  20.987  1.00 45.39 ?  44  ASP C O   1 
ATOM   514  C  CB  . ASP C  1 24 ? 4.362   -4.666  18.427  1.00 38.98 ?  44  ASP C CB  1 
ATOM   515  C  CG  . ASP C  1 24 ? 5.704   -5.211  17.975  1.00 44.75 ?  44  ASP C CG  1 
ATOM   516  O  OD1 . ASP C  1 24 ? 5.961   -6.415  18.169  1.00 45.31 ?  44  ASP C OD1 1 
ATOM   517  O  OD2 . ASP C  1 24 ? 6.523   -4.430  17.444  1.00 46.47 -1 44  ASP C OD2 1 
ATOM   518  N  N   . ARG C  1 25 ? 5.436   -2.906  20.923  1.00 41.98 ?  45  ARG C N   1 
ATOM   519  C  CA  . ARG C  1 25 ? 6.549   -2.343  21.677  1.00 44.23 ?  45  ARG C CA  1 
ATOM   520  C  C   . ARG C  1 25 ? 6.513   -2.787  23.136  1.00 47.30 ?  45  ARG C C   1 
ATOM   521  O  O   . ARG C  1 25 ? 7.573   -2.963  23.749  1.00 48.81 ?  45  ARG C O   1 
ATOM   522  C  CB  . ARG C  1 25 ? 6.559   -0.813  21.575  1.00 40.11 ?  45  ARG C CB  1 
ATOM   523  C  CG  . ARG C  1 25 ? 6.854   -0.248  20.192  1.00 43.30 ?  45  ARG C CG  1 
ATOM   524  C  CD  . ARG C  1 25 ? 8.255   -0.631  19.713  1.00 43.38 ?  45  ARG C CD  1 
ATOM   525  N  NE  . ARG C  1 25 ? 8.274   -1.953  19.110  1.00 44.02 ?  45  ARG C NE  1 
ATOM   526  C  CZ  . ARG C  1 25 ? 9.375   -2.641  18.842  1.00 51.33 ?  45  ARG C CZ  1 
ATOM   527  N  NH1 . ARG C  1 25 ? 10.560  -2.140  19.147  1.00 60.13 1  45  ARG C NH1 1 
ATOM   528  N  NH2 . ARG C  1 25 ? 9.289   -3.841  18.286  1.00 51.01 ?  45  ARG C NH2 1 
ATOM   529  N  N   . LEU C  1 26 ? 5.325   -2.960  23.710  1.00 44.37 ?  46  LEU C N   1 
ATOM   530  C  CA  . LEU C  1 26 ? 5.237   -3.424  25.090  1.00 42.74 ?  46  LEU C CA  1 
ATOM   531  C  C   . LEU C  1 26 ? 5.668   -4.877  25.215  1.00 47.19 ?  46  LEU C C   1 
ATOM   532  O  O   . LEU C  1 26 ? 6.293   -5.254  26.200  1.00 56.85 ?  46  LEU C O   1 
ATOM   533  C  CB  . LEU C  1 26 ? 3.822   -3.257  25.639  1.00 48.53 ?  46  LEU C CB  1 
ATOM   534  C  CG  . LEU C  1 26 ? 3.352   -1.810  25.848  1.00 52.50 ?  46  LEU C CG  1 
ATOM   535  C  CD1 . LEU C  1 26 ? 1.930   -1.779  26.394  1.00 49.77 ?  46  LEU C CD1 1 
ATOM   536  C  CD2 . LEU C  1 26 ? 4.311   -1.015  26.747  1.00 52.64 ?  46  LEU C CD2 1 
HETATM 537  N  N   . NH2 C  1 27 ? 5.345   -5.685  24.216  1.00 44.09 ?  47  NH2 C N   1 
ATOM   538  N  N   . ASP D  1 4  ? -9.101  16.895  -2.025  1.00 52.12 ?  24  ASP D N   1 
ATOM   539  C  CA  . ASP D  1 4  ? -7.786  17.321  -1.569  1.00 52.32 ?  24  ASP D CA  1 
ATOM   540  C  C   . ASP D  1 4  ? -6.729  16.254  -1.814  1.00 48.30 ?  24  ASP D C   1 
ATOM   541  O  O   . ASP D  1 4  ? -6.754  15.201  -1.194  1.00 46.70 ?  24  ASP D O   1 
ATOM   542  C  CB  . ASP D  1 4  ? -7.817  17.678  -0.078  1.00 52.79 ?  24  ASP D CB  1 
ATOM   543  C  CG  . ASP D  1 4  ? -6.508  18.290  0.403   1.00 56.23 ?  24  ASP D CG  1 
ATOM   544  O  OD1 . ASP D  1 4  ? -5.557  18.448  -0.402  1.00 57.69 ?  24  ASP D OD1 1 
ATOM   545  O  OD2 . ASP D  1 4  ? -6.428  18.618  1.604   1.00 69.63 -1 24  ASP D OD2 1 
ATOM   546  N  N   . PRO D  1 5  ? -5.775  16.554  -2.699  1.00 43.35 ?  25  PRO D N   1 
ATOM   547  C  CA  . PRO D  1 5  ? -4.729  15.565  -2.999  1.00 46.28 ?  25  PRO D CA  1 
ATOM   548  C  C   . PRO D  1 5  ? -3.885  15.172  -1.803  1.00 42.01 ?  25  PRO D C   1 
ATOM   549  O  O   . PRO D  1 5  ? -3.468  14.011  -1.709  1.00 42.75 ?  25  PRO D O   1 
ATOM   550  C  CB  . PRO D  1 5  ? -3.889  16.267  -4.077  1.00 44.82 ?  25  PRO D CB  1 
ATOM   551  C  CG  . PRO D  1 5  ? -4.812  17.251  -4.683  1.00 47.44 ?  25  PRO D CG  1 
ATOM   552  C  CD  . PRO D  1 5  ? -5.685  17.731  -3.576  1.00 45.20 ?  25  PRO D CD  1 
ATOM   553  N  N   . LEU D  1 6  ? -3.598  16.107  -0.894  1.00 40.70 ?  26  LEU D N   1 
ATOM   554  C  CA  . LEU D  1 6  ? -2.771  15.769  0.258   1.00 39.70 ?  26  LEU D CA  1 
ATOM   555  C  C   . LEU D  1 6  ? -3.490  14.782  1.174   1.00 38.00 ?  26  LEU D C   1 
ATOM   556  O  O   . LEU D  1 6  ? -2.900  13.795  1.626   1.00 34.58 ?  26  LEU D O   1 
ATOM   557  C  CB  . LEU D  1 6  ? -2.356  17.041  1.002   1.00 41.87 ?  26  LEU D CB  1 
ATOM   558  C  CG  . LEU D  1 6  ? -1.451  16.964  2.251   1.00 40.76 ?  26  LEU D CG  1 
ATOM   559  C  CD1 . LEU D  1 6  ? -0.084  16.361  1.920   1.00 39.30 ?  26  LEU D CD1 1 
ATOM   560  C  CD2 . LEU D  1 6  ? -1.278  18.321  2.891   1.00 38.50 ?  26  LEU D CD2 1 
ATOM   561  N  N   . ALA D  1 7  ? -4.778  15.020  1.443   1.00 39.26 ?  27  ALA D N   1 
ATOM   562  C  CA  . ALA D  1 7  ? -5.535  14.087  2.278   1.00 42.97 ?  27  ALA D CA  1 
ATOM   563  C  C   . ALA D  1 7  ? -5.632  12.720  1.616   1.00 39.02 ?  27  ALA D C   1 
ATOM   564  O  O   . ALA D  1 7  ? -5.511  11.691  2.289   1.00 38.25 ?  27  ALA D O   1 
ATOM   565  C  CB  . ALA D  1 7  ? -6.936  14.630  2.581   1.00 38.99 ?  27  ALA D CB  1 
ATOM   566  N  N   . VAL D  1 8  ? -5.837  12.699  0.295   1.00 36.79 ?  28  VAL D N   1 
ATOM   567  C  CA  . VAL D  1 8  ? -5.943  11.443  -0.445  1.00 37.13 ?  28  VAL D CA  1 
ATOM   568  C  C   . VAL D  1 8  ? -4.641  10.653  -0.365  1.00 38.51 ?  28  VAL D C   1 
ATOM   569  O  O   . VAL D  1 8  ? -4.631  9.458   -0.012  1.00 38.76 ?  28  VAL D O   1 
ATOM   570  C  CB  . VAL D  1 8  ? -6.334  11.732  -1.907  1.00 40.36 ?  28  VAL D CB  1 
ATOM   571  C  CG1 . VAL D  1 8  ? -6.208  10.487  -2.752  1.00 32.64 ?  28  VAL D CG1 1 
ATOM   572  C  CG2 . VAL D  1 8  ? -7.752  12.299  -1.977  1.00 34.58 ?  28  VAL D CG2 1 
ATOM   573  N  N   . ALA D  1 9  ? -3.520  11.314  -0.686  1.00 37.77 ?  29  ALA D N   1 
ATOM   574  C  CA  . ALA D  1 9  ? -2.218  10.665  -0.621  1.00 36.77 ?  29  ALA D CA  1 
ATOM   575  C  C   . ALA D  1 9  ? -1.908  10.179  0.790   1.00 37.30 ?  29  ALA D C   1 
ATOM   576  O  O   . ALA D  1 9  ? -1.394  9.067   0.971   1.00 34.86 ?  29  ALA D O   1 
ATOM   577  C  CB  . ALA D  1 9  ? -1.132  11.627  -1.096  1.00 34.57 ?  29  ALA D CB  1 
ATOM   578  N  N   . ALA D  1 10 ? -2.234  10.989  1.810   1.00 37.02 ?  30  ALA D N   1 
ATOM   579  C  CA  . ALA D  1 10 ? -1.930  10.600  3.181   1.00 40.05 ?  30  ALA D CA  1 
ATOM   580  C  C   . ALA D  1 10 ? -2.775  9.415   3.618   1.00 38.96 ?  30  ALA D C   1 
ATOM   581  O  O   . ALA D  1 10 ? -2.286  8.528   4.321   1.00 36.87 ?  30  ALA D O   1 
ATOM   582  C  CB  . ALA D  1 10 ? -2.132  11.780  4.129   1.00 41.08 ?  30  ALA D CB  1 
ATOM   583  N  N   . SER D  1 11 ? -4.035  9.363   3.190   1.00 37.13 ?  31  SER D N   1 
ATOM   584  C  CA  . SER D  1 11 ? -4.868  8.211   3.512   1.00 35.59 ?  31  SER D CA  1 
ATOM   585  C  C   . SER D  1 11 ? -4.327  6.938   2.863   1.00 38.72 ?  31  SER D C   1 
ATOM   586  O  O   . SER D  1 11 ? -4.190  5.895   3.527   1.00 36.20 ?  31  SER D O   1 
ATOM   587  C  CB  . SER D  1 11 ? -6.306  8.481   3.078   1.00 36.91 ?  31  SER D CB  1 
ATOM   588  O  OG  . SER D  1 11 ? -6.792  9.652   3.699   1.00 36.85 ?  31  SER D OG  1 
ATOM   589  N  N   . ILE D  1 12 ? -4.004  7.011   1.565   1.00 37.10 ?  32  ILE D N   1 
ATOM   590  C  CA  . ILE D  1 12 ? -3.410  5.856   0.889   1.00 38.03 ?  32  ILE D CA  1 
ATOM   591  C  C   . ILE D  1 12 ? -2.153  5.403   1.615   1.00 36.65 ?  32  ILE D C   1 
ATOM   592  O  O   . ILE D  1 12 ? -1.932  4.198   1.822   1.00 38.32 ?  32  ILE D O   1 
ATOM   593  C  CB  . ILE D  1 12 ? -3.086  6.204   -0.580  1.00 42.77 ?  32  ILE D CB  1 
ATOM   594  C  CG1 . ILE D  1 12 ? -4.351  6.533   -1.381  1.00 41.14 ?  32  ILE D CG1 1 
ATOM   595  C  CG2 . ILE D  1 12 ? -2.215  5.116   -1.234  1.00 32.25 ?  32  ILE D CG2 1 
ATOM   596  C  CD1 . ILE D  1 12 ? -4.026  7.128   -2.757  1.00 38.45 ?  32  ILE D CD1 1 
ATOM   597  N  N   . ILE D  1 13 ? -1.314  6.367   2.008   1.00 36.15 ?  33  ILE D N   1 
ATOM   598  C  CA  . ILE D  1 13 ? -0.023  6.076   2.623   1.00 38.48 ?  33  ILE D CA  1 
ATOM   599  C  C   . ILE D  1 13 ? -0.186  5.484   4.006   1.00 34.55 ?  33  ILE D C   1 
ATOM   600  O  O   . ILE D  1 13 ? 0.591   4.620   4.410   1.00 36.47 ?  33  ILE D O   1 
ATOM   601  C  CB  . ILE D  1 13 ? 0.855   7.335   2.622   1.00 34.99 ?  33  ILE D CB  1 
ATOM   602  C  CG1 . ILE D  1 13 ? 1.401   7.546   1.216   1.00 34.24 ?  33  ILE D CG1 1 
ATOM   603  C  CG2 . ILE D  1 13 ? 1.937   7.236   3.658   1.00 34.37 ?  33  ILE D CG2 1 
ATOM   604  C  CD1 . ILE D  1 13 ? 2.210   8.773   1.072   1.00 40.67 ?  33  ILE D CD1 1 
ATOM   605  N  N   . GLY D  1 14 ? -1.183  5.929   4.761   1.00 35.09 ?  34  GLY D N   1 
ATOM   606  C  CA  . GLY D  1 14 ? -1.412  5.328   6.063   1.00 36.00 ?  34  GLY D CA  1 
ATOM   607  C  C   . GLY D  1 14 ? -1.899  3.898   5.946   1.00 34.67 ?  34  GLY D C   1 
ATOM   608  O  O   . GLY D  1 14 ? -1.452  3.012   6.684   1.00 35.59 ?  34  GLY D O   1 
ATOM   609  N  N   . ILE D  1 15 ? -2.798  3.643   4.997   1.00 35.45 ?  35  ILE D N   1 
ATOM   610  C  CA  . ILE D  1 15 ? -3.236  2.269   4.759   1.00 38.66 ?  35  ILE D CA  1 
ATOM   611  C  C   . ILE D  1 15 ? -2.055  1.383   4.342   1.00 37.14 ?  35  ILE D C   1 
ATOM   612  O  O   . ILE D  1 15 ? -1.846  0.285   4.892   1.00 38.45 ?  35  ILE D O   1 
ATOM   613  C  CB  . ILE D  1 15 ? -4.379  2.259   3.727   1.00 38.10 ?  35  ILE D CB  1 
ATOM   614  C  CG1 . ILE D  1 15 ? -5.575  3.024   4.316   1.00 35.11 ?  35  ILE D CG1 1 
ATOM   615  C  CG2 . ILE D  1 15 ? -4.728  0.821   3.314   1.00 38.14 ?  35  ILE D CG2 1 
ATOM   616  C  CD1 . ILE D  1 15 ? -6.725  3.252   3.385   1.00 31.64 ?  35  ILE D CD1 1 
ATOM   617  N  N   . LEU D  1 16 ? -1.258  1.847   3.374   1.00 33.28 ?  36  LEU D N   1 
ATOM   618  C  CA  . LEU D  1 16 ? -0.083  1.081   2.963   1.00 32.33 ?  36  LEU D CA  1 
ATOM   619  C  C   . LEU D  1 16 ? 0.910   0.909   4.111   1.00 33.34 ?  36  LEU D C   1 
ATOM   620  O  O   . LEU D  1 16 ? 1.530   -0.149  4.250   1.00 31.79 ?  36  LEU D O   1 
ATOM   621  C  CB  . LEU D  1 16 ? 0.604   1.777   1.792   1.00 34.07 ?  36  LEU D CB  1 
ATOM   622  C  CG  . LEU D  1 16 ? 1.887   1.132   1.290   1.00 30.91 ?  36  LEU D CG  1 
ATOM   623  C  CD1 . LEU D  1 16 ? 1.619   -0.195  0.597   1.00 33.79 ?  36  LEU D CD1 1 
ATOM   624  C  CD2 . LEU D  1 16 ? 2.653   2.097   0.391   1.00 37.04 ?  36  LEU D CD2 1 
ATOM   625  N  N   . HIS D  1 17 ? 1.072   1.938   4.942   1.00 34.93 ?  37  HIS D N   1 
ATOM   626  C  CA  . HIS D  1 17 ? 2.022   1.884   6.047   1.00 35.40 ?  37  HIS D CA  1 
ATOM   627  C  C   . HIS D  1 17 ? 1.620   0.803   7.038   1.00 30.82 ?  37  HIS D C   1 
ATOM   628  O  O   . HIS D  1 17 ? 2.461   0.022   7.491   1.00 30.29 ?  37  HIS D O   1 
ATOM   629  C  CB  . HIS D  1 17 ? 2.105   3.272   6.719   1.00 30.16 ?  37  HIS D CB  1 
ATOM   630  C  CG  . HIS D  1 17 ? 3.145   3.389   7.797   1.00 29.81 ?  37  HIS D CG  1 
ATOM   631  N  ND1 . HIS D  1 17 ? 3.292   4.527   8.567   1.00 37.46 ?  37  HIS D ND1 1 
ATOM   632  C  CD2 . HIS D  1 17 ? 4.078   2.516   8.245   1.00 33.29 ?  37  HIS D CD2 1 
ATOM   633  C  CE1 . HIS D  1 17 ? 4.276   4.354   9.434   1.00 35.04 ?  37  HIS D CE1 1 
ATOM   634  N  NE2 . HIS D  1 17 ? 4.766   3.141   9.265   1.00 35.82 ?  37  HIS D NE2 1 
ATOM   635  N  N   . LEU D  1 18 ? 0.332   0.745   7.392   1.00 30.77 ?  38  LEU D N   1 
ATOM   636  C  CA  . LEU D  1 18 ? -0.118  -0.327  8.273   1.00 27.09 ?  38  LEU D CA  1 
ATOM   637  C  C   . LEU D  1 18 ? 0.095   -1.692  7.626   1.00 30.85 ?  38  LEU D C   1 
ATOM   638  O  O   . LEU D  1 18 ? 0.609   -2.614  8.270   1.00 32.63 ?  38  LEU D O   1 
ATOM   639  C  CB  . LEU D  1 18 ? -1.585  -0.144  8.644   1.00 25.97 ?  38  LEU D CB  1 
ATOM   640  C  CG  . LEU D  1 18 ? -1.964  -1.252  9.632   1.00 38.49 ?  38  LEU D CG  1 
ATOM   641  C  CD1 . LEU D  1 18 ? -1.090  -1.178  10.895  1.00 32.00 ?  38  LEU D CD1 1 
ATOM   642  C  CD2 . LEU D  1 18 ? -3.421  -1.158  10.038  1.00 44.11 ?  38  LEU D CD2 1 
ATOM   643  N  N   . ILE D  1 19 ? -0.254  -1.834  6.337   1.00 27.69 ?  39  ILE D N   1 
ATOM   644  C  CA  . ILE D  1 19 ? -0.058  -3.117  5.668   1.00 26.73 ?  39  ILE D CA  1 
ATOM   645  C  C   . ILE D  1 19 ? 1.404   -3.544  5.731   1.00 31.13 ?  39  ILE D C   1 
ATOM   646  O  O   . ILE D  1 19 ? 1.727   -4.666  6.160   1.00 30.61 ?  39  ILE D O   1 
ATOM   647  C  CB  . ILE D  1 19 ? -0.553  -3.051  4.212   1.00 31.08 ?  39  ILE D CB  1 
ATOM   648  C  CG1 . ILE D  1 19 ? -2.072  -2.841  4.185   1.00 34.54 ?  39  ILE D CG1 1 
ATOM   649  C  CG2 . ILE D  1 19 ? -0.148  -4.314  3.470   1.00 29.38 ?  39  ILE D CG2 1 
ATOM   650  C  CD1 . ILE D  1 19 ? -2.656  -2.682  2.781   1.00 35.71 ?  39  ILE D CD1 1 
ATOM   651  N  N   . LEU D  1 20 ? 2.311   -2.641  5.337   1.00 29.17 ?  40  LEU D N   1 
ATOM   652  C  CA  . LEU D  1 20 ? 3.730   -2.972  5.270   1.00 27.40 ?  40  LEU D CA  1 
ATOM   653  C  C   . LEU D  1 20 ? 4.306   -3.218  6.651   1.00 29.68 ?  40  LEU D C   1 
ATOM   654  O  O   . LEU D  1 20 ? 5.118   -4.132  6.835   1.00 32.35 ?  40  LEU D O   1 
ATOM   655  C  CB  . LEU D  1 20 ? 4.517   -1.869  4.552   1.00 26.32 ?  40  LEU D CB  1 
ATOM   656  C  CG  . LEU D  1 20 ? 4.257   -1.597  3.060   1.00 29.53 ?  40  LEU D CG  1 
ATOM   657  C  CD1 . LEU D  1 20 ? 5.104   -0.444  2.561   1.00 36.23 ?  40  LEU D CD1 1 
ATOM   658  C  CD2 . LEU D  1 20 ? 4.455   -2.838  2.186   1.00 29.38 ?  40  LEU D CD2 1 
ATOM   659  N  N   . TRP D  1 21 ? 3.889   -2.432  7.645   1.00 27.36 ?  41  TRP D N   1 
ATOM   660  C  CA  . TRP D  1 21 ? 4.423   -2.630  8.983   1.00 33.57 ?  41  TRP D CA  1 
ATOM   661  C  C   . TRP D  1 21 ? 4.008   -3.975  9.540   1.00 37.28 ?  41  TRP D C   1 
ATOM   662  O  O   . TRP D  1 21 ? 4.845   -4.700  10.095  1.00 39.03 ?  41  TRP D O   1 
ATOM   663  C  CB  . TRP D  1 21 ? 3.957   -1.521  9.928   1.00 33.47 ?  41  TRP D CB  1 
ATOM   664  C  CG  . TRP D  1 21 ? 4.331   -1.763  11.395  1.00 33.24 ?  41  TRP D CG  1 
ATOM   665  C  CD1 . TRP D  1 21 ? 5.538   -1.519  11.984  1.00 33.69 ?  41  TRP D CD1 1 
ATOM   666  C  CD2 . TRP D  1 21 ? 3.469   -2.253  12.445  1.00 35.98 ?  41  TRP D CD2 1 
ATOM   667  N  NE1 . TRP D  1 21 ? 5.494   -1.850  13.320  1.00 31.96 ?  41  TRP D NE1 1 
ATOM   668  C  CE2 . TRP D  1 21 ? 4.234   -2.289  13.630  1.00 37.22 ?  41  TRP D CE2 1 
ATOM   669  C  CE3 . TRP D  1 21 ? 2.131   -2.670  12.492  1.00 36.36 ?  41  TRP D CE3 1 
ATOM   670  C  CZ2 . TRP D  1 21 ? 3.702   -2.731  14.862  1.00 39.11 ?  41  TRP D CZ2 1 
ATOM   671  C  CZ3 . TRP D  1 21 ? 1.604   -3.099  13.719  1.00 37.43 ?  41  TRP D CZ3 1 
ATOM   672  C  CH2 . TRP D  1 21 ? 2.393   -3.127  14.884  1.00 35.28 ?  41  TRP D CH2 1 
ATOM   673  N  N   . ILE D  1 22 ? 2.732   -4.341  9.369   1.00 32.53 ?  42  ILE D N   1 
ATOM   674  C  CA  . ILE D  1 22 ? 2.285   -5.636  9.843   1.00 34.41 ?  42  ILE D CA  1 
ATOM   675  C  C   . ILE D  1 22 ? 3.056   -6.746  9.149   1.00 35.89 ?  42  ILE D C   1 
ATOM   676  O  O   . ILE D  1 22 ? 3.560   -7.669  9.801   1.00 37.77 ?  42  ILE D O   1 
ATOM   677  C  CB  . ILE D  1 22 ? 0.775   -5.789  9.610   1.00 37.00 ?  42  ILE D CB  1 
ATOM   678  C  CG1 . ILE D  1 22 ? -0.025  -4.956  10.584  1.00 37.43 ?  42  ILE D CG1 1 
ATOM   679  C  CG2 . ILE D  1 22 ? 0.366   -7.256  9.668   1.00 40.09 ?  42  ILE D CG2 1 
ATOM   680  C  CD1 . ILE D  1 22 ? -1.500  -5.136  10.388  1.00 40.75 ?  42  ILE D CD1 1 
ATOM   681  N  N   . LEU D  1 23 ? 3.203   -6.655  7.824   1.00 33.60 ?  43  LEU D N   1 
ATOM   682  C  CA  . LEU D  1 23 ? 3.908   -7.716  7.117   1.00 34.97 ?  43  LEU D CA  1 
ATOM   683  C  C   . LEU D  1 23 ? 5.360   -7.809  7.553   1.00 36.03 ?  43  LEU D C   1 
ATOM   684  O  O   . LEU D  1 23 ? 5.927   -8.904  7.589   1.00 38.01 ?  43  LEU D O   1 
ATOM   685  C  CB  . LEU D  1 23 ? 3.834   -7.496  5.607   1.00 35.24 ?  43  LEU D CB  1 
ATOM   686  C  CG  . LEU D  1 23 ? 2.463   -7.670  4.984   1.00 34.45 ?  43  LEU D CG  1 
ATOM   687  C  CD1 . LEU D  1 23 ? 2.551   -7.310  3.505   1.00 30.27 ?  43  LEU D CD1 1 
ATOM   688  C  CD2 . LEU D  1 23 ? 1.957   -9.101  5.243   1.00 37.14 ?  43  LEU D CD2 1 
ATOM   689  N  N   . ASP D  1 24 ? 5.988   -6.684  7.877   1.00 37.19 ?  44  ASP D N   1 
ATOM   690  C  CA  . ASP D  1 24 ? 7.367   -6.753  8.348   1.00 36.86 ?  44  ASP D CA  1 
ATOM   691  C  C   . ASP D  1 24 ? 7.451   -7.372  9.725   1.00 34.32 ?  44  ASP D C   1 
ATOM   692  O  O   . ASP D  1 24 ? 8.412   -8.083  10.035  1.00 35.75 ?  44  ASP D O   1 
ATOM   693  C  CB  . ASP D  1 24 ? 8.018   -5.379  8.369   1.00 41.76 ?  44  ASP D CB  1 
ATOM   694  C  CG  . ASP D  1 24 ? 9.326   -5.392  9.132   1.00 45.95 ?  44  ASP D CG  1 
ATOM   695  O  OD1 . ASP D  1 24 ? 10.240  -6.147  8.730   1.00 51.00 ?  44  ASP D OD1 1 
ATOM   696  O  OD2 . ASP D  1 24 ? 9.440   -4.647  10.132  1.00 46.21 -1 44  ASP D OD2 1 
ATOM   697  N  N   . ARG D  1 25 ? 6.471   -7.090  10.572  1.00 38.29 ?  45  ARG D N   1 
ATOM   698  C  CA  . ARG D  1 25 ? 6.493   -7.664  11.907  1.00 37.79 ?  45  ARG D CA  1 
ATOM   699  C  C   . ARG D  1 25 ? 6.270   -9.167  11.857  1.00 37.78 ?  45  ARG D C   1 
ATOM   700  O  O   . ARG D  1 25 ? 6.871   -9.901  12.650  1.00 35.74 ?  45  ARG D O   1 
ATOM   701  C  CB  . ARG D  1 25 ? 5.457   -6.971  12.791  1.00 36.49 ?  45  ARG D CB  1 
ATOM   702  C  CG  . ARG D  1 25 ? 5.763   -5.490  13.021  1.00 41.40 ?  45  ARG D CG  1 
ATOM   703  C  CD  . ARG D  1 25 ? 7.122   -5.335  13.683  1.00 39.30 ?  45  ARG D CD  1 
ATOM   704  N  NE  . ARG D  1 25 ? 7.117   -6.052  14.955  1.00 49.34 ?  45  ARG D NE  1 
ATOM   705  C  CZ  . ARG D  1 25 ? 8.154   -6.696  15.471  1.00 50.24 ?  45  ARG D CZ  1 
ATOM   706  N  NH1 . ARG D  1 25 ? 9.318   -6.684  14.848  1.00 50.35 1  45  ARG D NH1 1 
ATOM   707  N  NH2 . ARG D  1 25 ? 8.007   -7.354  16.612  1.00 40.23 ?  45  ARG D NH2 1 
ATOM   708  N  N   . LEU D  1 26 ? 5.446   -9.640  10.916  1.00 35.02 ?  46  LEU D N   1 
ATOM   709  C  CA  . LEU D  1 26 ? 5.179   -11.068 10.738  1.00 36.75 ?  46  LEU D CA  1 
ATOM   710  C  C   . LEU D  1 26 ? 6.436   -11.779 10.241  1.00 41.05 ?  46  LEU D C   1 
ATOM   711  O  O   . LEU D  1 26 ? 6.712   -12.916 10.616  1.00 43.26 ?  46  LEU D O   1 
ATOM   712  C  CB  . LEU D  1 26 ? 4.051   -11.292 9.723   1.00 37.42 ?  46  LEU D CB  1 
ATOM   713  C  CG  . LEU D  1 26 ? 2.620   -10.866 10.043  1.00 37.85 ?  46  LEU D CG  1 
ATOM   714  C  CD1 . LEU D  1 26 ? 1.730   -11.174 8.861   1.00 38.19 ?  46  LEU D CD1 1 
ATOM   715  C  CD2 . LEU D  1 26 ? 2.114   -11.550 11.312  1.00 43.10 ?  46  LEU D CD2 1 
HETATM 716  N  N   . NH2 D  1 27 ? 7.204   -11.095 9.397   1.00 37.63 ?  47  NH2 D N   1 
ATOM   717  N  N   . ASP E  1 4  ? 8.508   -15.282 3.330   1.00 49.97 ?  24  ASP E N   1 
ATOM   718  C  CA  . ASP E  1 4  ? 8.571   -13.827 3.405   1.00 44.12 ?  24  ASP E CA  1 
ATOM   719  C  C   . ASP E  1 4  ? 7.143   -13.299 3.333   1.00 42.55 ?  24  ASP E C   1 
ATOM   720  O  O   . ASP E  1 4  ? 6.501   -13.420 2.303   1.00 44.81 ?  24  ASP E O   1 
ATOM   721  C  CB  . ASP E  1 4  ? 9.439   -13.266 2.267   1.00 46.68 ?  24  ASP E CB  1 
ATOM   722  C  CG  . ASP E  1 4  ? 9.714   -11.769 2.408   1.00 53.02 ?  24  ASP E CG  1 
ATOM   723  O  OD1 . ASP E  1 4  ? 9.185   -11.139 3.350   1.00 51.63 ?  24  ASP E OD1 1 
ATOM   724  O  OD2 . ASP E  1 4  ? 10.499  -11.217 1.592   1.00 65.81 -1 24  ASP E OD2 1 
ATOM   725  N  N   . PRO E  1 5  ? 6.651   -12.695 4.419   1.00 43.92 ?  25  PRO E N   1 
ATOM   726  C  CA  . PRO E  1 5  ? 5.251   -12.228 4.422   1.00 40.23 ?  25  PRO E CA  1 
ATOM   727  C  C   . PRO E  1 5  ? 4.927   -11.234 3.321   1.00 41.06 ?  25  PRO E C   1 
ATOM   728  O  O   . PRO E  1 5  ? 3.782   -11.228 2.838   1.00 38.46 ?  25  PRO E O   1 
ATOM   729  C  CB  . PRO E  1 5  ? 5.091   -11.609 5.819   1.00 36.30 ?  25  PRO E CB  1 
ATOM   730  C  CG  . PRO E  1 5  ? 6.109   -12.291 6.643   1.00 38.58 ?  25  PRO E CG  1 
ATOM   731  C  CD  . PRO E  1 5  ? 7.281   -12.534 5.738   1.00 38.54 ?  25  PRO E CD  1 
ATOM   732  N  N   . LEU E  1 6  ? 5.884   -10.377 2.933   1.00 40.91 ?  26  LEU E N   1 
ATOM   733  C  CA  . LEU E  1 6  ? 5.636   -9.402  1.870   1.00 37.77 ?  26  LEU E CA  1 
ATOM   734  C  C   . LEU E  1 6  ? 5.421   -10.082 0.525   1.00 36.74 ?  26  LEU E C   1 
ATOM   735  O  O   . LEU E  1 6  ? 4.451   -9.787  -0.183  1.00 36.07 ?  26  LEU E O   1 
ATOM   736  C  CB  . LEU E  1 6  ? 6.784   -8.397  1.790   1.00 35.15 ?  26  LEU E CB  1 
ATOM   737  C  CG  . LEU E  1 6  ? 6.707   -7.354  0.673   1.00 32.12 ?  26  LEU E CG  1 
ATOM   738  C  CD1 . LEU E  1 6  ? 5.459   -6.492  0.751   1.00 31.02 ?  26  LEU E CD1 1 
ATOM   739  C  CD2 . LEU E  1 6  ? 7.926   -6.483  0.753   1.00 34.26 ?  26  LEU E CD2 1 
ATOM   740  N  N   . ALA E  1 7  ? 6.297   -11.026 0.173   1.00 36.23 ?  27  ALA E N   1 
ATOM   741  C  CA  . ALA E  1 7  ? 6.137   -11.714 -1.104  1.00 35.70 ?  27  ALA E CA  1 
ATOM   742  C  C   . ALA E  1 7  ? 4.849   -12.515 -1.139  1.00 35.02 ?  27  ALA E C   1 
ATOM   743  O  O   . ALA E  1 7  ? 4.131   -12.502 -2.146  1.00 37.36 ?  27  ALA E O   1 
ATOM   744  C  CB  . ALA E  1 7  ? 7.324   -12.637 -1.364  1.00 37.79 ?  27  ALA E CB  1 
ATOM   745  N  N   . VAL E  1 8  ? 4.534   -13.205 -0.038  1.00 35.50 ?  28  VAL E N   1 
ATOM   746  C  CA  . VAL E  1 8  ? 3.333   -14.043 0.029   1.00 38.00 ?  28  VAL E CA  1 
ATOM   747  C  C   . VAL E  1 8  ? 2.067   -13.192 -0.069  1.00 35.20 ?  28  VAL E C   1 
ATOM   748  O  O   . VAL E  1 8  ? 1.161   -13.491 -0.861  1.00 36.27 ?  28  VAL E O   1 
ATOM   749  C  CB  . VAL E  1 8  ? 3.357   -14.895 1.312   1.00 39.33 ?  28  VAL E CB  1 
ATOM   750  C  CG1 . VAL E  1 8  ? 2.075   -15.686 1.460   1.00 38.09 ?  28  VAL E CG1 1 
ATOM   751  C  CG2 . VAL E  1 8  ? 4.568   -15.819 1.312   1.00 38.76 ?  28  VAL E CG2 1 
ATOM   752  N  N   . ALA E  1 9  ? 1.976   -12.127 0.744   1.00 34.04 ?  29  ALA E N   1 
ATOM   753  C  CA  . ALA E  1 9  ? 0.815   -11.239 0.662   1.00 30.69 ?  29  ALA E CA  1 
ATOM   754  C  C   . ALA E  1 9  ? 0.699   -10.618 -0.729  1.00 35.18 ?  29  ALA E C   1 
ATOM   755  O  O   . ALA E  1 9  ? -0.410  -10.445 -1.243  1.00 33.56 ?  29  ALA E O   1 
ATOM   756  C  CB  . ALA E  1 9  ? 0.877   -10.154 1.738   1.00 31.57 ?  29  ALA E CB  1 
ATOM   757  N  N   . ALA E  1 10 ? 1.833   -10.265 -1.356  1.00 34.27 ?  30  ALA E N   1 
ATOM   758  C  CA  . ALA E  1 10 ? 1.793   -9.673  -2.690  1.00 34.39 ?  30  ALA E CA  1 
ATOM   759  C  C   . ALA E  1 10 ? 1.317   -10.682 -3.737  1.00 36.02 ?  30  ALA E C   1 
ATOM   760  O  O   . ALA E  1 10 ? 0.629   -10.319 -4.700  1.00 33.89 ?  30  ALA E O   1 
ATOM   761  C  CB  . ALA E  1 10 ? 3.167   -9.126  -3.043  1.00 33.32 ?  30  ALA E CB  1 
ATOM   762  N  N   . SER E  1 11 ? 1.681   -11.952 -3.573  1.00 35.30 ?  31  SER E N   1 
ATOM   763  C  CA  . SER E  1 11 ? 1.191   -12.993 -4.477  1.00 35.83 ?  31  SER E CA  1 
ATOM   764  C  C   . SER E  1 11 ? -0.322  -13.184 -4.340  1.00 34.22 ?  31  SER E C   1 
ATOM   765  O  O   . SER E  1 11 ? -1.068  -13.176 -5.337  1.00 32.12 ?  31  SER E O   1 
ATOM   766  C  CB  . SER E  1 11 ? 1.939   -14.299 -4.190  1.00 36.45 ?  31  SER E CB  1 
ATOM   767  O  OG  . SER E  1 11 ? 3.360   -14.113 -4.284  1.00 36.33 ?  31  SER E OG  1 
ATOM   768  N  N   . ILE E  1 12 ? -0.797  -13.325 -3.108  1.00 33.21 ?  32  ILE E N   1 
ATOM   769  C  CA  . ILE E  1 12 ? -2.234  -13.448 -2.899  1.00 31.22 ?  32  ILE E CA  1 
ATOM   770  C  C   . ILE E  1 12 ? -2.966  -12.235 -3.465  1.00 31.54 ?  32  ILE E C   1 
ATOM   771  O  O   . ILE E  1 12 ? -3.997  -12.363 -4.140  1.00 35.46 ?  32  ILE E O   1 
ATOM   772  C  CB  . ILE E  1 12 ? -2.515  -13.650 -1.403  1.00 38.34 ?  32  ILE E CB  1 
ATOM   773  C  CG1 . ILE E  1 12 ? -1.847  -14.943 -0.921  1.00 36.80 ?  32  ILE E CG1 1 
ATOM   774  C  CG2 . ILE E  1 12 ? -4.006  -13.631 -1.128  1.00 35.74 ?  32  ILE E CG2 1 
ATOM   775  C  CD1 . ILE E  1 12 ? -1.906  -15.120 0.599   1.00 40.92 ?  32  ILE E CD1 1 
ATOM   776  N  N   . ILE E  1 13 ? -2.425  -11.042 -3.224  1.00 34.96 ?  33  ILE E N   1 
ATOM   777  C  CA  . ILE E  1 13 ? -3.058  -9.798  -3.652  1.00 34.72 ?  33  ILE E CA  1 
ATOM   778  C  C   . ILE E  1 13 ? -3.064  -9.674  -5.166  1.00 33.86 ?  33  ILE E C   1 
ATOM   779  O  O   . ILE E  1 13 ? -4.018  -9.145  -5.737  1.00 32.30 ?  33  ILE E O   1 
ATOM   780  C  CB  . ILE E  1 13 ? -2.395  -8.595  -2.938  1.00 34.49 ?  33  ILE E CB  1 
ATOM   781  C  CG1 . ILE E  1 13 ? -2.958  -8.488  -1.497  1.00 34.94 ?  33  ILE E CG1 1 
ATOM   782  C  CG2 . ILE E  1 13 ? -2.462  -7.291  -3.751  1.00 30.35 ?  33  ILE E CG2 1 
ATOM   783  C  CD1 . ILE E  1 13 ? -2.346  -7.387  -0.649  1.00 42.05 ?  33  ILE E CD1 1 
ATOM   784  N  N   . GLY E  1 14 ? -2.018  -10.160 -5.842  1.00 34.65 ?  34  GLY E N   1 
ATOM   785  C  CA  . GLY E  1 14 ? -2.020  -10.126 -7.301  1.00 34.41 ?  34  GLY E CA  1 
ATOM   786  C  C   . GLY E  1 14 ? -3.053  -11.060 -7.906  1.00 37.87 ?  34  GLY E C   1 
ATOM   787  O  O   . GLY E  1 14 ? -3.754  -10.699 -8.867  1.00 39.11 ?  34  GLY E O   1 
ATOM   788  N  N   . ILE E  1 15 ? -3.183  -12.265 -7.340  1.00 37.94 ?  35  ILE E N   1 
ATOM   789  C  CA  . ILE E  1 15 ? -4.225  -13.197 -7.779  1.00 33.63 ?  35  ILE E CA  1 
ATOM   790  C  C   . ILE E  1 15 ? -5.607  -12.568 -7.590  1.00 34.03 ?  35  ILE E C   1 
ATOM   791  O  O   . ILE E  1 15 ? -6.466  -12.592 -8.490  1.00 33.24 ?  35  ILE E O   1 
ATOM   792  C  CB  . ILE E  1 15 ? -4.069  -14.526 -7.015  1.00 36.17 ?  35  ILE E CB  1 
ATOM   793  C  CG1 . ILE E  1 15 ? -2.686  -15.119 -7.354  1.00 33.43 ?  35  ILE E CG1 1 
ATOM   794  C  CG2 . ILE E  1 15 ? -5.246  -15.466 -7.266  1.00 34.62 ?  35  ILE E CG2 1 
ATOM   795  C  CD1 . ILE E  1 15 ? -2.272  -16.301 -6.518  1.00 37.82 ?  35  ILE E CD1 1 
ATOM   796  N  N   . LEU E  1 16 ? -5.833  -11.987 -6.409  1.00 34.05 ?  36  LEU E N   1 
ATOM   797  C  CA  . LEU E  1 16 ? -7.098  -11.307 -6.133  1.00 33.03 ?  36  LEU E CA  1 
ATOM   798  C  C   . LEU E  1 16 ? -7.336  -10.109 -7.059  1.00 35.60 ?  36  LEU E C   1 
ATOM   799  O  O   . LEU E  1 16 ? -8.478  -9.854  -7.465  1.00 32.42 ?  36  LEU E O   1 
ATOM   800  C  CB  . LEU E  1 16 ? -7.122  -10.864 -4.676  1.00 30.02 ?  36  LEU E CB  1 
ATOM   801  C  CG  . LEU E  1 16 ? -8.323  -10.062 -4.223  1.00 34.75 ?  36  LEU E CG  1 
ATOM   802  C  CD1 . LEU E  1 16 ? -9.574  -10.935 -4.274  1.00 33.56 ?  36  LEU E CD1 1 
ATOM   803  C  CD2 . LEU E  1 16 ? -8.064  -9.535  -2.823  1.00 29.80 ?  36  LEU E CD2 1 
ATOM   804  N  N   . HIS E  1 17 ? -6.264  -9.384  -7.371  1.00 31.54 ?  37  HIS E N   1 
ATOM   805  C  CA  . HIS E  1 17 ? -6.344  -8.216  -8.242  1.00 30.36 ?  37  HIS E CA  1 
ATOM   806  C  C   . HIS E  1 17 ? -6.884  -8.637  -9.600  1.00 34.78 ?  37  HIS E C   1 
ATOM   807  O  O   . HIS E  1 17 ? -7.820  -8.033  -10.124 1.00 34.48 ?  37  HIS E O   1 
ATOM   808  C  CB  . HIS E  1 17 ? -4.967  -7.569  -8.403  1.00 35.46 ?  37  HIS E CB  1 
ATOM   809  C  CG  . HIS E  1 17 ? -5.007  -6.222  -9.057  1.00 39.82 ?  37  HIS E CG  1 
ATOM   810  N  ND1 . HIS E  1 17 ? -3.908  -5.391  -9.117  1.00 36.95 ?  37  HIS E ND1 1 
ATOM   811  C  CD2 . HIS E  1 17 ? -6.012  -5.563  -9.681  1.00 38.59 ?  37  HIS E CD2 1 
ATOM   812  C  CE1 . HIS E  1 17 ? -4.235  -4.278  -9.749  1.00 32.92 ?  37  HIS E CE1 1 
ATOM   813  N  NE2 . HIS E  1 17 ? -5.506  -4.357  -10.102 1.00 34.45 ?  37  HIS E NE2 1 
ATOM   814  N  N   . LEU E  1 18 ? -6.289  -9.683  -10.162 1.00 35.55 ?  38  LEU E N   1 
ATOM   815  C  CA  . LEU E  1 18 ? -6.728  -10.205 -11.453 1.00 35.39 ?  38  LEU E CA  1 
ATOM   816  C  C   . LEU E  1 18 ? -8.181  -10.689 -11.404 1.00 35.30 ?  38  LEU E C   1 
ATOM   817  O  O   . LEU E  1 18 ? -8.979  -10.383 -12.304 1.00 32.80 ?  38  LEU E O   1 
ATOM   818  C  CB  . LEU E  1 18 ? -5.805  -11.329 -11.906 1.00 35.61 ?  38  LEU E CB  1 
ATOM   819  C  CG  . LEU E  1 18 ? -6.306  -11.853 -13.249 1.00 36.28 ?  38  LEU E CG  1 
ATOM   820  C  CD1 . LEU E  1 18 ? -6.267  -10.730 -14.291 1.00 36.54 ?  38  LEU E CD1 1 
ATOM   821  C  CD2 . LEU E  1 18 ? -5.581  -13.109 -13.716 1.00 38.95 ?  38  LEU E CD2 1 
ATOM   822  N  N   . ILE E  1 19 ? -8.544  -11.439 -10.359 1.00 32.27 ?  39  ILE E N   1 
ATOM   823  C  CA  . ILE E  1 19 ? -9.931  -11.889 -10.224 1.00 33.99 ?  39  ILE E CA  1 
ATOM   824  C  C   . ILE E  1 19 ? -10.876 -10.689 -10.211 1.00 35.76 ?  39  ILE E C   1 
ATOM   825  O  O   . ILE E  1 19 ? -11.879 -10.650 -10.940 1.00 36.00 ?  39  ILE E O   1 
ATOM   826  C  CB  . ILE E  1 19 ? -10.093 -12.727 -8.946  1.00 35.62 ?  39  ILE E CB  1 
ATOM   827  C  CG1 . ILE E  1 19 ? -9.246  -13.999 -9.033  1.00 31.29 ?  39  ILE E CG1 1 
ATOM   828  C  CG2 . ILE E  1 19 ? -11.571 -12.989 -8.664  1.00 33.58 ?  39  ILE E CG2 1 
ATOM   829  C  CD1 . ILE E  1 19 ? -9.217  -14.793 -7.748  1.00 34.09 ?  39  ILE E CD1 1 
ATOM   830  N  N   . LEU E  1 20 ? -10.554 -9.684  -9.381  1.00 31.52 ?  40  LEU E N   1 
ATOM   831  C  CA  . LEU E  1 20 ? -11.421 -8.518  -9.229  1.00 37.52 ?  40  LEU E CA  1 
ATOM   832  C  C   . LEU E  1 20 ? -11.508 -7.693  -10.510 1.00 36.27 ?  40  LEU E C   1 
ATOM   833  O  O   . LEU E  1 20 ? -12.585 -7.197  -10.852 1.00 36.57 ?  40  LEU E O   1 
ATOM   834  C  CB  . LEU E  1 20 ? -10.930 -7.636  -8.077  1.00 35.26 ?  40  LEU E CB  1 
ATOM   835  C  CG  . LEU E  1 20 ? -10.975 -8.170  -6.654  1.00 32.66 ?  40  LEU E CG  1 
ATOM   836  C  CD1 . LEU E  1 20 ? -10.378 -7.158  -5.678  1.00 30.53 ?  40  LEU E CD1 1 
ATOM   837  C  CD2 . LEU E  1 20 ? -12.399 -8.540  -6.277  1.00 35.69 ?  40  LEU E CD2 1 
ATOM   838  N  N   . TRP E  1 21 ? -10.390 -7.512  -11.220 1.00 36.34 ?  41  TRP E N   1 
ATOM   839  C  CA  . TRP E  1 21 ? -10.430 -6.754  -12.470 1.00 40.65 ?  41  TRP E CA  1 
ATOM   840  C  C   . TRP E  1 21 ? -11.214 -7.501  -13.549 1.00 37.65 ?  41  TRP E C   1 
ATOM   841  O  O   . TRP E  1 21 ? -12.008 -6.892  -14.277 1.00 35.18 ?  41  TRP E O   1 
ATOM   842  C  CB  . TRP E  1 21 ? -9.009  -6.422  -12.951 1.00 40.04 ?  41  TRP E CB  1 
ATOM   843  C  CG  . TRP E  1 21 ? -8.969  -5.786  -14.339 1.00 40.24 ?  41  TRP E CG  1 
ATOM   844  C  CD1 . TRP E  1 21 ? -9.208  -4.476  -14.651 1.00 39.49 ?  41  TRP E CD1 1 
ATOM   845  C  CD2 . TRP E  1 21 ? -8.647  -6.435  -15.585 1.00 40.43 ?  41  TRP E CD2 1 
ATOM   846  N  NE1 . TRP E  1 21 ? -9.064  -4.273  -16.013 1.00 41.84 ?  41  TRP E NE1 1 
ATOM   847  C  CE2 . TRP E  1 21 ? -8.720  -5.458  -16.602 1.00 40.88 ?  41  TRP E CE2 1 
ATOM   848  C  CE3 . TRP E  1 21 ? -8.313  -7.742  -15.937 1.00 36.79 ?  41  TRP E CE3 1 
ATOM   849  C  CZ2 . TRP E  1 21 ? -8.478  -5.753  -17.940 1.00 37.97 ?  41  TRP E CZ2 1 
ATOM   850  C  CZ3 . TRP E  1 21 ? -8.066  -8.028  -17.264 1.00 36.01 ?  41  TRP E CZ3 1 
ATOM   851  C  CH2 . TRP E  1 21 ? -8.150  -7.038  -18.252 1.00 33.36 ?  41  TRP E CH2 1 
ATOM   852  N  N   . ILE E  1 22 ? -11.020 -8.815  -13.662 1.00 31.91 ?  42  ILE E N   1 
ATOM   853  C  CA  . ILE E  1 22 ? -11.814 -9.576  -14.624 1.00 41.53 ?  42  ILE E CA  1 
ATOM   854  C  C   . ILE E  1 22 ? -13.297 -9.441  -14.303 1.00 43.48 ?  42  ILE E C   1 
ATOM   855  O  O   . ILE E  1 22 ? -14.117 -9.193  -15.199 1.00 43.50 ?  42  ILE E O   1 
ATOM   856  C  CB  . ILE E  1 22 ? -11.377 -11.051 -14.632 1.00 43.20 ?  42  ILE E CB  1 
ATOM   857  C  CG1 . ILE E  1 22 ? -10.031 -11.198 -15.333 1.00 36.49 ?  42  ILE E CG1 1 
ATOM   858  C  CG2 . ILE E  1 22 ? -12.461 -11.928 -15.269 1.00 45.77 ?  42  ILE E CG2 1 
ATOM   859  C  CD1 . ILE E  1 22 ? -9.532  -12.595 -15.394 1.00 38.21 ?  42  ILE E CD1 1 
ATOM   860  N  N   . LEU E  1 23 ? -13.656 -9.556  -13.016 1.00 40.30 ?  43  LEU E N   1 
ATOM   861  C  CA  . LEU E  1 23 ? -15.060 -9.467  -12.616 1.00 48.05 ?  43  LEU E CA  1 
ATOM   862  C  C   . LEU E  1 23 ? -15.637 -8.078  -12.850 1.00 45.86 ?  43  LEU E C   1 
ATOM   863  O  O   . LEU E  1 23 ? -16.778 -7.941  -13.303 1.00 50.80 ?  43  LEU E O   1 
ATOM   864  C  CB  . LEU E  1 23 ? -15.188 -9.851  -11.145 1.00 41.72 ?  43  LEU E CB  1 
ATOM   865  C  CG  . LEU E  1 23 ? -14.926 -11.326 -10.870 1.00 42.94 ?  43  LEU E CG  1 
ATOM   866  C  CD1 . LEU E  1 23 ? -14.938 -11.588 -9.382  1.00 35.85 ?  43  LEU E CD1 1 
ATOM   867  C  CD2 . LEU E  1 23 ? -15.980 -12.176 -11.581 1.00 42.51 ?  43  LEU E CD2 1 
ATOM   868  N  N   . ASP E  1 24 ? -14.851 -7.036  -12.606 1.00 42.98 ?  44  ASP E N   1 
ATOM   869  C  CA  . ASP E  1 24 ? -15.337 -5.678  -12.799 1.00 47.59 ?  44  ASP E CA  1 
ATOM   870  C  C   . ASP E  1 24 ? -15.518 -5.357  -14.278 1.00 53.44 ?  44  ASP E C   1 
ATOM   871  O  O   . ASP E  1 24 ? -16.469 -4.664  -14.662 1.00 57.00 ?  44  ASP E O   1 
ATOM   872  C  CB  . ASP E  1 24 ? -14.351 -4.696  -12.171 1.00 53.80 ?  44  ASP E CB  1 
ATOM   873  C  CG  . ASP E  1 24 ? -14.714 -3.237  -12.439 1.00 59.80 ?  44  ASP E CG  1 
ATOM   874  O  OD1 . ASP E  1 24 ? -15.764 -2.754  -11.938 1.00 60.94 ?  44  ASP E OD1 1 
ATOM   875  O  OD2 . ASP E  1 24 ? -13.961 -2.585  -13.192 1.00 55.00 -1 44  ASP E OD2 1 
ATOM   876  N  N   . ARG E  1 25 ? -14.602 -5.832  -15.122 1.00 48.00 ?  45  ARG E N   1 
ATOM   877  C  CA  . ARG E  1 25 ? -14.733 -5.568  -16.548 1.00 51.77 ?  45  ARG E CA  1 
ATOM   878  C  C   . ARG E  1 25 ? -15.880 -6.370  -17.149 1.00 54.19 ?  45  ARG E C   1 
ATOM   879  O  O   . ARG E  1 25 ? -16.603 -5.875  -18.023 1.00 58.19 ?  45  ARG E O   1 
ATOM   880  C  CB  . ARG E  1 25 ? -13.425 -5.898  -17.265 1.00 47.12 ?  45  ARG E CB  1 
ATOM   881  C  CG  . ARG E  1 25 ? -12.235 -5.058  -16.821 1.00 50.23 ?  45  ARG E CG  1 
ATOM   882  C  CD  . ARG E  1 25 ? -12.305 -3.559  -17.102 1.00 50.12 ?  45  ARG E CD  1 
ATOM   883  N  NE  . ARG E  1 25 ? -12.317 -3.269  -18.532 1.00 64.02 ?  45  ARG E NE  1 
ATOM   884  C  CZ  . ARG E  1 25 ? -12.942 -2.241  -19.099 1.00 73.53 ?  45  ARG E CZ  1 
ATOM   885  N  NH1 . ARG E  1 25 ? -12.895 -2.078  -20.422 1.00 77.59 1  45  ARG E NH1 1 
ATOM   886  N  NH2 . ARG E  1 25 ? -13.575 -1.357  -18.343 1.00 75.07 ?  45  ARG E NH2 1 
ATOM   887  N  N   . LEU E  1 26 ? -16.070 -7.606  -16.689 1.00 53.49 ?  46  LEU E N   1 
ATOM   888  C  CA  . LEU E  1 26 ? -17.145 -8.456  -17.200 1.00 50.57 ?  46  LEU E CA  1 
ATOM   889  C  C   . LEU E  1 26 ? -18.513 -7.979  -16.755 1.00 52.26 ?  46  LEU E C   1 
ATOM   890  O  O   . LEU E  1 26 ? -19.447 -7.949  -17.548 1.00 60.68 ?  46  LEU E O   1 
ATOM   891  C  CB  . LEU E  1 26 ? -16.946 -9.908  -16.773 1.00 45.38 ?  46  LEU E CB  1 
ATOM   892  C  CG  . LEU E  1 26 ? -15.761 -10.629 -17.402 1.00 46.00 ?  46  LEU E CG  1 
ATOM   893  C  CD1 . LEU E  1 26 ? -15.674 -12.047 -16.883 1.00 45.99 ?  46  LEU E CD1 1 
ATOM   894  C  CD2 . LEU E  1 26 ? -15.875 -10.593 -18.907 1.00 42.32 ?  46  LEU E CD2 1 
HETATM 895  N  N   . NH2 E  1 27 ? -18.636 -7.621  -15.482 1.00 56.69 ?  47  NH2 E N   1 
ATOM   896  N  N   . ASP F  1 4  ? 15.809  -9.627  -1.801  1.00 62.04 ?  24  ASP F N   1 
ATOM   897  C  CA  . ASP F  1 4  ? 15.917  -9.154  -3.177  1.00 59.13 ?  24  ASP F CA  1 
ATOM   898  C  C   . ASP F  1 4  ? 15.207  -7.813  -3.348  1.00 56.37 ?  24  ASP F C   1 
ATOM   899  O  O   . ASP F  1 4  ? 13.988  -7.732  -3.201  1.00 57.42 ?  24  ASP F O   1 
ATOM   900  C  CB  . ASP F  1 4  ? 15.333  -10.173 -4.161  1.00 57.95 ?  24  ASP F CB  1 
ATOM   901  C  CG  . ASP F  1 4  ? 15.588  -9.789  -5.610  1.00 65.31 ?  24  ASP F CG  1 
ATOM   902  O  OD1 . ASP F  1 4  ? 16.729  -9.964  -6.089  1.00 66.93 ?  24  ASP F OD1 1 
ATOM   903  O  OD2 . ASP F  1 4  ? 14.660  -9.264  -6.258  1.00 66.98 -1 24  ASP F OD2 1 
ATOM   904  N  N   . PRO F  1 5  ? 15.972  -6.763  -3.658  1.00 51.88 ?  25  PRO F N   1 
ATOM   905  C  CA  . PRO F  1 5  ? 15.355  -5.438  -3.809  1.00 49.97 ?  25  PRO F CA  1 
ATOM   906  C  C   . PRO F  1 5  ? 14.314  -5.362  -4.910  1.00 46.37 ?  25  PRO F C   1 
ATOM   907  O  O   . PRO F  1 5  ? 13.325  -4.638  -4.758  1.00 46.66 ?  25  PRO F O   1 
ATOM   908  C  CB  . PRO F  1 5  ? 16.559  -4.528  -4.087  1.00 52.68 ?  25  PRO F CB  1 
ATOM   909  C  CG  . PRO F  1 5  ? 17.632  -5.432  -4.554  1.00 48.14 ?  25  PRO F CG  1 
ATOM   910  C  CD  . PRO F  1 5  ? 17.433  -6.713  -3.834  1.00 48.92 ?  25  PRO F CD  1 
ATOM   911  N  N   . LEU F  1 6  ? 14.505  -6.073  -6.023  1.00 50.64 ?  26  LEU F N   1 
ATOM   912  C  CA  . LEU F  1 6  ? 13.516  -6.036  -7.101  1.00 49.25 ?  26  LEU F CA  1 
ATOM   913  C  C   . LEU F  1 6  ? 12.191  -6.654  -6.674  1.00 41.36 ?  26  LEU F C   1 
ATOM   914  O  O   . LEU F  1 6  ? 11.124  -6.070  -6.897  1.00 38.43 ?  26  LEU F O   1 
ATOM   915  C  CB  . LEU F  1 6  ? 14.050  -6.745  -8.348  1.00 45.63 ?  26  LEU F CB  1 
ATOM   916  C  CG  . LEU F  1 6  ? 13.030  -6.867  -9.486  1.00 41.16 ?  26  LEU F CG  1 
ATOM   917  C  CD1 . LEU F  1 6  ? 12.548  -5.516  -9.942  1.00 38.93 ?  26  LEU F CD1 1 
ATOM   918  C  CD2 . LEU F  1 6  ? 13.599  -7.649  -10.657 1.00 36.19 ?  26  LEU F CD2 1 
ATOM   919  N  N   . ALA F  1 7  ? 12.244  -7.838  -6.059  1.00 43.19 ?  27  ALA F N   1 
ATOM   920  C  CA  . ALA F  1 7  ? 11.014  -8.486  -5.607  1.00 42.62 ?  27  ALA F CA  1 
ATOM   921  C  C   . ALA F  1 7  ? 10.344  -7.671  -4.500  1.00 41.87 ?  27  ALA F C   1 
ATOM   922  O  O   . ALA F  1 7  ? 9.115   -7.560  -4.462  1.00 40.71 ?  27  ALA F O   1 
ATOM   923  C  CB  . ALA F  1 7  ? 11.295  -9.921  -5.166  1.00 46.65 ?  27  ALA F CB  1 
ATOM   924  N  N   . VAL F  1 8  ? 11.129  -7.095  -3.591  1.00 40.73 ?  28  VAL F N   1 
ATOM   925  C  CA  . VAL F  1 8  ? 10.539  -6.277  -2.528  1.00 41.69 ?  28  VAL F CA  1 
ATOM   926  C  C   . VAL F  1 8  ? 9.839   -5.052  -3.115  1.00 39.96 ?  28  VAL F C   1 
ATOM   927  O  O   . VAL F  1 8  ? 8.675   -4.755  -2.780  1.00 37.70 ?  28  VAL F O   1 
ATOM   928  C  CB  . VAL F  1 8  ? 11.605  -5.868  -1.498  1.00 43.66 ?  28  VAL F CB  1 
ATOM   929  C  CG1 . VAL F  1 8  ? 11.012  -4.872  -0.525  1.00 41.83 ?  28  VAL F CG1 1 
ATOM   930  C  CG2 . VAL F  1 8  ? 12.125  -7.089  -0.751  1.00 42.79 ?  28  VAL F CG2 1 
ATOM   931  N  N   . ALA F  1 9  ? 10.530  -4.327  -4.000  1.00 35.05 ?  29  ALA F N   1 
ATOM   932  C  CA  . ALA F  1 9  ? 9.927   -3.145  -4.604  1.00 33.82 ?  29  ALA F CA  1 
ATOM   933  C  C   . ALA F  1 9  ? 8.668   -3.511  -5.362  1.00 36.35 ?  29  ALA F C   1 
ATOM   934  O  O   . ALA F  1 9  ? 7.646   -2.818  -5.259  1.00 38.43 ?  29  ALA F O   1 
ATOM   935  C  CB  . ALA F  1 9  ? 10.925  -2.460  -5.537  1.00 37.30 ?  29  ALA F CB  1 
ATOM   936  N  N   . ALA F  1 10 ? 8.702   -4.628  -6.092  1.00 36.96 ?  30  ALA F N   1 
ATOM   937  C  CA  . ALA F  1 10 ? 7.543   -5.047  -6.865  1.00 32.60 ?  30  ALA F CA  1 
ATOM   938  C  C   . ALA F  1 10 ? 6.387   -5.466  -5.970  1.00 35.50 ?  30  ALA F C   1 
ATOM   939  O  O   . ALA F  1 10 ? 5.226   -5.226  -6.305  1.00 34.38 ?  30  ALA F O   1 
ATOM   940  C  CB  . ALA F  1 10 ? 7.923   -6.191  -7.795  1.00 39.04 ?  30  ALA F CB  1 
ATOM   941  N  N   . SER F  1 11 ? 6.680   -6.096  -4.829  1.00 36.02 ?  31  SER F N   1 
ATOM   942  C  CA  . SER F  1 11 ? 5.613   -6.490  -3.913  1.00 35.54 ?  31  SER F CA  1 
ATOM   943  C  C   . SER F  1 11 ? 4.899   -5.262  -3.367  1.00 36.74 ?  31  SER F C   1 
ATOM   944  O  O   . SER F  1 11 ? 3.656   -5.193  -3.350  1.00 37.15 ?  31  SER F O   1 
ATOM   945  C  CB  . SER F  1 11 ? 6.187   -7.334  -2.770  1.00 34.66 ?  31  SER F CB  1 
ATOM   946  O  OG  . SER F  1 11 ? 6.912   -8.460  -3.238  1.00 35.76 ?  31  SER F OG  1 
ATOM   947  N  N   . ILE F  1 12 ? 5.678   -4.282  -2.897  1.00 37.91 ?  32  ILE F N   1 
ATOM   948  C  CA  . ILE F  1 12 ? 5.080   -3.028  -2.443  1.00 36.19 ?  32  ILE F CA  1 
ATOM   949  C  C   . ILE F  1 12 ? 4.266   -2.391  -3.565  1.00 36.00 ?  32  ILE F C   1 
ATOM   950  O  O   . ILE F  1 12 ? 3.142   -1.917  -3.350  1.00 38.15 ?  32  ILE F O   1 
ATOM   951  C  CB  . ILE F  1 12 ? 6.175   -2.080  -1.921  1.00 36.60 ?  32  ILE F CB  1 
ATOM   952  C  CG1 . ILE F  1 12 ? 6.876   -2.708  -0.709  1.00 41.02 ?  32  ILE F CG1 1 
ATOM   953  C  CG2 . ILE F  1 12 ? 5.601   -0.692  -1.642  1.00 35.31 ?  32  ILE F CG2 1 
ATOM   954  C  CD1 . ILE F  1 12 ? 8.108   -1.936  -0.240  1.00 42.05 ?  32  ILE F CD1 1 
ATOM   955  N  N   . ILE F  1 13 ? 4.805   -2.406  -4.786  1.00 32.91 ?  33  ILE F N   1 
ATOM   956  C  CA  . ILE F  1 13 ? 4.139   -1.774  -5.920  1.00 36.22 ?  33  ILE F CA  1 
ATOM   957  C  C   . ILE F  1 13 ? 2.826   -2.471  -6.247  1.00 34.55 ?  33  ILE F C   1 
ATOM   958  O  O   . ILE F  1 13 ? 1.850   -1.828  -6.641  1.00 34.50 ?  33  ILE F O   1 
ATOM   959  C  CB  . ILE F  1 13 ? 5.082   -1.770  -7.136  1.00 39.25 ?  33  ILE F CB  1 
ATOM   960  C  CG1 . ILE F  1 13 ? 6.145   -0.688  -6.976  1.00 39.07 ?  33  ILE F CG1 1 
ATOM   961  C  CG2 . ILE F  1 13 ? 4.298   -1.638  -8.421  1.00 32.34 ?  33  ILE F CG2 1 
ATOM   962  C  CD1 . ILE F  1 13 ? 5.546   0.658   -6.807  1.00 47.73 ?  33  ILE F CD1 1 
ATOM   963  N  N   . GLY F  1 14 ? 2.785   -3.796  -6.118  1.00 35.47 ?  34  GLY F N   1 
ATOM   964  C  CA  . GLY F  1 14 ? 1.544   -4.514  -6.395  1.00 35.10 ?  34  GLY F CA  1 
ATOM   965  C  C   . GLY F  1 14 ? 0.476   -4.265  -5.348  1.00 34.40 ?  34  GLY F C   1 
ATOM   966  O  O   . GLY F  1 14 ? -0.700  -4.065  -5.675  1.00 38.62 ?  34  GLY F O   1 
ATOM   967  N  N   . ILE F  1 15 ? 0.871   -4.263  -4.074  1.00 32.95 ?  35  ILE F N   1 
ATOM   968  C  CA  . ILE F  1 15 ? -0.069  -3.922  -3.011  1.00 35.95 ?  35  ILE F CA  1 
ATOM   969  C  C   . ILE F  1 15 ? -0.635  -2.526  -3.259  1.00 37.38 ?  35  ILE F C   1 
ATOM   970  O  O   . ILE F  1 15 ? -1.864  -2.303  -3.241  1.00 33.35 ?  35  ILE F O   1 
ATOM   971  C  CB  . ILE F  1 15 ? 0.638   -4.019  -1.643  1.00 38.22 ?  35  ILE F CB  1 
ATOM   972  C  CG1 . ILE F  1 15 ? 1.124   -5.463  -1.393  1.00 39.33 ?  35  ILE F CG1 1 
ATOM   973  C  CG2 . ILE F  1 15 ? -0.266  -3.515  -0.515  1.00 34.72 ?  35  ILE F CG2 1 
ATOM   974  C  CD1 . ILE F  1 15 ? 2.011   -5.604  -0.150  1.00 36.92 ?  35  ILE F CD1 1 
ATOM   975  N  N   . LEU F  1 16 ? 0.263   -1.575  -3.552  1.00 34.51 ?  36  LEU F N   1 
ATOM   976  C  CA  . LEU F  1 16 ? -0.163  -0.212  -3.854  1.00 35.03 ?  36  LEU F CA  1 
ATOM   977  C  C   . LEU F  1 16 ? -1.069  -0.159  -5.075  1.00 34.24 ?  36  LEU F C   1 
ATOM   978  O  O   . LEU F  1 16 ? -2.047  0.602   -5.099  1.00 32.25 ?  36  LEU F O   1 
ATOM   979  C  CB  . LEU F  1 16 ? 1.059   0.675   -4.069  1.00 32.68 ?  36  LEU F CB  1 
ATOM   980  C  CG  . LEU F  1 16 ? 0.678   2.086   -4.486  1.00 37.52 ?  36  LEU F CG  1 
ATOM   981  C  CD1 . LEU F  1 16 ? -0.076  2.784   -3.392  1.00 30.32 ?  36  LEU F CD1 1 
ATOM   982  C  CD2 . LEU F  1 16 ? 1.930   2.875   -4.853  1.00 41.76 ?  36  LEU F CD2 1 
ATOM   983  N  N   . HIS F  1 17 ? -0.739  -0.965  -6.081  1.00 36.09 ?  37  HIS F N   1 
ATOM   984  C  CA  . HIS F  1 17 ? -1.515  -1.023  -7.314  1.00 33.49 ?  37  HIS F CA  1 
ATOM   985  C  C   . HIS F  1 17 ? -2.958  -1.404  -7.013  1.00 33.05 ?  37  HIS F C   1 
ATOM   986  O  O   . HIS F  1 17 ? -3.891  -0.725  -7.439  1.00 30.54 ?  37  HIS F O   1 
ATOM   987  C  CB  . HIS F  1 17 ? -0.902  -2.029  -8.290  1.00 36.12 ?  37  HIS F CB  1 
ATOM   988  C  CG  . HIS F  1 17 ? -1.486  -1.968  -9.667  1.00 35.29 ?  37  HIS F CG  1 
ATOM   989  N  ND1 . HIS F  1 17 ? -1.138  -2.854  -10.663 1.00 39.96 ?  37  HIS F ND1 1 
ATOM   990  C  CD2 . HIS F  1 17 ? -2.394  -1.127  -10.213 1.00 32.79 ?  37  HIS F CD2 1 
ATOM   991  C  CE1 . HIS F  1 17 ? -1.806  -2.563  -11.764 1.00 38.61 ?  37  HIS F CE1 1 
ATOM   992  N  NE2 . HIS F  1 17 ? -2.576  -1.518  -11.518 1.00 36.30 ?  37  HIS F NE2 1 
ATOM   993  N  N   . LEU F  1 18 ? -3.136  -2.494  -6.273  1.00 32.87 ?  38  LEU F N   1 
ATOM   994  C  CA  . LEU F  1 18 ? -4.475  -2.947  -5.914  1.00 32.02 ?  38  LEU F CA  1 
ATOM   995  C  C   . LEU F  1 18 ? -5.226  -1.870  -5.148  1.00 32.03 ?  38  LEU F C   1 
ATOM   996  O  O   . LEU F  1 18 ? -6.397  -1.595  -5.442  1.00 29.07 ?  38  LEU F O   1 
ATOM   997  C  CB  . LEU F  1 18 ? -4.406  -4.219  -5.062  1.00 31.81 ?  38  LEU F CB  1 
ATOM   998  C  CG  . LEU F  1 18 ? -5.781  -4.756  -4.645  1.00 30.30 ?  38  LEU F CG  1 
ATOM   999  C  CD1 . LEU F  1 18 ? -6.653  -5.166  -5.857  1.00 31.45 ?  38  LEU F CD1 1 
ATOM   1000 C  CD2 . LEU F  1 18 ? -5.677  -5.871  -3.611  1.00 34.65 ?  38  LEU F CD2 1 
ATOM   1001 N  N   . ILE F  1 19 ? -4.557  -1.239  -4.169  1.00 31.14 ?  39  ILE F N   1 
ATOM   1002 C  CA  . ILE F  1 19 ? -5.210  -0.199  -3.373  1.00 31.05 ?  39  ILE F CA  1 
ATOM   1003 C  C   . ILE F  1 19 ? -5.673  0.950   -4.261  1.00 31.99 ?  39  ILE F C   1 
ATOM   1004 O  O   . ILE F  1 19 ? -6.825  1.402   -4.183  1.00 34.56 ?  39  ILE F O   1 
ATOM   1005 C  CB  . ILE F  1 19 ? -4.271  0.297   -2.269  1.00 38.46 ?  39  ILE F CB  1 
ATOM   1006 C  CG1 . ILE F  1 19 ? -3.952  -0.822  -1.278  1.00 32.82 ?  39  ILE F CG1 1 
ATOM   1007 C  CG2 . ILE F  1 19 ? -4.869  1.557   -1.568  1.00 37.18 ?  39  ILE F CG2 1 
ATOM   1008 C  CD1 . ILE F  1 19 ? -2.917  -0.345  -0.232  1.00 39.12 ?  39  ILE F CD1 1 
ATOM   1009 N  N   . LEU F  1 20 ? -4.773  1.452   -5.111  1.00 31.62 ?  40  LEU F N   1 
ATOM   1010 C  CA  . LEU F  1 20 ? -5.120  2.577   -5.968  1.00 31.20 ?  40  LEU F CA  1 
ATOM   1011 C  C   . LEU F  1 20 ? -6.216  2.180   -6.945  1.00 29.73 ?  40  LEU F C   1 
ATOM   1012 O  O   . LEU F  1 20 ? -7.137  2.956   -7.220  1.00 30.88 ?  40  LEU F O   1 
ATOM   1013 C  CB  . LEU F  1 20 ? -3.869  3.068   -6.718  1.00 34.03 ?  40  LEU F CB  1 
ATOM   1014 C  CG  . LEU F  1 20 ? -2.661  3.692   -5.974  1.00 33.30 ?  40  LEU F CG  1 
ATOM   1015 C  CD1 . LEU F  1 20 ? -1.501  3.996   -6.899  1.00 28.49 ?  40  LEU F CD1 1 
ATOM   1016 C  CD2 . LEU F  1 20 ? -3.053  4.959   -5.239  1.00 33.86 ?  40  LEU F CD2 1 
ATOM   1017 N  N   . TRP F  1 21 ? -6.162  0.957   -7.454  1.00 28.10 ?  41  TRP F N   1 
ATOM   1018 C  CA  . TRP F  1 21 ? -7.157  0.539   -8.430  1.00 35.01 ?  41  TRP F CA  1 
ATOM   1019 C  C   . TRP F  1 21 ? -8.538  0.436   -7.796  1.00 35.29 ?  41  TRP F C   1 
ATOM   1020 O  O   . TRP F  1 21 ? -9.531  0.862   -8.395  1.00 34.58 ?  41  TRP F O   1 
ATOM   1021 C  CB  . TRP F  1 21 ? -6.746  -0.792  -9.067  1.00 32.58 ?  41  TRP F CB  1 
ATOM   1022 C  CG  . TRP F  1 21 ? -7.774  -1.322  -9.995  1.00 35.99 ?  41  TRP F CG  1 
ATOM   1023 C  CD1 . TRP F  1 21 ? -7.935  -0.992  -11.298 1.00 33.46 ?  41  TRP F CD1 1 
ATOM   1024 C  CD2 . TRP F  1 21 ? -8.832  -2.244  -9.675  1.00 37.87 ?  41  TRP F CD2 1 
ATOM   1025 N  NE1 . TRP F  1 21 ? -9.020  -1.658  -11.821 1.00 42.98 ?  41  TRP F NE1 1 
ATOM   1026 C  CE2 . TRP F  1 21 ? -9.591  -2.423  -10.833 1.00 40.49 ?  41  TRP F CE2 1 
ATOM   1027 C  CE3 . TRP F  1 21 ? -9.211  -2.924  -8.514  1.00 39.92 ?  41  TRP F CE3 1 
ATOM   1028 C  CZ2 . TRP F  1 21 ? -10.697 -3.274  -10.876 1.00 40.77 ?  41  TRP F CZ2 1 
ATOM   1029 C  CZ3 . TRP F  1 21 ? -10.314 -3.748  -8.551  1.00 39.91 ?  41  TRP F CZ3 1 
ATOM   1030 C  CH2 . TRP F  1 21 ? -11.041 -3.918  -9.725  1.00 43.96 ?  41  TRP F CH2 1 
ATOM   1031 N  N   . ILE F  1 22 ? -8.617  -0.131  -6.592  1.00 33.46 ?  42  ILE F N   1 
ATOM   1032 C  CA  . ILE F  1 22 ? -9.892  -0.192  -5.880  1.00 37.41 ?  42  ILE F CA  1 
ATOM   1033 C  C   . ILE F  1 22 ? -10.409 1.215   -5.592  1.00 42.33 ?  42  ILE F C   1 
ATOM   1034 O  O   . ILE F  1 22 ? -11.599 1.508   -5.784  1.00 44.21 ?  42  ILE F O   1 
ATOM   1035 C  CB  . ILE F  1 22 ? -9.739  -1.007  -4.584  1.00 37.02 ?  42  ILE F CB  1 
ATOM   1036 C  CG1 . ILE F  1 22 ? -9.569  -2.489  -4.892  1.00 31.73 ?  42  ILE F CG1 1 
ATOM   1037 C  CG2 . ILE F  1 22 ? -10.962 -0.808  -3.676  1.00 41.53 ?  42  ILE F CG2 1 
ATOM   1038 C  CD1 . ILE F  1 22 ? -9.370  -3.298  -3.646  1.00 34.87 ?  42  ILE F CD1 1 
ATOM   1039 N  N   . LEU F  1 23 ? -9.530  2.116   -5.135  1.00 37.03 ?  43  LEU F N   1 
ATOM   1040 C  CA  . LEU F  1 23 ? -10.011 3.465   -4.870  1.00 40.27 ?  43  LEU F CA  1 
ATOM   1041 C  C   . LEU F  1 23 ? -10.493 4.147   -6.145  1.00 43.57 ?  43  LEU F C   1 
ATOM   1042 O  O   . LEU F  1 23 ? -11.449 4.931   -6.106  1.00 47.25 ?  43  LEU F O   1 
ATOM   1043 C  CB  . LEU F  1 23 ? -8.938  4.305   -4.174  1.00 44.47 ?  43  LEU F CB  1 
ATOM   1044 C  CG  . LEU F  1 23 ? -8.617  3.968   -2.712  1.00 46.36 ?  43  LEU F CG  1 
ATOM   1045 C  CD1 . LEU F  1 23 ? -7.463  4.820   -2.196  1.00 41.15 ?  43  LEU F CD1 1 
ATOM   1046 C  CD2 . LEU F  1 23 ? -9.867  4.154   -1.846  1.00 43.63 ?  43  LEU F CD2 1 
ATOM   1047 N  N   . ASP F  1 24 ? -9.865  3.867   -7.284  1.00 42.30 ?  44  ASP F N   1 
ATOM   1048 C  CA  . ASP F  1 24 ? -10.339 4.476   -8.521  1.00 49.63 ?  44  ASP F CA  1 
ATOM   1049 C  C   . ASP F  1 24 ? -11.655 3.868   -8.990  1.00 46.60 ?  44  ASP F C   1 
ATOM   1050 O  O   . ASP F  1 24 ? -12.536 4.583   -9.471  1.00 48.28 ?  44  ASP F O   1 
ATOM   1051 C  CB  . ASP F  1 24 ? -9.275  4.386   -9.615  1.00 46.75 ?  44  ASP F CB  1 
ATOM   1052 C  CG  . ASP F  1 24 ? -9.806  4.826   -10.975 1.00 48.03 ?  44  ASP F CG  1 
ATOM   1053 O  OD1 . ASP F  1 24 ? -10.253 5.986   -11.108 1.00 53.76 ?  44  ASP F OD1 1 
ATOM   1054 O  OD2 . ASP F  1 24 ? -9.731  4.027   -11.929 1.00 49.77 -1 44  ASP F OD2 1 
ATOM   1055 N  N   . ARG F  1 25 ? -11.825 2.562   -8.843  1.00 47.10 ?  45  ARG F N   1 
ATOM   1056 C  CA  . ARG F  1 25 ? -13.079 1.970   -9.303  1.00 53.04 ?  45  ARG F CA  1 
ATOM   1057 C  C   . ARG F  1 25 ? -14.245 2.393   -8.417  1.00 57.13 ?  45  ARG F C   1 
ATOM   1058 O  O   . ARG F  1 25 ? -15.351 2.634   -8.915  1.00 59.83 ?  45  ARG F O   1 
ATOM   1059 C  CB  . ARG F  1 25 ? -12.960 0.454   -9.352  1.00 47.44 ?  45  ARG F CB  1 
ATOM   1060 C  CG  . ARG F  1 25 ? -11.930 -0.017  -10.345 1.00 52.88 ?  45  ARG F CG  1 
ATOM   1061 C  CD  . ARG F  1 25 ? -12.207 0.380   -11.782 1.00 50.84 ?  45  ARG F CD  1 
ATOM   1062 N  NE  . ARG F  1 25 ? -13.460 -0.172  -12.271 1.00 66.72 ?  45  ARG F NE  1 
ATOM   1063 C  CZ  . ARG F  1 25 ? -14.209 0.378   -13.217 1.00 74.64 ?  45  ARG F CZ  1 
ATOM   1064 N  NH1 . ARG F  1 25 ? -13.773 1.460   -13.839 1.00 71.89 1  45  ARG F NH1 1 
ATOM   1065 N  NH2 . ARG F  1 25 ? -15.348 -0.212  -13.596 1.00 77.94 ?  45  ARG F NH2 1 
ATOM   1066 N  N   . LEU F  1 26 ? -14.013 2.508   -7.111  1.00 53.86 ?  46  LEU F N   1 
ATOM   1067 C  CA  . LEU F  1 26 ? -15.050 2.975   -6.192  1.00 56.09 ?  46  LEU F CA  1 
ATOM   1068 C  C   . LEU F  1 26 ? -15.300 4.467   -6.419  1.00 60.01 ?  46  LEU F C   1 
ATOM   1069 O  O   . LEU F  1 26 ? -16.340 4.856   -6.955  1.00 63.69 ?  46  LEU F O   1 
ATOM   1070 C  CB  . LEU F  1 26 ? -14.660 2.710   -4.736  1.00 54.74 ?  46  LEU F CB  1 
ATOM   1071 C  CG  . LEU F  1 26 ? -14.619 1.247   -4.304  1.00 54.33 ?  46  LEU F CG  1 
ATOM   1072 C  CD1 . LEU F  1 26 ? -14.178 1.111   -2.861  1.00 51.20 ?  46  LEU F CD1 1 
ATOM   1073 C  CD2 . LEU F  1 26 ? -15.989 0.625   -4.499  1.00 58.98 ?  46  LEU F CD2 1 
HETATM 1074 N  N   . NH2 F  1 27 ? -14.342 5.301   -6.015  1.00 59.49 ?  47  NH2 F N   1 
ATOM   1075 N  N   . ASP G  1 4  ? 15.706  -16.256 -10.046 1.00 70.53 ?  24  ASP G N   1 
ATOM   1076 C  CA  . ASP G  1 4  ? 14.540  -16.710 -10.792 1.00 60.48 ?  24  ASP G CA  1 
ATOM   1077 C  C   . ASP G  1 4  ? 14.171  -15.756 -11.914 1.00 56.84 ?  24  ASP G C   1 
ATOM   1078 O  O   . ASP G  1 4  ? 13.704  -14.650 -11.667 1.00 61.44 ?  24  ASP G O   1 
ATOM   1079 C  CB  . ASP G  1 4  ? 13.344  -16.867 -9.852  1.00 64.33 ?  24  ASP G CB  1 
ATOM   1080 C  CG  . ASP G  1 4  ? 12.123  -17.466 -10.538 1.00 70.61 ?  24  ASP G CG  1 
ATOM   1081 O  OD1 . ASP G  1 4  ? 12.177  -17.734 -11.760 1.00 66.42 ?  24  ASP G OD1 1 
ATOM   1082 O  OD2 . ASP G  1 4  ? 11.092  -17.650 -9.855  1.00 72.14 -1 24  ASP G OD2 1 
ATOM   1083 N  N   . PRO G  1 5  ? 14.346  -16.204 -13.155 1.00 54.98 ?  25  PRO G N   1 
ATOM   1084 C  CA  . PRO G  1 5  ? 13.988  -15.339 -14.289 1.00 55.50 ?  25  PRO G CA  1 
ATOM   1085 C  C   . PRO G  1 5  ? 12.515  -14.983 -14.321 1.00 51.05 ?  25  PRO G C   1 
ATOM   1086 O  O   . PRO G  1 5  ? 12.160  -13.877 -14.733 1.00 52.24 ?  25  PRO G O   1 
ATOM   1087 C  CB  . PRO G  1 5  ? 14.409  -16.171 -15.507 1.00 53.78 ?  25  PRO G CB  1 
ATOM   1088 C  CG  . PRO G  1 5  ? 14.492  -17.573 -15.009 1.00 62.25 ?  25  PRO G CG  1 
ATOM   1089 C  CD  . PRO G  1 5  ? 14.939  -17.476 -13.588 1.00 51.38 ?  25  PRO G CD  1 
ATOM   1090 N  N   . LEU G  1 6  ? 11.642  -15.903 -13.917 1.00 48.49 ?  26  LEU G N   1 
ATOM   1091 C  CA  . LEU G  1 6  ? 10.213  -15.612 -13.900 1.00 44.86 ?  26  LEU G CA  1 
ATOM   1092 C  C   . LEU G  1 6  ? 9.876   -14.532 -12.880 1.00 43.81 ?  26  LEU G C   1 
ATOM   1093 O  O   . LEU G  1 6  ? 9.068   -13.644 -13.158 1.00 43.51 ?  26  LEU G O   1 
ATOM   1094 C  CB  . LEU G  1 6  ? 9.417   -16.886 -13.625 1.00 43.12 ?  26  LEU G CB  1 
ATOM   1095 C  CG  . LEU G  1 6  ? 7.902   -16.709 -13.510 1.00 41.46 ?  26  LEU G CG  1 
ATOM   1096 C  CD1 . LEU G  1 6  ? 7.287   -16.175 -14.787 1.00 36.80 ?  26  LEU G CD1 1 
ATOM   1097 C  CD2 . LEU G  1 6  ? 7.225   -17.993 -13.070 1.00 39.42 ?  26  LEU G CD2 1 
ATOM   1098 N  N   . ALA G  1 7  ? 10.452  -14.612 -11.678 1.00 41.51 ?  27  ALA G N   1 
ATOM   1099 C  CA  . ALA G  1 7  ? 10.197  -13.576 -10.684 1.00 43.86 ?  27  ALA G CA  1 
ATOM   1100 C  C   . ALA G  1 7  ? 10.700  -12.223 -11.176 1.00 40.73 ?  27  ALA G C   1 
ATOM   1101 O  O   . ALA G  1 7  ? 10.027  -11.200 -11.003 1.00 36.13 ?  27  ALA G O   1 
ATOM   1102 C  CB  . ALA G  1 7  ? 10.851  -13.943 -9.351  1.00 46.81 ?  27  ALA G CB  1 
ATOM   1103 N  N   . VAL G  1 8  ? 11.870  -12.209 -11.819 1.00 42.13 ?  28  VAL G N   1 
ATOM   1104 C  CA  . VAL G  1 8  ? 12.411  -10.971 -12.384 1.00 39.89 ?  28  VAL G CA  1 
ATOM   1105 C  C   . VAL G  1 8  ? 11.469  -10.414 -13.450 1.00 35.66 ?  28  VAL G C   1 
ATOM   1106 O  O   . VAL G  1 8  ? 11.130  -9.225  -13.448 1.00 35.09 ?  28  VAL G O   1 
ATOM   1107 C  CB  . VAL G  1 8  ? 13.822  -11.221 -12.950 1.00 38.22 ?  28  VAL G CB  1 
ATOM   1108 C  CG1 . VAL G  1 8  ? 14.301  -10.018 -13.739 1.00 42.78 ?  28  VAL G CG1 1 
ATOM   1109 C  CG2 . VAL G  1 8  ? 14.793  -11.523 -11.824 1.00 35.77 ?  28  VAL G CG2 1 
ATOM   1110 N  N   . ALA G  1 9  ? 11.024  -11.268 -14.369 1.00 40.61 ?  29  ALA G N   1 
ATOM   1111 C  CA  . ALA G  1 9  ? 10.108  -10.820 -15.417 1.00 39.16 ?  29  ALA G CA  1 
ATOM   1112 C  C   . ALA G  1 9  ? 8.789   -10.313 -14.836 1.00 35.67 ?  29  ALA G C   1 
ATOM   1113 O  O   . ALA G  1 9  ? 8.264   -9.285  -15.271 1.00 36.92 ?  29  ALA G O   1 
ATOM   1114 C  CB  . ALA G  1 9  ? 9.863   -11.953 -16.417 1.00 37.23 ?  29  ALA G CB  1 
ATOM   1115 N  N   . ALA G  1 10 ? 8.253   -10.998 -13.834 1.00 35.82 ?  30  ALA G N   1 
ATOM   1116 C  CA  . ALA G  1 10 ? 6.972   -10.588 -13.275 1.00 33.46 ?  30  ALA G CA  1 
ATOM   1117 C  C   . ALA G  1 10 ? 7.100   -9.279  -12.515 1.00 31.61 ?  30  ALA G C   1 
ATOM   1118 O  O   . ALA G  1 10 ? 6.207   -8.433  -12.579 1.00 31.08 ?  30  ALA G O   1 
ATOM   1119 C  CB  . ALA G  1 10 ? 6.414   -11.697 -12.379 1.00 35.13 ?  30  ALA G CB  1 
ATOM   1120 N  N   . SER G  1 11 ? 8.216   -9.084  -11.820 1.00 33.08 ?  31  SER G N   1 
ATOM   1121 C  CA  . SER G  1 11 ? 8.461   -7.825  -11.123 1.00 35.69 ?  31  SER G CA  1 
ATOM   1122 C  C   . SER G  1 11 ? 8.596   -6.652  -12.093 1.00 35.01 ?  31  SER G C   1 
ATOM   1123 O  O   . SER G  1 11 ? 8.031   -5.565  -11.863 1.00 37.93 ?  31  SER G O   1 
ATOM   1124 C  CB  . SER G  1 11 ? 9.706   -7.960  -10.258 1.00 37.72 ?  31  SER G CB  1 
ATOM   1125 O  OG  . SER G  1 11 ? 9.545   -9.030  -9.342  1.00 39.77 ?  31  SER G OG  1 
ATOM   1126 N  N   . ILE G  1 12 ? 9.384   -6.831  -13.155 1.00 33.16 ?  32  ILE G N   1 
ATOM   1127 C  CA  . ILE G  1 12 ? 9.501   -5.795  -14.181 1.00 33.83 ?  32  ILE G CA  1 
ATOM   1128 C  C   . ILE G  1 12 ? 8.126   -5.461  -14.747 1.00 33.50 ?  32  ILE G C   1 
ATOM   1129 O  O   . ILE G  1 12 ? 7.780   -4.283  -14.939 1.00 35.19 ?  32  ILE G O   1 
ATOM   1130 C  CB  . ILE G  1 12 ? 10.478  -6.268  -15.278 1.00 35.98 ?  32  ILE G CB  1 
ATOM   1131 C  CG1 . ILE G  1 12 ? 11.873  -6.462  -14.690 1.00 32.42 ?  32  ILE G CG1 1 
ATOM   1132 C  CG2 . ILE G  1 12 ? 10.475  -5.336  -16.459 1.00 31.84 ?  32  ILE G CG2 1 
ATOM   1133 C  CD1 . ILE G  1 12 ? 12.824  -7.159  -15.598 1.00 28.41 ?  32  ILE G CD1 1 
ATOM   1134 N  N   . ILE G  1 13 ? 7.316   -6.500  -15.003 1.00 33.80 ?  33  ILE G N   1 
ATOM   1135 C  CA  . ILE G  1 13 ? 5.985   -6.325  -15.581 1.00 35.96 ?  33  ILE G CA  1 
ATOM   1136 C  C   . ILE G  1 13 ? 5.074   -5.592  -14.603 1.00 33.12 ?  33  ILE G C   1 
ATOM   1137 O  O   . ILE G  1 13 ? 4.237   -4.782  -15.003 1.00 34.50 ?  33  ILE G O   1 
ATOM   1138 C  CB  . ILE G  1 13 ? 5.399   -7.696  -15.990 1.00 36.58 ?  33  ILE G CB  1 
ATOM   1139 C  CG1 . ILE G  1 13 ? 6.077   -8.219  -17.255 1.00 38.23 ?  33  ILE G CG1 1 
ATOM   1140 C  CG2 . ILE G  1 13 ? 3.892   -7.638  -16.230 1.00 35.66 ?  33  ILE G CG2 1 
ATOM   1141 C  CD1 . ILE G  1 13 ? 5.969   -7.273  -18.406 1.00 42.69 ?  33  ILE G CD1 1 
ATOM   1142 N  N   . GLY G  1 14 ? 5.210   -5.859  -13.310 1.00 30.36 ?  34  GLY G N   1 
ATOM   1143 C  CA  . GLY G  1 14 ? 4.348   -5.185  -12.359 1.00 36.35 ?  34  GLY G CA  1 
ATOM   1144 C  C   . GLY G  1 14 ? 4.659   -3.705  -12.223 1.00 34.76 ?  34  GLY G C   1 
ATOM   1145 O  O   . GLY G  1 14 ? 3.752   -2.866  -12.174 1.00 35.09 ?  34  GLY G O   1 
ATOM   1146 N  N   . ILE G  1 15 ? 5.941   -3.364  -12.167 1.00 33.79 ?  35  ILE G N   1 
ATOM   1147 C  CA  . ILE G  1 15 ? 6.292   -1.952  -12.125 1.00 33.15 ?  35  ILE G CA  1 
ATOM   1148 C  C   . ILE G  1 15 ? 5.799   -1.244  -13.389 1.00 28.36 ?  35  ILE G C   1 
ATOM   1149 O  O   . ILE G  1 15 ? 5.096   -0.218  -13.314 1.00 29.41 ?  35  ILE G O   1 
ATOM   1150 C  CB  . ILE G  1 15 ? 7.803   -1.805  -11.863 1.00 34.03 ?  35  ILE G CB  1 
ATOM   1151 C  CG1 . ILE G  1 15 ? 8.082   -2.461  -10.499 1.00 31.15 ?  35  ILE G CG1 1 
ATOM   1152 C  CG2 . ILE G  1 15 ? 8.207   -0.342  -11.803 1.00 29.40 ?  35  ILE G CG2 1 
ATOM   1153 C  CD1 . ILE G  1 15 ? 9.511   -2.591  -10.098 1.00 32.11 ?  35  ILE G CD1 1 
ATOM   1154 N  N   . LEU G  1 16 ? 6.079   -1.818  -14.567 1.00 28.36 ?  36  LEU G N   1 
ATOM   1155 C  CA  . LEU G  1 16 ? 5.609   -1.196  -15.812 1.00 28.64 ?  36  LEU G CA  1 
ATOM   1156 C  C   . LEU G  1 16 ? 4.085   -1.097  -15.842 1.00 30.49 ?  36  LEU G C   1 
ATOM   1157 O  O   . LEU G  1 16 ? 3.538   -0.109  -16.349 1.00 30.21 ?  36  LEU G O   1 
ATOM   1158 C  CB  . LEU G  1 16 ? 6.085   -1.987  -17.036 1.00 29.60 ?  36  LEU G CB  1 
ATOM   1159 C  CG  . LEU G  1 16 ? 5.665   -1.449  -18.426 1.00 32.34 ?  36  LEU G CG  1 
ATOM   1160 C  CD1 . LEU G  1 16 ? 6.406   -0.139  -18.822 1.00 32.84 ?  36  LEU G CD1 1 
ATOM   1161 C  CD2 . LEU G  1 16 ? 5.709   -2.476  -19.581 1.00 37.79 ?  36  LEU G CD2 1 
ATOM   1162 N  N   . HIS G  1 17 ? 3.428   -2.121  -15.302 1.00 31.71 ?  37  HIS G N   1 
ATOM   1163 C  CA  . HIS G  1 17 ? 1.971   -2.182  -15.254 1.00 29.93 ?  37  HIS G CA  1 
ATOM   1164 C  C   . HIS G  1 17 ? 1.404   -1.020  -14.452 1.00 31.48 ?  37  HIS G C   1 
ATOM   1165 O  O   . HIS G  1 17 ? 0.527   -0.300  -14.929 1.00 31.65 ?  37  HIS G O   1 
ATOM   1166 C  CB  . HIS G  1 17 ? 1.507   -3.508  -14.645 1.00 30.95 ?  37  HIS G CB  1 
ATOM   1167 C  CG  . HIS G  1 17 ? 0.034   -3.745  -14.767 1.00 34.53 ?  37  HIS G CG  1 
ATOM   1168 N  ND1 . HIS G  1 17 ? -0.579  -4.878  -14.277 1.00 37.89 ?  37  HIS G ND1 1 
ATOM   1169 C  CD2 . HIS G  1 17 ? -0.947  -2.995  -15.320 1.00 30.18 ?  37  HIS G CD2 1 
ATOM   1170 C  CE1 . HIS G  1 17 ? -1.875  -4.816  -14.525 1.00 33.19 ?  37  HIS G CE1 1 
ATOM   1171 N  NE2 . HIS G  1 17 ? -2.124  -3.684  -15.157 1.00 30.52 ?  37  HIS G NE2 1 
ATOM   1172 N  N   . LEU G  1 18 ? 1.906   -0.832  -13.234 1.00 28.23 ?  38  LEU G N   1 
ATOM   1173 C  CA  . LEU G  1 18 ? 1.426   0.261   -12.408 1.00 29.64 ?  38  LEU G CA  1 
ATOM   1174 C  C   . LEU G  1 18 ? 1.668   1.598   -13.085 1.00 28.32 ?  38  LEU G C   1 
ATOM   1175 O  O   . LEU G  1 18 ? 0.789   2.471   -13.067 1.00 25.28 ?  38  LEU G O   1 
ATOM   1176 C  CB  . LEU G  1 18 ? 2.077   0.233   -11.019 1.00 34.16 ?  38  LEU G CB  1 
ATOM   1177 C  CG  . LEU G  1 18 ? 1.618   1.348   -10.064 1.00 30.97 ?  38  LEU G CG  1 
ATOM   1178 C  CD1 . LEU G  1 18 ? 0.122   1.312   -9.840  1.00 29.08 ?  38  LEU G CD1 1 
ATOM   1179 C  CD2 . LEU G  1 18 ? 2.307   1.198   -8.724  1.00 37.58 ?  38  LEU G CD2 1 
ATOM   1180 N  N   . ILE G  1 19 ? 2.863   1.780   -13.679 1.00 31.05 ?  39  ILE G N   1 
ATOM   1181 C  CA  . ILE G  1 19 ? 3.169   3.054   -14.331 1.00 28.69 ?  39  ILE G CA  1 
ATOM   1182 C  C   . ILE G  1 19 ? 2.188   3.311   -15.465 1.00 29.82 ?  39  ILE G C   1 
ATOM   1183 O  O   . ILE G  1 19 ? 1.587   4.389   -15.562 1.00 28.44 ?  39  ILE G O   1 
ATOM   1184 C  CB  . ILE G  1 19 ? 4.631   3.083   -14.826 1.00 33.32 ?  39  ILE G CB  1 
ATOM   1185 C  CG1 . ILE G  1 19 ? 5.607   3.034   -13.646 1.00 26.40 ?  39  ILE G CG1 1 
ATOM   1186 C  CG2 . ILE G  1 19 ? 4.895   4.330   -15.676 1.00 29.43 ?  39  ILE G CG2 1 
ATOM   1187 C  CD1 . ILE G  1 19 ? 7.033   2.877   -14.092 1.00 25.79 ?  39  ILE G CD1 1 
ATOM   1188 N  N   . LEU G  1 20 ? 2.020   2.324   -16.343 1.00 25.82 ?  40  LEU G N   1 
ATOM   1189 C  CA  . LEU G  1 20 ? 1.133   2.511   -17.483 1.00 30.52 ?  40  LEU G CA  1 
ATOM   1190 C  C   . LEU G  1 20 ? -0.309  2.681   -17.030 1.00 32.14 ?  40  LEU G C   1 
ATOM   1191 O  O   . LEU G  1 20 ? -1.082  3.406   -17.669 1.00 34.07 ?  40  LEU G O   1 
ATOM   1192 C  CB  . LEU G  1 20 ? 1.269   1.362   -18.483 1.00 31.02 ?  40  LEU G CB  1 
ATOM   1193 C  CG  . LEU G  1 20 ? 2.597   1.220   -19.257 1.00 35.04 ?  40  LEU G CG  1 
ATOM   1194 C  CD1 . LEU G  1 20 ? 2.591   -0.034  -20.172 1.00 28.44 ?  40  LEU G CD1 1 
ATOM   1195 C  CD2 . LEU G  1 20 ? 2.993   2.526   -20.034 1.00 28.03 ?  40  LEU G CD2 1 
ATOM   1196 N  N   . TRP G  1 21 ? -0.712  1.999   -15.953 1.00 30.63 ?  41  TRP G N   1 
ATOM   1197 C  CA  . TRP G  1 21 ? -2.088  2.147   -15.498 1.00 31.66 ?  41  TRP G CA  1 
ATOM   1198 C  C   . TRP G  1 21 ? -2.339  3.543   -14.952 1.00 30.58 ?  41  TRP G C   1 
ATOM   1199 O  O   . TRP G  1 21 ? -3.360  4.156   -15.269 1.00 34.24 ?  41  TRP G O   1 
ATOM   1200 C  CB  . TRP G  1 21 ? -2.442  1.078   -14.462 1.00 31.63 ?  41  TRP G CB  1 
ATOM   1201 C  CG  . TRP G  1 21 ? -3.793  1.323   -13.913 1.00 32.47 ?  41  TRP G CG  1 
ATOM   1202 C  CD1 . TRP G  1 21 ? -4.966  1.005   -14.497 1.00 32.70 ?  41  TRP G CD1 1 
ATOM   1203 C  CD2 . TRP G  1 21 ? -4.123  1.966   -12.669 1.00 33.17 ?  41  TRP G CD2 1 
ATOM   1204 N  NE1 . TRP G  1 21 ? -6.013  1.429   -13.725 1.00 35.51 ?  41  TRP G NE1 1 
ATOM   1205 C  CE2 . TRP G  1 21 ? -5.525  2.004   -12.583 1.00 32.46 ?  41  TRP G CE2 1 
ATOM   1206 C  CE3 . TRP G  1 21 ? -3.368  2.517   -11.626 1.00 34.52 ?  41  TRP G CE3 1 
ATOM   1207 C  CZ2 . TRP G  1 21 ? -6.198  2.546   -11.486 1.00 33.57 ?  41  TRP G CZ2 1 
ATOM   1208 C  CZ3 . TRP G  1 21 ? -4.044  3.059   -10.532 1.00 35.78 ?  41  TRP G CZ3 1 
ATOM   1209 C  CH2 . TRP G  1 21 ? -5.440  3.066   -10.476 1.00 33.28 ?  41  TRP G CH2 1 
ATOM   1210 N  N   . ILE G  1 22 ? -1.407  4.072   -14.151 1.00 29.15 ?  42  ILE G N   1 
ATOM   1211 C  CA  . ILE G  1 22 ? -1.534  5.442   -13.648 1.00 35.44 ?  42  ILE G CA  1 
ATOM   1212 C  C   . ILE G  1 22 ? -1.562  6.438   -14.806 1.00 39.83 ?  42  ILE G C   1 
ATOM   1213 O  O   . ILE G  1 22 ? -2.348  7.396   -14.804 1.00 39.09 ?  42  ILE G O   1 
ATOM   1214 C  CB  . ILE G  1 22 ? -0.378  5.762   -12.680 1.00 38.10 ?  42  ILE G CB  1 
ATOM   1215 C  CG1 . ILE G  1 22 ? -0.558  5.038   -11.349 1.00 31.73 ?  42  ILE G CG1 1 
ATOM   1216 C  CG2 . ILE G  1 22 ? -0.172  7.304   -12.519 1.00 33.81 ?  42  ILE G CG2 1 
ATOM   1217 C  CD1 . ILE G  1 22 ? 0.557   5.345   -10.404 1.00 33.42 ?  42  ILE G CD1 1 
ATOM   1218 N  N   . LEU G  1 23 ? -0.684  6.239   -15.799 1.00 36.86 ?  43  LEU G N   1 
ATOM   1219 C  CA  . LEU G  1 23 ? -0.643  7.129   -16.955 1.00 34.98 ?  43  LEU G CA  1 
ATOM   1220 C  C   . LEU G  1 23 ? -1.931  7.054   -17.765 1.00 37.39 ?  43  LEU G C   1 
ATOM   1221 O  O   . LEU G  1 23 ? -2.350  8.051   -18.367 1.00 41.10 ?  43  LEU G O   1 
ATOM   1222 C  CB  . LEU G  1 23 ? 0.547   6.775   -17.842 1.00 35.18 ?  43  LEU G CB  1 
ATOM   1223 C  CG  . LEU G  1 23 ? 1.906   7.061   -17.222 1.00 29.37 ?  43  LEU G CG  1 
ATOM   1224 C  CD1 . LEU G  1 23 ? 2.990   6.567   -18.161 1.00 33.77 ?  43  LEU G CD1 1 
ATOM   1225 C  CD2 . LEU G  1 23 ? 2.043   8.549   -16.910 1.00 35.62 ?  43  LEU G CD2 1 
ATOM   1226 N  N   . ASP G  1 24 ? -2.550  5.879   -17.838 1.00 38.97 ?  44  ASP G N   1 
ATOM   1227 C  CA  . ASP G  1 24 ? -3.828  5.799   -18.532 1.00 40.54 ?  44  ASP G CA  1 
ATOM   1228 C  C   . ASP G  1 24 ? -4.915  6.498   -17.729 1.00 43.33 ?  44  ASP G C   1 
ATOM   1229 O  O   . ASP G  1 24 ? -5.795  7.144   -18.306 1.00 48.54 ?  44  ASP G O   1 
ATOM   1230 C  CB  . ASP G  1 24 ? -4.185  4.342   -18.830 1.00 41.03 ?  44  ASP G CB  1 
ATOM   1231 C  CG  . ASP G  1 24 ? -5.601  4.181   -19.377 1.00 49.24 ?  44  ASP G CG  1 
ATOM   1232 O  OD1 . ASP G  1 24 ? -5.903  4.742   -20.449 1.00 49.22 ?  44  ASP G OD1 1 
ATOM   1233 O  OD2 . ASP G  1 24 ? -6.401  3.448   -18.755 1.00 48.65 -1 44  ASP G OD2 1 
ATOM   1234 N  N   . ARG G  1 25 ? -4.864  6.401   -16.398 1.00 40.49 ?  45  ARG G N   1 
ATOM   1235 C  CA  . ARG G  1 25 ? -5.879  7.051   -15.573 1.00 41.34 ?  45  ARG G CA  1 
ATOM   1236 C  C   . ARG G  1 25 ? -5.767  8.567   -15.629 1.00 45.62 ?  45  ARG G C   1 
ATOM   1237 O  O   . ARG G  1 25 ? -6.789  9.267   -15.633 1.00 43.35 ?  45  ARG G O   1 
ATOM   1238 C  CB  . ARG G  1 25 ? -5.781  6.574   -14.117 1.00 40.59 ?  45  ARG G CB  1 
ATOM   1239 C  CG  . ARG G  1 25 ? -6.212  5.148   -13.828 1.00 44.54 ?  45  ARG G CG  1 
ATOM   1240 C  CD  . ARG G  1 25 ? -7.698  5.020   -14.122 1.00 48.18 ?  45  ARG G CD  1 
ATOM   1241 N  NE  . ARG G  1 25 ? -7.944  4.769   -15.536 1.00 49.84 ?  45  ARG G NE  1 
ATOM   1242 C  CZ  . ARG G  1 25 ? -9.113  4.959   -16.130 1.00 55.52 ?  45  ARG G CZ  1 
ATOM   1243 N  NH1 . ARG G  1 25 ? -9.246  4.704   -17.426 1.00 58.72 1  45  ARG G NH1 1 
ATOM   1244 N  NH2 . ARG G  1 25 ? -10.127 5.456   -15.442 1.00 58.43 ?  45  ARG G NH2 1 
ATOM   1245 N  N   . LEU G  1 26 ? -4.542  9.090   -15.671 1.00 44.83 ?  46  LEU G N   1 
ATOM   1246 C  CA  . LEU G  1 26 ? -4.297  10.535  -15.734 1.00 46.48 ?  46  LEU G CA  1 
ATOM   1247 C  C   . LEU G  1 26 ? -4.682  11.120  -17.086 1.00 46.19 ?  46  LEU G C   1 
ATOM   1248 O  O   . LEU G  1 26 ? -5.050  12.287  -17.180 1.00 49.60 ?  46  LEU G O   1 
ATOM   1249 C  CB  . LEU G  1 26 ? -2.826  10.838  -15.459 1.00 46.01 ?  46  LEU G CB  1 
ATOM   1250 C  CG  . LEU G  1 26 ? -2.261  10.556  -14.069 1.00 47.79 ?  46  LEU G CG  1 
ATOM   1251 C  CD1 . LEU G  1 26 ? -0.784  10.879  -14.059 1.00 45.11 ?  46  LEU G CD1 1 
ATOM   1252 C  CD2 . LEU G  1 26 ? -2.994  11.337  -12.989 1.00 55.87 ?  46  LEU G CD2 1 
HETATM 1253 N  N   . NH2 G  1 27 ? -4.576  10.303  -18.129 1.00 47.56 ?  47  NH2 G N   1 
ATOM   1254 N  N   . ASP H  1 4  ? 8.422   -22.086 -5.152  1.00 48.00 ?  24  ASP H N   1 
ATOM   1255 C  CA  . ASP H  1 4  ? 7.171   -21.789 -4.467  1.00 43.59 ?  24  ASP H CA  1 
ATOM   1256 C  C   . ASP H  1 4  ? 6.020   -21.629 -5.442  1.00 40.70 ?  24  ASP H C   1 
ATOM   1257 O  O   . ASP H  1 4  ? 6.008   -20.697 -6.250  1.00 39.88 ?  24  ASP H O   1 
ATOM   1258 C  CB  . ASP H  1 4  ? 7.296   -20.529 -3.628  1.00 45.24 ?  24  ASP H CB  1 
ATOM   1259 C  CG  . ASP H  1 4  ? 6.065   -20.274 -2.787  1.00 53.57 ?  24  ASP H CG  1 
ATOM   1260 O  OD1 . ASP H  1 4  ? 5.866   -20.969 -1.758  1.00 61.32 ?  24  ASP H OD1 1 
ATOM   1261 O  OD2 . ASP H  1 4  ? 5.269   -19.392 -3.177  1.00 57.45 -1 24  ASP H OD2 1 
ATOM   1262 N  N   . PRO H  1 5  ? 5.046   -22.539 -5.346  1.00 37.79 ?  25  PRO H N   1 
ATOM   1263 C  CA  . PRO H  1 5  ? 3.910   -22.508 -6.282  1.00 36.63 ?  25  PRO H CA  1 
ATOM   1264 C  C   . PRO H  1 5  ? 3.130   -21.217 -6.234  1.00 35.81 ?  25  PRO H C   1 
ATOM   1265 O  O   . PRO H  1 5  ? 2.585   -20.790 -7.261  1.00 36.92 ?  25  PRO H O   1 
ATOM   1266 C  CB  . PRO H  1 5  ? 3.054   -23.708 -5.836  1.00 36.39 ?  25  PRO H CB  1 
ATOM   1267 C  CG  . PRO H  1 5  ? 4.001   -24.613 -5.127  1.00 37.54 ?  25  PRO H CG  1 
ATOM   1268 C  CD  . PRO H  1 5  ? 4.980   -23.693 -4.433  1.00 43.50 ?  25  PRO H CD  1 
ATOM   1269 N  N   . LEU H  1 6  ? 3.014   -20.606 -5.055  1.00 34.41 ?  26  LEU H N   1 
ATOM   1270 C  CA  . LEU H  1 6  ? 2.311   -19.336 -4.964  1.00 34.24 ?  26  LEU H CA  1 
ATOM   1271 C  C   . LEU H  1 6  ? 3.060   -18.253 -5.731  1.00 37.76 ?  26  LEU H C   1 
ATOM   1272 O  O   . LEU H  1 6  ? 2.448   -17.453 -6.448  1.00 32.69 ?  26  LEU H O   1 
ATOM   1273 C  CB  . LEU H  1 6  ? 2.124   -18.930 -3.504  1.00 39.63 ?  26  LEU H CB  1 
ATOM   1274 C  CG  . LEU H  1 6  ? 1.388   -17.590 -3.376  1.00 38.91 ?  26  LEU H CG  1 
ATOM   1275 C  CD1 . LEU H  1 6  ? -0.025  -17.705 -3.989  1.00 35.07 ?  26  LEU H CD1 1 
ATOM   1276 C  CD2 . LEU H  1 6  ? 1.330   -17.073 -1.952  1.00 41.37 ?  26  LEU H CD2 1 
ATOM   1277 N  N   . ALA H  1 7  ? 4.393   -18.210 -5.582  1.00 33.54 ?  27  ALA H N   1 
ATOM   1278 C  CA  . ALA H  1 7  ? 5.186   -17.226 -6.309  1.00 34.77 ?  27  ALA H CA  1 
ATOM   1279 C  C   . ALA H  1 7  ? 5.080   -17.446 -7.807  1.00 34.88 ?  27  ALA H C   1 
ATOM   1280 O  O   . ALA H  1 7  ? 4.910   -16.487 -8.571  1.00 31.40 ?  27  ALA H O   1 
ATOM   1281 C  CB  . ALA H  1 7  ? 6.651   -17.299 -5.882  1.00 32.37 ?  27  ALA H CB  1 
ATOM   1282 N  N   . VAL H  1 8  ? 5.136   -18.714 -8.234  1.00 33.40 ?  28  VAL H N   1 
ATOM   1283 C  CA  . VAL H  1 8  ? 5.060   -19.047 -9.655  1.00 36.49 ?  28  VAL H CA  1 
ATOM   1284 C  C   . VAL H  1 8  ? 3.716   -18.617 -10.226 1.00 35.81 ?  28  VAL H C   1 
ATOM   1285 O  O   . VAL H  1 8  ? 3.648   -17.929 -11.260 1.00 36.10 ?  28  VAL H O   1 
ATOM   1286 C  CB  . VAL H  1 8  ? 5.299   -20.558 -9.859  1.00 36.06 ?  28  VAL H CB  1 
ATOM   1287 C  CG1 . VAL H  1 8  ? 5.062   -20.970 -11.318 1.00 33.63 ?  28  VAL H CG1 1 
ATOM   1288 C  CG2 . VAL H  1 8  ? 6.692   -20.967 -9.372  1.00 31.91 ?  28  VAL H CG2 1 
ATOM   1289 N  N   . ALA H  1 9  ? 2.629   -19.013 -9.553  1.00 33.25 ?  29  ALA H N   1 
ATOM   1290 C  CA  . ALA H  1 9  ? 1.296   -18.633 -10.003 1.00 33.52 ?  29  ALA H CA  1 
ATOM   1291 C  C   . ALA H  1 9  ? 1.135   -17.122 -10.009 1.00 32.80 ?  29  ALA H C   1 
ATOM   1292 O  O   . ALA H  1 9  ? 0.540   -16.565 -10.936 1.00 34.92 ?  29  ALA H O   1 
ATOM   1293 C  CB  . ALA H  1 9  ? 0.224   -19.289 -9.127  1.00 33.89 ?  29  ALA H CB  1 
ATOM   1294 N  N   . ALA H  1 10 ? 1.683   -16.430 -9.005  1.00 34.47 ?  30  ALA H N   1 
ATOM   1295 C  CA  . ALA H  1 10 ? 1.514   -14.987 -8.950  1.00 33.27 ?  30  ALA H CA  1 
ATOM   1296 C  C   . ALA H  1 10 ? 2.246   -14.306 -10.101 1.00 35.04 ?  30  ALA H C   1 
ATOM   1297 O  O   . ALA H  1 10 ? 1.730   -13.349 -10.689 1.00 31.17 ?  30  ALA H O   1 
ATOM   1298 C  CB  . ALA H  1 10 ? 2.000   -14.467 -7.603  1.00 31.82 ?  30  ALA H CB  1 
ATOM   1299 N  N   . SER H  1 11 ? 3.420   -14.831 -10.464 1.00 35.91 ?  31  SER H N   1 
ATOM   1300 C  CA  . SER H  1 11 ? 4.171   -14.311 -11.602 1.00 35.00 ?  31  SER H CA  1 
ATOM   1301 C  C   . SER H  1 11 ? 3.432   -14.519 -12.923 1.00 34.36 ?  31  SER H C   1 
ATOM   1302 O  O   . SER H  1 11 ? 3.246   -13.574 -13.713 1.00 31.85 ?  31  SER H O   1 
ATOM   1303 C  CB  . SER H  1 11 ? 5.527   -14.997 -11.648 1.00 35.97 ?  31  SER H CB  1 
ATOM   1304 O  OG  . SER H  1 11 ? 6.203   -14.809 -10.421 1.00 33.14 ?  31  SER H OG  1 
ATOM   1305 N  N   . ILE H  1 12 ? 2.994   -15.753 -13.177 1.00 32.77 ?  32  ILE H N   1 
ATOM   1306 C  CA  . ILE H  1 12 ? 2.221   -16.005 -14.395 1.00 35.21 ?  32  ILE H CA  1 
ATOM   1307 C  C   . ILE H  1 12 ? 0.994   -15.102 -14.427 1.00 38.07 ?  32  ILE H C   1 
ATOM   1308 O  O   . ILE H  1 12 ? 0.633   -14.554 -15.483 1.00 37.36 ?  32  ILE H O   1 
ATOM   1309 C  CB  . ILE H  1 12 ? 1.835   -17.497 -14.495 1.00 40.07 ?  32  ILE H CB  1 
ATOM   1310 C  CG1 . ILE H  1 12 ? 3.076   -18.392 -14.592 1.00 34.79 ?  32  ILE H CG1 1 
ATOM   1311 C  CG2 . ILE H  1 12 ? 0.835   -17.756 -15.636 1.00 36.54 ?  32  ILE H CG2 1 
ATOM   1312 C  CD1 . ILE H  1 12 ? 2.735   -19.873 -14.465 1.00 32.27 ?  32  ILE H CD1 1 
ATOM   1313 N  N   . ILE H  1 13 ? 0.347   -14.917 -13.264 1.00 35.98 ?  33  ILE H N   1 
ATOM   1314 C  CA  . ILE H  1 13 ? -0.888  -14.140 -13.186 1.00 37.10 ?  33  ILE H CA  1 
ATOM   1315 C  C   . ILE H  1 13 ? -0.636  -12.673 -13.477 1.00 35.34 ?  33  ILE H C   1 
ATOM   1316 O  O   . ILE H  1 13 ? -1.413  -12.035 -14.191 1.00 38.56 ?  33  ILE H O   1 
ATOM   1317 C  CB  . ILE H  1 13 ? -1.557  -14.313 -11.805 1.00 39.87 ?  33  ILE H CB  1 
ATOM   1318 C  CG1 . ILE H  1 13 ? -2.242  -15.675 -11.673 1.00 33.87 ?  33  ILE H CG1 1 
ATOM   1319 C  CG2 . ILE H  1 13 ? -2.599  -13.247 -11.592 1.00 37.74 ?  33  ILE H CG2 1 
ATOM   1320 C  CD1 . ILE H  1 13 ? -3.258  -15.892 -12.706 1.00 40.82 ?  33  ILE H CD1 1 
ATOM   1321 N  N   . GLY H  1 14 ? 0.469   -12.122 -12.974 1.00 41.06 ?  34  GLY H N   1 
ATOM   1322 C  CA  . GLY H  1 14 ? 0.768   -10.716 -13.227 1.00 41.67 ?  34  GLY H CA  1 
ATOM   1323 C  C   . GLY H  1 14 ? 1.083   -10.462 -14.686 1.00 36.51 ?  34  GLY H C   1 
ATOM   1324 O  O   . GLY H  1 14 ? 0.642   -9.462  -15.270 1.00 38.86 ?  34  GLY H O   1 
ATOM   1325 N  N   . ILE H  1 15 ? 1.822   -11.384 -15.301 1.00 37.90 ?  35  ILE H N   1 
ATOM   1326 C  CA  . ILE H  1 15 ? 2.106   -11.293 -16.730 1.00 39.37 ?  35  ILE H CA  1 
ATOM   1327 C  C   . ILE H  1 15 ? 0.820   -11.320 -17.549 1.00 36.16 ?  35  ILE H C   1 
ATOM   1328 O  O   . ILE H  1 15 ? 0.580   -10.452 -18.408 1.00 35.92 ?  35  ILE H O   1 
ATOM   1329 C  CB  . ILE H  1 15 ? 3.061   -12.429 -17.125 1.00 39.25 ?  35  ILE H CB  1 
ATOM   1330 C  CG1 . ILE H  1 15 ? 4.383   -12.218 -16.371 1.00 38.99 ?  35  ILE H CG1 1 
ATOM   1331 C  CG2 . ILE H  1 15 ? 3.192   -12.513 -18.636 1.00 38.67 ?  35  ILE H CG2 1 
ATOM   1332 C  CD1 . ILE H  1 15 ? 5.358   -13.332 -16.502 1.00 44.19 ?  35  ILE H CD1 1 
ATOM   1333 N  N   . LEU H  1 16 ? -0.043  -12.301 -17.278 1.00 34.59 ?  36  LEU H N   1 
ATOM   1334 C  CA  . LEU H  1 16 ? -1.311  -12.377 -17.997 1.00 35.20 ?  36  LEU H CA  1 
ATOM   1335 C  C   . LEU H  1 16 ? -2.155  -11.133 -17.753 1.00 36.69 ?  36  LEU H C   1 
ATOM   1336 O  O   . LEU H  1 16 ? -2.864  -10.664 -18.650 1.00 35.03 ?  36  LEU H O   1 
ATOM   1337 C  CB  . LEU H  1 16 ? -2.082  -13.622 -17.559 1.00 34.52 ?  36  LEU H CB  1 
ATOM   1338 C  CG  . LEU H  1 16 ? -3.434  -13.912 -18.191 1.00 30.14 ?  36  LEU H CG  1 
ATOM   1339 C  CD1 . LEU H  1 16 ? -3.229  -14.314 -19.631 1.00 32.40 ?  36  LEU H CD1 1 
ATOM   1340 C  CD2 . LEU H  1 16 ? -4.210  -14.967 -17.409 1.00 31.85 ?  36  LEU H CD2 1 
ATOM   1341 N  N   . HIS H  1 17 ? -2.096  -10.589 -16.533 1.00 35.59 ?  37  HIS H N   1 
ATOM   1342 C  CA  . HIS H  1 17 ? -2.895  -9.420  -16.184 1.00 34.61 ?  37  HIS H CA  1 
ATOM   1343 C  C   . HIS H  1 17 ? -2.480  -8.221  -17.016 1.00 31.97 ?  37  HIS H C   1 
ATOM   1344 O  O   . HIS H  1 17 ? -3.330  -7.517  -17.564 1.00 31.41 ?  37  HIS H O   1 
ATOM   1345 C  CB  . HIS H  1 17 ? -2.757  -9.143  -14.676 1.00 37.47 ?  37  HIS H CB  1 
ATOM   1346 C  CG  . HIS H  1 17 ? -3.669  -8.074  -14.144 1.00 39.57 ?  37  HIS H CG  1 
ATOM   1347 N  ND1 . HIS H  1 17 ? -3.668  -7.693  -12.816 1.00 41.73 ?  37  HIS H ND1 1 
ATOM   1348 C  CD2 . HIS H  1 17 ? -4.586  -7.289  -14.756 1.00 40.30 ?  37  HIS H CD2 1 
ATOM   1349 C  CE1 . HIS H  1 17 ? -4.566  -6.741  -12.631 1.00 35.11 ?  37  HIS H CE1 1 
ATOM   1350 N  NE2 . HIS H  1 17 ? -5.133  -6.474  -13.793 1.00 38.21 ?  37  HIS H NE2 1 
ATOM   1351 N  N   . LEU H  1 18 ? -1.169  -7.984  -17.136 1.00 33.43 ?  38  LEU H N   1 
ATOM   1352 C  CA  . LEU H  1 18 ? -0.711  -6.881  -17.976 1.00 28.13 ?  38  LEU H CA  1 
ATOM   1353 C  C   . LEU H  1 18 ? -1.096  -7.099  -19.437 1.00 29.24 ?  38  LEU H C   1 
ATOM   1354 O  O   . LEU H  1 18 ? -1.603  -6.181  -20.093 1.00 29.22 ?  38  LEU H O   1 
ATOM   1355 C  CB  . LEU H  1 18 ? 0.795   -6.691  -17.848 1.00 29.09 ?  38  LEU H CB  1 
ATOM   1356 C  CG  . LEU H  1 18 ? 1.237   -5.514  -18.731 1.00 30.80 ?  38  LEU H CG  1 
ATOM   1357 C  CD1 . LEU H  1 18 ? 0.563   -4.202  -18.322 1.00 27.17 ?  38  LEU H CD1 1 
ATOM   1358 C  CD2 . LEU H  1 18 ? 2.745   -5.348  -18.704 1.00 37.31 ?  38  LEU H CD2 1 
ATOM   1359 N  N   . ILE H  1 19 ? -0.883  -8.315  -19.970 1.00 27.16 ?  39  ILE H N   1 
ATOM   1360 C  CA  . ILE H  1 19 ? -1.232  -8.555  -21.370 1.00 28.38 ?  39  ILE H CA  1 
ATOM   1361 C  C   . ILE H  1 19 ? -2.717  -8.302  -21.613 1.00 33.47 ?  39  ILE H C   1 
ATOM   1362 O  O   . ILE H  1 19 ? -3.098  -7.577  -22.550 1.00 33.42 ?  39  ILE H O   1 
ATOM   1363 C  CB  . ILE H  1 19 ? -0.836  -9.974  -21.818 1.00 32.24 ?  39  ILE H CB  1 
ATOM   1364 C  CG1 . ILE H  1 19 ? 0.683   -10.141 -21.825 1.00 36.80 ?  39  ILE H CG1 1 
ATOM   1365 C  CG2 . ILE H  1 19 ? -1.386  -10.254 -23.211 1.00 29.60 ?  39  ILE H CG2 1 
ATOM   1366 C  CD1 . ILE H  1 19 ? 1.122   -11.547 -22.197 1.00 34.93 ?  39  ILE H CD1 1 
ATOM   1367 N  N   . LEU H  1 20 ? -3.577  -8.909  -20.780 1.00 29.93 ?  40  LEU H N   1 
ATOM   1368 C  CA  . LEU H  1 20 ? -5.016  -8.785  -20.969 1.00 28.15 ?  40  LEU H CA  1 
ATOM   1369 C  C   . LEU H  1 20 ? -5.470  -7.359  -20.764 1.00 30.87 ?  40  LEU H C   1 
ATOM   1370 O  O   . LEU H  1 20 ? -6.360  -6.879  -21.479 1.00 32.78 ?  40  LEU H O   1 
ATOM   1371 C  CB  . LEU H  1 20 ? -5.777  -9.700  -20.010 1.00 29.14 ?  40  LEU H CB  1 
ATOM   1372 C  CG  . LEU H  1 20 ? -5.673  -11.218 -20.206 1.00 34.54 ?  40  LEU H CG  1 
ATOM   1373 C  CD1 . LEU H  1 20 ? -6.436  -11.961 -19.092 1.00 35.24 ?  40  LEU H CD1 1 
ATOM   1374 C  CD2 . LEU H  1 20 ? -6.206  -11.616 -21.583 1.00 27.12 ?  40  LEU H CD2 1 
ATOM   1375 N  N   . TRP H  1 21 ? -4.880  -6.666  -19.792 1.00 30.33 ?  41  TRP H N   1 
ATOM   1376 C  CA  . TRP H  1 21 ? -5.297  -5.301  -19.546 1.00 32.24 ?  41  TRP H CA  1 
ATOM   1377 C  C   . TRP H  1 21 ? -4.919  -4.404  -20.714 1.00 33.17 ?  41  TRP H C   1 
ATOM   1378 O  O   . TRP H  1 21 ? -5.718  -3.563  -21.130 1.00 35.70 ?  41  TRP H O   1 
ATOM   1379 C  CB  . TRP H  1 21 ? -4.697  -4.811  -18.232 1.00 33.63 ?  41  TRP H CB  1 
ATOM   1380 C  CG  . TRP H  1 21 ? -4.991  -3.383  -17.950 1.00 37.20 ?  41  TRP H CG  1 
ATOM   1381 C  CD1 . TRP H  1 21 ? -6.131  -2.870  -17.397 1.00 37.31 ?  41  TRP H CD1 1 
ATOM   1382 C  CD2 . TRP H  1 21 ? -4.133  -2.268  -18.215 1.00 36.18 ?  41  TRP H CD2 1 
ATOM   1383 N  NE1 . TRP H  1 21 ? -6.032  -1.499  -17.296 1.00 39.68 ?  41  TRP H NE1 1 
ATOM   1384 C  CE2 . TRP H  1 21 ? -4.815  -1.104  -17.792 1.00 38.12 ?  41  TRP H CE2 1 
ATOM   1385 C  CE3 . TRP H  1 21 ? -2.850  -2.140  -18.758 1.00 36.07 ?  41  TRP H CE3 1 
ATOM   1386 C  CZ2 . TRP H  1 21 ? -4.258  0.175   -17.901 1.00 38.33 ?  41  TRP H CZ2 1 
ATOM   1387 C  CZ3 . TRP H  1 21 ? -2.298  -0.862  -18.875 1.00 38.77 ?  41  TRP H CZ3 1 
ATOM   1388 C  CH2 . TRP H  1 21 ? -3.003  0.276   -18.443 1.00 38.71 ?  41  TRP H CH2 1 
ATOM   1389 N  N   . ILE H  1 22 ? -3.712  -4.571  -21.267 1.00 30.20 ?  42  ILE H N   1 
ATOM   1390 C  CA  . ILE H  1 22 ? -3.342  -3.781  -22.435 1.00 35.19 ?  42  ILE H CA  1 
ATOM   1391 C  C   . ILE H  1 22 ? -4.274  -4.077  -23.601 1.00 39.05 ?  42  ILE H C   1 
ATOM   1392 O  O   . ILE H  1 22 ? -4.800  -3.161  -24.244 1.00 40.19 ?  42  ILE H O   1 
ATOM   1393 C  CB  . ILE H  1 22 ? -1.876  -4.042  -22.831 1.00 40.34 ?  42  ILE H CB  1 
ATOM   1394 C  CG1 . ILE H  1 22 ? -0.914  -3.350  -21.874 1.00 33.42 ?  42  ILE H CG1 1 
ATOM   1395 C  CG2 . ILE H  1 22 ? -1.625  -3.621  -24.285 1.00 37.64 ?  42  ILE H CG2 1 
ATOM   1396 C  CD1 . ILE H  1 22 ? 0.504   -3.554  -22.246 1.00 31.23 ?  42  ILE H CD1 1 
ATOM   1397 N  N   . LEU H  1 23 ? -4.537  -5.355  -23.866 1.00 36.51 ?  43  LEU H N   1 
ATOM   1398 C  CA  . LEU H  1 23 ? -5.402  -5.668  -24.996 1.00 40.42 ?  43  LEU H CA  1 
ATOM   1399 C  C   . LEU H  1 23 ? -6.798  -5.105  -24.791 1.00 40.93 ?  43  LEU H C   1 
ATOM   1400 O  O   . LEU H  1 23 ? -7.421  -4.631  -25.747 1.00 42.36 ?  43  LEU H O   1 
ATOM   1401 C  CB  . LEU H  1 23 ? -5.466  -7.177  -25.202 1.00 37.77 ?  43  LEU H CB  1 
ATOM   1402 C  CG  . LEU H  1 23 ? -4.141  -7.781  -25.639 1.00 35.12 ?  43  LEU H CG  1 
ATOM   1403 C  CD1 . LEU H  1 23 ? -4.296  -9.273  -25.738 1.00 33.78 ?  43  LEU H CD1 1 
ATOM   1404 C  CD2 . LEU H  1 23 ? -3.679  -7.153  -26.953 1.00 42.54 ?  43  LEU H CD2 1 
ATOM   1405 N  N   . ASP H  1 24 ? -7.287  -5.101  -23.549 1.00 39.99 ?  44  ASP H N   1 
ATOM   1406 C  CA  . ASP H  1 24 ? -8.600  -4.524  -23.278 1.00 43.43 ?  44  ASP H CA  1 
ATOM   1407 C  C   . ASP H  1 24 ? -8.593  -3.009  -23.422 1.00 39.84 ?  44  ASP H C   1 
ATOM   1408 O  O   . ASP H  1 24 ? -9.578  -2.420  -23.881 1.00 40.64 ?  44  ASP H O   1 
ATOM   1409 C  CB  . ASP H  1 24 ? -9.086  -4.911  -21.886 1.00 45.66 ?  44  ASP H CB  1 
ATOM   1410 C  CG  . ASP H  1 24 ? -10.304 -4.117  -21.475 1.00 48.31 ?  44  ASP H CG  1 
ATOM   1411 O  OD1 . ASP H  1 24 ? -11.342 -4.220  -22.165 1.00 53.99 ?  44  ASP H OD1 1 
ATOM   1412 O  OD2 . ASP H  1 24 ? -10.213 -3.378  -20.471 1.00 50.87 -1 44  ASP H OD2 1 
ATOM   1413 N  N   . ARG H  1 25 ? -7.510  -2.356  -23.016 1.00 41.18 ?  45  ARG H N   1 
ATOM   1414 C  CA  . ARG H  1 25 ? -7.481  -0.910  -23.151 1.00 43.32 ?  45  ARG H CA  1 
ATOM   1415 C  C   . ARG H  1 25 ? -7.403  -0.515  -24.619 1.00 44.58 ?  45  ARG H C   1 
ATOM   1416 O  O   . ARG H  1 25 ? -8.022  0.472   -25.032 1.00 48.47 ?  45  ARG H O   1 
ATOM   1417 C  CB  . ARG H  1 25 ? -6.321  -0.331  -22.343 1.00 42.89 ?  45  ARG H CB  1 
ATOM   1418 C  CG  . ARG H  1 25 ? -6.471  -0.589  -20.848 1.00 44.48 ?  45  ARG H CG  1 
ATOM   1419 C  CD  . ARG H  1 25 ? -7.721  0.055   -20.277 1.00 46.06 ?  45  ARG H CD  1 
ATOM   1420 N  NE  . ARG H  1 25 ? -7.668  1.502   -20.362 1.00 50.89 ?  45  ARG H NE  1 
ATOM   1421 C  CZ  . ARG H  1 25 ? -8.701  2.285   -20.614 1.00 58.27 ?  45  ARG H CZ  1 
ATOM   1422 N  NH1 . ARG H  1 25 ? -9.896  1.761   -20.814 1.00 63.50 1  45  ARG H NH1 1 
ATOM   1423 N  NH2 . ARG H  1 25 ? -8.516  3.596   -20.686 1.00 60.25 ?  45  ARG H NH2 1 
ATOM   1424 N  N   . LEU H  1 26 ? -6.678  -1.293  -25.426 1.00 44.01 ?  46  LEU H N   1 
ATOM   1425 C  CA  . LEU H  1 26 ? -6.573  -1.046  -26.866 1.00 48.59 ?  46  LEU H CA  1 
ATOM   1426 C  C   . LEU H  1 26 ? -7.901  -1.370  -27.528 1.00 48.37 ?  46  LEU H C   1 
ATOM   1427 O  O   . LEU H  1 26 ? -8.258  -0.798  -28.563 1.00 49.88 ?  46  LEU H O   1 
ATOM   1428 C  CB  . LEU H  1 26 ? -5.465  -1.886  -27.499 1.00 48.26 ?  46  LEU H CB  1 
ATOM   1429 C  CG  . LEU H  1 26 ? -4.031  -1.549  -27.087 1.00 49.74 ?  46  LEU H CG  1 
ATOM   1430 C  CD1 . LEU H  1 26 ? -3.063  -2.488  -27.800 1.00 48.20 ?  46  LEU H CD1 1 
ATOM   1431 C  CD2 . LEU H  1 26 ? -3.699  -0.093  -27.371 1.00 48.84 ?  46  LEU H CD2 1 
HETATM 1432 N  N   . NH2 H  1 27 ? -8.636  -2.294  -26.920 1.00 43.15 ?  47  NH2 H N   1 
HETATM 1433 C  C18 . OLC I  2 .  ? 10.551  17.015  7.699   1.00 54.91 ?  101 OLC A C18 1 
HETATM 1434 C  C10 . OLC I  2 .  ? 18.485  13.249  10.703  1.00 50.06 ?  101 OLC A C10 1 
HETATM 1435 C  C9  . OLC I  2 .  ? 19.654  12.651  10.724  1.00 56.47 ?  101 OLC A C9  1 
HETATM 1436 C  C17 . OLC I  2 .  ? 11.919  16.888  8.305   1.00 55.59 ?  101 OLC A C17 1 
HETATM 1437 C  C11 . OLC I  2 .  ? 17.291  12.408  10.473  1.00 52.79 ?  101 OLC A C11 1 
HETATM 1438 C  C8  . OLC I  2 .  ? 19.882  11.174  10.535  1.00 59.64 ?  101 OLC A C8  1 
HETATM 1439 C  C24 . OLC I  2 .  ? 14.751  7.616   11.082  1.00 65.95 ?  101 OLC A C24 1 
HETATM 1440 C  C16 . OLC I  2 .  ? 12.490  15.486  8.216   1.00 53.01 ?  101 OLC A C16 1 
HETATM 1441 C  C12 . OLC I  2 .  ? 16.565  12.937  9.284   1.00 52.69 ?  101 OLC A C12 1 
HETATM 1442 C  C7  . OLC I  2 .  ? 21.156  10.798  11.275  1.00 64.93 ?  101 OLC A C7  1 
HETATM 1443 C  C15 . OLC I  2 .  ? 13.842  15.403  8.873   1.00 50.51 ?  101 OLC A C15 1 
HETATM 1444 C  C13 . OLC I  2 .  ? 15.447  13.806  9.776   1.00 53.16 ?  101 OLC A C13 1 
HETATM 1445 C  C6  . OLC I  2 .  ? 22.049  9.791   10.574  1.00 65.01 ?  101 OLC A C6  1 
HETATM 1446 C  C14 . OLC I  2 .  ? 14.351  14.002  8.760   1.00 48.09 ?  101 OLC A C14 1 
HETATM 1447 C  C5  . OLC I  2 .  ? 21.966  8.426   11.220  1.00 63.13 ?  101 OLC A C5  1 
HETATM 1448 C  C4  . OLC I  2 .  ? 21.058  7.545   10.386  1.00 73.83 ?  101 OLC A C4  1 
HETATM 1449 C  C3  . OLC I  2 .  ? 19.961  6.882   11.202  1.00 76.10 ?  101 OLC A C3  1 
HETATM 1450 C  C2  . OLC I  2 .  ? 18.572  7.390   10.802  1.00 73.47 ?  101 OLC A C2  1 
HETATM 1451 C  C21 . OLC I  2 .  ? 15.931  9.264   12.645  1.00 69.64 ?  101 OLC A C21 1 
HETATM 1452 C  C1  . OLC I  2 .  ? 17.981  8.223   11.896  1.00 74.04 ?  101 OLC A C1  1 
HETATM 1453 C  C22 . OLC I  2 .  ? 14.921  8.141   12.528  1.00 70.56 ?  101 OLC A C22 1 
HETATM 1454 O  O19 . OLC I  2 .  ? 18.424  8.203   13.013  1.00 77.73 ?  101 OLC A O19 1 
HETATM 1455 O  O25 . OLC I  2 .  ? 15.916  7.189   10.371  1.00 63.95 ?  101 OLC A O25 1 
HETATM 1456 O  O23 . OLC I  2 .  ? 15.243  7.112   13.452  1.00 63.01 ?  101 OLC A O23 1 
HETATM 1457 O  O20 . OLC I  2 .  ? 16.870  9.080   11.623  1.00 70.01 ?  101 OLC A O20 1 
HETATM 1458 C  C1  . E01 J  3 .  ? -2.662  9.579   8.354   1.00 54.12 ?  102 E01 A C1  1 
HETATM 1459 C  C2  . E01 J  3 .  ? -2.534  10.999  7.837   1.00 49.83 ?  102 E01 A C2  1 
HETATM 1460 C  C3  . E01 J  3 .  ? -3.699  11.305  6.910   1.00 50.68 ?  102 E01 A C3  1 
HETATM 1461 C  C4  . E01 J  3 .  ? -5.043  11.183  7.604   1.00 50.11 ?  102 E01 A C4  1 
HETATM 1462 C  C5  . E01 J  3 .  ? -5.180  9.782   8.210   1.00 51.37 ?  102 E01 A C5  1 
HETATM 1463 C  C6  . E01 J  3 .  ? -3.987  9.449   9.112   1.00 54.62 ?  102 E01 A C6  1 
HETATM 1464 C  C14 . E01 J  3 .  ? -7.513  11.336  7.185   1.00 43.70 ?  102 E01 A C14 1 
HETATM 1465 C  C15 . E01 J  3 .  ? -6.573  12.194  9.312   1.00 44.80 ?  102 E01 A C15 1 
HETATM 1466 C  C12 . E01 J  3 .  ? -7.652  12.413  8.254   1.00 47.11 ?  102 E01 A C12 1 
HETATM 1467 C  C11 . E01 J  3 .  ? -5.186  12.267  8.667   1.00 43.95 ?  102 E01 A C11 1 
HETATM 1468 C  C10 . E01 J  3 .  ? -5.001  13.646  8.039   1.00 41.78 ?  102 E01 A C10 1 
HETATM 1469 C  C7  . E01 J  3 .  ? -6.122  11.409  6.555   1.00 45.65 ?  102 E01 A C7  1 
HETATM 1470 C  C8  . E01 J  3 .  ? -5.933  12.788  5.918   1.00 41.70 ?  102 E01 A C8  1 
HETATM 1471 C  C9  . E01 J  3 .  ? -6.062  13.883  6.967   1.00 44.59 ?  102 E01 A C9  1 
HETATM 1472 C  C13 . E01 J  3 .  ? -7.446  13.784  7.609   1.00 49.23 ?  102 E01 A C13 1 
HETATM 1473 N  N1  . E01 J  3 .  ? -1.501  9.320   9.229   1.00 50.90 ?  102 E01 A N1  1 
HETATM 1474 C  C18 . OLC K  2 .  ? -0.479  10.961  25.171  1.00 53.92 ?  101 OLC B C18 1 
HETATM 1475 C  C10 . OLC K  2 .  ? 6.869   5.341   28.866  1.00 58.65 ?  101 OLC B C10 1 
HETATM 1476 C  C9  . OLC K  2 .  ? 7.251   4.236   29.503  1.00 61.76 ?  101 OLC B C9  1 
HETATM 1477 C  C17 . OLC K  2 .  ? 0.218   10.367  26.374  1.00 59.11 ?  101 OLC B C17 1 
HETATM 1478 C  C11 . OLC K  2 .  ? 5.567   6.037   29.187  1.00 48.49 ?  101 OLC B C11 1 
HETATM 1479 C  C8  . OLC K  2 .  ? 6.413   3.583   30.578  1.00 58.37 ?  101 OLC B C8  1 
HETATM 1480 C  C24 . OLC K  2 .  ? 10.448  5.219   23.960  1.00 60.85 ?  101 OLC B C24 1 
HETATM 1481 C  C16 . OLC K  2 .  ? 1.302   9.333   26.074  1.00 56.86 ?  101 OLC B C16 1 
HETATM 1482 C  C12 . OLC K  2 .  ? 5.303   7.092   28.114  1.00 49.49 ?  101 OLC B C12 1 
HETATM 1483 C  C7  . OLC K  2 .  ? 6.119   2.128   30.214  1.00 55.19 ?  101 OLC B C7  1 
HETATM 1484 C  C15 . OLC K  2 .  ? 2.050   9.065   27.382  1.00 53.93 ?  101 OLC B C15 1 
HETATM 1485 C  C13 . OLC K  2 .  ? 3.814   7.392   27.944  1.00 52.69 ?  101 OLC B C13 1 
HETATM 1486 C  C6  . OLC K  2 .  ? 7.352   1.379   29.732  1.00 57.91 ?  101 OLC B C6  1 
HETATM 1487 C  C14 . OLC K  2 .  ? 3.519   8.697   27.195  1.00 50.02 ?  101 OLC B C14 1 
HETATM 1488 C  C5  . OLC K  2 .  ? 7.041   0.884   28.331  1.00 63.58 ?  101 OLC B C5  1 
HETATM 1489 C  C4  . OLC K  2 .  ? 8.324   0.709   27.538  1.00 72.54 ?  101 OLC B C4  1 
HETATM 1490 C  C3  . OLC K  2 .  ? 7.980   0.981   26.081  1.00 71.86 ?  101 OLC B C3  1 
HETATM 1491 C  C2  . OLC K  2 .  ? 8.612   2.322   25.728  1.00 69.63 ?  101 OLC B C2  1 
HETATM 1492 C  C21 . OLC K  2 .  ? 8.060   5.019   23.292  1.00 58.64 ?  101 OLC B C21 1 
HETATM 1493 C  C1  . OLC K  2 .  ? 7.759   3.210   24.846  1.00 70.33 ?  101 OLC B C1  1 
HETATM 1494 C  C22 . OLC K  2 .  ? 9.029   5.695   24.252  1.00 62.00 ?  101 OLC B C22 1 
HETATM 1495 O  O19 . OLC K  2 .  ? 6.685   3.658   25.212  1.00 76.13 ?  101 OLC B O19 1 
HETATM 1496 O  O25 . OLC K  2 .  ? 10.591  3.804   24.127  1.00 64.93 ?  101 OLC B O25 1 
HETATM 1497 O  O23 . OLC K  2 .  ? 8.967   7.122   24.115  1.00 64.91 ?  101 OLC B O23 1 
HETATM 1498 O  O20 . OLC K  2 .  ? 8.230   3.631   23.543  1.00 64.06 ?  101 OLC B O20 1 
HETATM 1499 CL CL  . CL  L  4 .  ? 9.198   -0.676  14.297  1.00 48.90 ?  102 CL  B CL  1 
HETATM 1500 C  C18 . OLC M  2 .  ? -7.527  -12.046 9.159   1.00 60.78 ?  101 OLC D C18 1 
HETATM 1501 C  C10 . OLC M  2 .  ? 0.468   -15.170 12.265  1.00 59.29 ?  101 OLC D C10 1 
HETATM 1502 C  C9  . OLC M  2 .  ? 1.425   -15.452 13.136  1.00 61.83 ?  101 OLC D C9  1 
HETATM 1503 C  C17 . OLC M  2 .  ? -6.416  -11.177 9.717   1.00 75.23 ?  101 OLC D C17 1 
HETATM 1504 C  C11 . OLC M  2 .  ? -0.554  -14.094 12.552  1.00 55.06 ?  101 OLC D C11 1 
HETATM 1505 C  C8  . OLC M  2 .  ? 1.501   -14.674 14.423  1.00 59.86 ?  101 OLC D C8  1 
HETATM 1506 C  C24 . OLC M  2 .  ? 1.980   -6.420  14.404  1.00 50.99 ?  101 OLC D C24 1 
HETATM 1507 C  C16 . OLC M  2 .  ? -5.356  -12.065 10.363  1.00 67.21 ?  101 OLC D C16 1 
HETATM 1508 C  C12 . OLC M  2 .  ? -1.578  -14.203 11.437  1.00 52.58 ?  101 OLC D C12 1 
HETATM 1509 C  C7  . OLC M  2 .  ? 2.521   -15.289 15.375  1.00 68.26 ?  101 OLC D C7  1 
HETATM 1510 C  C15 . OLC M  2 .  ? -4.047  -11.363 10.735  1.00 59.60 ?  101 OLC D C15 1 
HETATM 1511 C  C13 . OLC M  2 .  ? -2.852  -13.394 11.621  1.00 53.21 ?  101 OLC D C13 1 
HETATM 1512 C  C6  . OLC M  2 .  ? 3.377   -14.169 15.967  1.00 67.94 ?  101 OLC D C6  1 
HETATM 1513 C  C14 . OLC M  2 .  ? -2.937  -12.375 10.495  1.00 59.88 ?  101 OLC D C14 1 
HETATM 1514 C  C5  . OLC M  2 .  ? 2.947   -13.788 17.388  1.00 74.42 ?  101 OLC D C5  1 
HETATM 1515 C  C4  . OLC M  2 .  ? 2.787   -12.279 17.639  1.00 73.44 ?  101 OLC D C4  1 
HETATM 1516 C  C3  . OLC M  2 .  ? 4.023   -11.412 17.371  1.00 76.21 ?  101 OLC D C3  1 
HETATM 1517 C  C2  . OLC M  2 .  ? 3.861   -10.476 16.164  1.00 68.58 ?  101 OLC D C2  1 
HETATM 1518 C  C21 . OLC M  2 .  ? 1.015   -8.005  15.984  1.00 61.47 ?  101 OLC D C21 1 
HETATM 1519 C  C1  . OLC M  2 .  ? 3.136   -9.207  16.563  1.00 65.28 ?  101 OLC D C1  1 
HETATM 1520 C  C22 . OLC M  2 .  ? 0.789   -6.651  15.316  1.00 52.53 ?  101 OLC D C22 1 
HETATM 1521 O  O19 . OLC M  2 .  ? 3.221   -8.762  17.696  1.00 65.90 ?  101 OLC D O19 1 
HETATM 1522 O  O25 . OLC M  2 .  ? 3.153   -6.637  15.197  1.00 57.80 ?  101 OLC D O25 1 
HETATM 1523 O  O23 . OLC M  2 .  ? -0.434  -6.587  14.567  1.00 51.98 ?  101 OLC D O23 1 
HETATM 1524 O  O20 . OLC M  2 .  ? 2.313   -8.473  15.614  1.00 67.02 ?  101 OLC D O20 1 
HETATM 1525 C  C18 . OLC N  2 .  ? -10.312 -11.126 0.475   1.00 55.27 ?  101 OLC E C18 1 
HETATM 1526 C  C10 . OLC N  2 .  ? -17.995 -6.469  -2.425  1.00 56.11 ?  101 OLC E C10 1 
HETATM 1527 C  C9  . OLC N  2 .  ? -19.092 -5.932  -2.940  1.00 59.73 ?  101 OLC E C9  1 
HETATM 1528 C  C17 . OLC N  2 .  ? -10.839 -10.131 -0.533  1.00 56.22 ?  101 OLC E C17 1 
HETATM 1529 C  C11 . OLC N  2 .  ? -17.131 -7.491  -3.105  1.00 49.64 ?  101 OLC E C11 1 
HETATM 1530 C  C8  . OLC N  2 .  ? -19.658 -6.278  -4.288  1.00 57.06 ?  101 OLC E C8  1 
HETATM 1531 C  C24 . OLC N  2 .  ? -14.022 -4.763  -6.863  1.00 61.35 ?  101 OLC E C24 1 
HETATM 1532 C  C16 . OLC N  2 .  ? -12.125 -10.599 -1.202  1.00 51.27 ?  101 OLC E C16 1 
HETATM 1533 C  C12 . OLC N  2 .  ? -16.221 -7.978  -1.986  1.00 49.31 ?  101 OLC E C12 1 
HETATM 1534 C  C7  . OLC N  2 .  ? -21.054 -5.672  -4.315  1.00 63.40 ?  101 OLC E C7  1 
HETATM 1535 C  C15 . OLC N  2 .  ? -12.686 -9.441  -2.003  1.00 49.49 ?  101 OLC E C15 1 
HETATM 1536 C  C13 . OLC N  2 .  ? -15.074 -8.858  -2.459  1.00 50.33 ?  101 OLC E C13 1 
HETATM 1537 C  C6  . OLC N  2 .  ? -21.672 -5.676  -5.703  1.00 66.49 ?  101 OLC E C6  1 
HETATM 1538 C  C14 . OLC N  2 .  ? -13.978 -8.921  -1.404  1.00 55.19 ?  101 OLC E C14 1 
HETATM 1539 C  C5  . OLC N  2 .  ? -20.983 -4.660  -6.606  1.00 73.61 ?  101 OLC E C5  1 
HETATM 1540 C  C4  . OLC N  2 .  ? -20.326 -5.341  -7.807  1.00 78.01 ?  101 OLC E C4  1 
HETATM 1541 C  C3  . OLC N  2 .  ? -19.719 -4.309  -8.748  1.00 80.48 ?  101 OLC E C3  1 
HETATM 1542 C  C2  . OLC N  2 .  ? -18.196 -4.414  -8.691  1.00 82.39 ?  101 OLC E C2  1 
HETATM 1543 C  C21 . OLC N  2 .  ? -15.925 -3.341  -6.132  1.00 77.42 ?  101 OLC E C21 1 
HETATM 1544 C  C1  . OLC N  2 .  ? -17.526 -3.239  -8.015  1.00 83.00 ?  101 OLC E C1  1 
HETATM 1545 C  C22 . OLC N  2 .  ? -15.050 -4.531  -5.760  1.00 72.23 ?  101 OLC E C22 1 
HETATM 1546 O  O19 . OLC N  2 .  ? -18.065 -2.163  -7.775  1.00 83.16 ?  101 OLC E O19 1 
HETATM 1547 O  O25 . OLC N  2 .  ? -14.724 -4.891  -8.107  1.00 64.05 ?  101 OLC E O25 1 
HETATM 1548 O  O23 . OLC N  2 .  ? -14.447 -4.353  -4.471  1.00 73.57 ?  101 OLC E O23 1 
HETATM 1549 O  O20 . OLC N  2 .  ? -16.213 -3.549  -7.510  1.00 79.45 ?  101 OLC E O20 1 
HETATM 1550 C  C18 . OLC O  2 .  ? -8.986  -19.981 -17.176 1.00 66.72 ?  102 OLC E C18 1 
HETATM 1551 C  C10 . OLC O  2 .  ? -16.574 -14.205 -19.963 1.00 56.85 ?  102 OLC E C10 1 
HETATM 1552 C  C9  . OLC O  2 .  ? -17.249 -13.289 -20.661 1.00 57.52 ?  102 OLC E C9  1 
HETATM 1553 C  C17 . OLC O  2 .  ? -9.415  -18.541 -17.383 1.00 68.83 ?  102 OLC E C17 1 
HETATM 1554 C  C11 . OLC O  2 .  ? -15.189 -14.681 -20.338 1.00 56.06 ?  102 OLC E C11 1 
HETATM 1555 C  C8  . OLC O  2 .  ? -16.718 -12.693 -21.940 1.00 57.41 ?  102 OLC E C8  1 
HETATM 1556 C  C24 . OLC O  2 .  ? -11.295 -8.282  -19.564 1.00 61.13 ?  102 OLC E C24 1 
HETATM 1557 C  C16 . OLC O  2 .  ? -10.669 -18.456 -18.253 1.00 62.74 ?  102 OLC E C16 1 
HETATM 1558 C  C12 . OLC O  2 .  ? -14.798 -15.896 -19.492 1.00 54.02 ?  102 OLC E C12 1 
HETATM 1559 C  C7  . OLC O  2 .  ? -17.790 -11.848 -22.635 1.00 57.13 ?  102 OLC E C7  1 
HETATM 1560 C  C15 . OLC O  2 .  ? -11.288 -17.056 -18.265 1.00 65.03 ?  102 OLC E C15 1 
HETATM 1561 C  C13 . OLC O  2 .  ? -13.299 -16.190 -19.545 1.00 56.96 ?  102 OLC E C13 1 
HETATM 1562 C  C6  . OLC O  2 .  ? -17.163 -11.071 -23.795 1.00 55.60 ?  102 OLC E C6  1 
HETATM 1563 C  C14 . OLC O  2 .  ? -12.814 -17.082 -18.396 1.00 65.32 ?  102 OLC E C14 1 
HETATM 1564 C  C5  . OLC O  2 .  ? -17.292 -9.553  -23.713 1.00 63.42 ?  102 OLC E C5  1 
HETATM 1565 C  C4  . OLC O  2 .  ? -16.176 -8.943  -24.564 1.00 67.20 ?  102 OLC E C4  1 
HETATM 1566 C  C3  . OLC O  2 .  ? -15.180 -8.121  -23.745 1.00 66.52 ?  102 OLC E C3  1 
HETATM 1567 C  C2  . OLC O  2 .  ? -14.098 -9.036  -23.177 1.00 66.09 ?  102 OLC E C2  1 
HETATM 1568 C  C21 . OLC O  2 .  ? -10.539 -8.334  -21.885 1.00 53.90 ?  102 OLC E C21 1 
HETATM 1569 C  C1  . OLC O  2 .  ? -12.734 -8.386  -23.117 1.00 66.90 ?  102 OLC E C1  1 
HETATM 1570 C  C22 . OLC O  2 .  ? -10.229 -8.847  -20.494 1.00 56.52 ?  102 OLC E C22 1 
HETATM 1571 O  O19 . OLC O  2 .  ? -12.489 -7.338  -23.704 1.00 69.65 ?  102 OLC E O19 1 
HETATM 1572 O  O25 . OLC O  2 .  ? -12.541 -8.972  -19.750 1.00 59.53 ?  102 OLC E O25 1 
HETATM 1573 O  O23 . OLC O  2 .  ? -10.319 -10.278 -20.479 1.00 56.85 ?  102 OLC E O23 1 
HETATM 1574 O  O20 . OLC O  2 .  ? -11.717 -9.028  -22.294 1.00 61.78 ?  102 OLC E O20 1 
HETATM 1575 C  C18 . OLC P  2 .  ? 5.993   3.943   -5.466  1.00 57.51 ?  101 OLC F C18 1 
HETATM 1576 C  C10 . OLC P  2 .  ? 13.557  -1.182  -2.315  1.00 52.69 ?  101 OLC F C10 1 
HETATM 1577 C  C9  . OLC P  2 .  ? 14.508  -1.899  -1.722  1.00 51.97 ?  101 OLC F C9  1 
HETATM 1578 C  C17 . OLC P  2 .  ? 7.120   3.911   -4.458  1.00 60.79 ?  101 OLC F C17 1 
HETATM 1579 C  C11 . OLC P  2 .  ? 12.234  -0.916  -1.643  1.00 46.19 ?  101 OLC F C11 1 
HETATM 1580 C  C8  . OLC P  2 .  ? 14.249  -2.510  -0.374  1.00 52.75 ?  101 OLC F C8  1 
HETATM 1581 C  C24 . OLC P  2 .  ? 9.313   -3.167  3.017   1.00 59.52 ?  101 OLC F C24 1 
HETATM 1582 C  C16 . OLC P  2 .  ? 7.625   2.505   -4.115  1.00 61.62 ?  101 OLC F C16 1 
HETATM 1583 C  C12 . OLC P  2 .  ? 11.268  -0.374  -2.695  1.00 51.08 ?  101 OLC F C12 1 
HETATM 1584 C  C7  . OLC P  2 .  ? 15.346  -3.507  -0.023  1.00 54.56 ?  101 OLC F C7  1 
HETATM 1585 C  C15 . OLC P  2 .  ? 8.929   2.621   -3.317  1.00 69.32 ?  101 OLC F C15 1 
HETATM 1586 C  C13 . OLC P  2 .  ? 10.445  0.850   -2.318  1.00 61.55 ?  101 OLC F C13 1 
HETATM 1587 C  C6  . OLC P  2 .  ? 14.768  -4.682  0.766   1.00 59.64 ?  101 OLC F C6  1 
HETATM 1588 C  C14 . OLC P  2 .  ? 9.926   1.498   -3.603  1.00 65.81 ?  101 OLC F C14 1 
HETATM 1589 C  C5  . OLC P  2 .  ? 15.832  -5.674  1.238   1.00 62.72 ?  101 OLC F C5  1 
HETATM 1590 C  C4  . OLC P  2 .  ? 15.202  -6.863  1.963   1.00 63.17 ?  101 OLC F C4  1 
HETATM 1591 C  C3  . OLC P  2 .  ? 15.431  -6.856  3.474   1.00 67.88 ?  101 OLC F C3  1 
HETATM 1592 C  C2  . OLC P  2 .  ? 14.750  -5.674  4.169   1.00 67.34 ?  101 OLC F C2  1 
HETATM 1593 C  C21 . OLC P  2 .  ? 11.132  -4.617  3.756   1.00 62.90 ?  101 OLC F C21 1 
HETATM 1594 C  C1  . OLC P  2 .  ? 13.242  -5.843  4.254   1.00 72.12 ?  101 OLC F C1  1 
HETATM 1595 C  C22 . OLC P  2 .  ? 10.539  -3.231  3.912   1.00 69.01 ?  101 OLC F C22 1 
HETATM 1596 O  O19 . OLC P  2 .  ? 12.711  -6.946  4.172   1.00 72.81 ?  101 OLC F O19 1 
HETATM 1597 O  O25 . OLC P  2 .  ? 8.710   -1.871  3.084   1.00 57.94 ?  101 OLC F O25 1 
HETATM 1598 O  O23 . OLC P  2 .  ? 10.177  -3.031  5.286   1.00 61.30 ?  101 OLC F O23 1 
HETATM 1599 O  O20 . OLC P  2 .  ? 12.398  -4.658  4.406   1.00 70.15 ?  101 OLC F O20 1 
HETATM 1600 C  C1  . E01 Q  3 .  ? 3.159   -8.879  -8.786  1.00 50.86 ?  102 E01 F C1  1 
HETATM 1601 C  C2  . E01 Q  3 .  ? 4.619   -8.633  -9.121  1.00 46.25 ?  102 E01 F C2  1 
HETATM 1602 C  C3  . E01 Q  3 .  ? 5.489   -8.838  -7.887  1.00 43.46 ?  102 E01 F C3  1 
HETATM 1603 C  C4  . E01 Q  3 .  ? 5.338   -10.248 -7.340  1.00 45.73 ?  102 E01 F C4  1 
HETATM 1604 C  C5  . E01 Q  3 .  ? 3.869   -10.576 -7.086  1.00 42.53 ?  102 E01 F C5  1 
HETATM 1605 C  C6  . E01 Q  3 .  ? 3.019   -10.327 -8.328  1.00 45.24 ?  102 E01 F C6  1 
HETATM 1606 C  C14 . E01 Q  3 .  ? 5.994   -11.707 -5.404  1.00 38.04 ?  102 E01 F C14 1 
HETATM 1607 C  C15 . E01 Q  3 .  ? 5.756   -12.677 -7.663  1.00 38.30 ?  102 E01 F C15 1 
HETATM 1608 C  C12 . E01 Q  3 .  ? 6.540   -12.764 -6.358  1.00 37.02 ?  102 E01 F C12 1 
HETATM 1609 C  C11 . E01 Q  3 .  ? 5.894   -11.291 -8.294  1.00 39.75 ?  102 E01 F C11 1 
HETATM 1610 C  C10 . E01 Q  3 .  ? 7.362   -11.025 -8.577  1.00 37.66 ?  102 E01 F C10 1 
HETATM 1611 C  C7  . E01 Q  3 .  ? 6.140   -10.328 -6.044  1.00 45.58 ?  102 E01 F C7  1 
HETATM 1612 C  C8  . E01 Q  3 .  ? 7.616   -10.037 -6.313  1.00 39.08 ?  102 E01 F C8  1 
HETATM 1613 C  C9  . E01 Q  3 .  ? 8.162   -11.085 -7.282  1.00 42.80 ?  102 E01 F C9  1 
HETATM 1614 C  C13 . E01 Q  3 .  ? 8.008   -12.474 -6.651  1.00 41.42 ?  102 E01 F C13 1 
HETATM 1615 N  N1  . E01 Q  3 .  ? 2.366   -8.662  -10.010 1.00 52.43 ?  102 E01 F N1  1 
HETATM 1616 C  C18 . OLC R  2 .  ? 4.039   5.377   -2.326  1.00 50.15 ?  101 OLC G C18 1 
HETATM 1617 C  C10 . OLC R  2 .  ? -2.663  11.457  -4.836  1.00 50.51 ?  101 OLC G C10 1 
HETATM 1618 C  C9  . OLC R  2 .  ? -3.519  12.377  -5.286  1.00 52.55 ?  101 OLC G C9  1 
HETATM 1619 C  C17 . OLC R  2 .  ? 2.603   5.827   -2.154  1.00 52.89 ?  101 OLC G C17 1 
HETATM 1620 C  C11 . OLC R  2 .  ? -2.836  10.009  -5.197  1.00 45.37 ?  101 OLC G C11 1 
HETATM 1621 C  C8  . OLC R  2 .  ? -4.661  12.033  -6.215  1.00 49.60 ?  101 OLC G C8  1 
HETATM 1622 C  C24 . OLC R  2 .  ? -6.270  6.999   -8.717  1.00 59.71 ?  101 OLC G C24 1 
HETATM 1623 C  C16 . OLC R  2 .  ? 2.251   7.071   -2.972  1.00 56.76 ?  101 OLC G C16 1 
HETATM 1624 C  C12 . OLC R  2 .  ? -1.504  9.285   -5.352  1.00 50.43 ?  101 OLC G C12 1 
HETATM 1625 C  C7  . OLC R  2 .  ? -5.638  13.206  -6.279  1.00 54.27 ?  101 OLC G C7  1 
HETATM 1626 C  C15 . OLC R  2 .  ? 0.733   7.244   -2.967  1.00 51.01 ?  101 OLC G C15 1 
HETATM 1627 C  C13 . OLC R  2 .  ? -0.767  9.021   -4.036  1.00 49.79 ?  101 OLC G C13 1 
HETATM 1628 C  C6  . OLC R  2 .  ? -5.622  14.027  -7.563  1.00 54.76 ?  101 OLC G C6  1 
HETATM 1629 C  C14 . OLC R  2 .  ? 0.201   7.852   -4.263  1.00 53.51 ?  101 OLC G C14 1 
HETATM 1630 C  C5  . OLC R  2 .  ? -5.105  13.272  -8.784  1.00 63.26 ?  101 OLC G C5  1 
HETATM 1631 C  C4  . OLC R  2 .  ? -5.657  13.872  -10.079 1.00 63.06 ?  101 OLC G C4  1 
HETATM 1632 C  C3  . OLC R  2 .  ? -5.703  12.827  -11.186 1.00 65.47 ?  101 OLC G C3  1 
HETATM 1633 C  C2  . OLC R  2 .  ? -7.127  12.393  -11.532 1.00 71.40 ?  101 OLC G C2  1 
HETATM 1634 C  C21 . OLC R  2 .  ? -6.633  8.684   -10.509 1.00 70.67 ?  101 OLC G C21 1 
HETATM 1635 C  C1  . OLC R  2 .  ? -7.138  10.887  -11.672 1.00 69.53 ?  101 OLC G C1  1 
HETATM 1636 C  C22 . OLC R  2 .  ? -5.889  8.384   -9.207  1.00 70.43 ?  101 OLC G C22 1 
HETATM 1637 O  O19 . OLC R  2 .  ? -7.175  10.380  -12.778 1.00 71.12 ?  101 OLC G O19 1 
HETATM 1638 O  O25 . OLC R  2 .  ? -7.229  7.179   -7.668  1.00 66.24 ?  101 OLC G O25 1 
HETATM 1639 O  O23 . OLC R  2 .  ? -4.464  8.463   -9.371  1.00 75.71 ?  101 OLC G O23 1 
HETATM 1640 O  O20 . OLC R  2 .  ? -7.066  10.048  -10.479 1.00 67.88 ?  101 OLC G O20 1 
HETATM 1641 C  C18 . OLC S  2 .  ? 5.520   -8.096  -26.974 1.00 53.95 ?  101 OLC H C18 1 
HETATM 1642 C  C10 . OLC S  2 .  ? 0.515   -0.121  -29.589 1.00 50.07 ?  101 OLC H C10 1 
HETATM 1643 C  C9  . OLC S  2 .  ? -0.320  0.756   -30.155 1.00 49.12 ?  101 OLC H C9  1 
HETATM 1644 C  C17 . OLC S  2 .  ? 4.683   -7.309  -27.960 1.00 65.02 ?  101 OLC H C17 1 
HETATM 1645 C  C11 . OLC S  2 .  ? 0.144   -1.532  -29.192 1.00 60.79 ?  101 OLC H C11 1 
HETATM 1646 C  C8  . OLC S  2 .  ? -1.782  0.539   -30.473 1.00 53.59 ?  101 OLC H C8  1 
HETATM 1647 C  C24 . OLC S  2 .  ? -2.704  1.586   -22.557 1.00 64.63 ?  101 OLC H C24 1 
HETATM 1648 C  C16 . OLC S  2 .  ? 3.647   -6.406  -27.272 1.00 75.53 ?  101 OLC H C16 1 
HETATM 1649 C  C12 . OLC S  2 .  ? 1.270   -2.085  -28.314 1.00 68.10 ?  101 OLC H C12 1 
HETATM 1650 C  C7  . OLC S  2 .  ? -2.367  1.903   -30.834 1.00 49.92 ?  101 OLC H C7  1 
HETATM 1651 C  C15 . OLC S  2 .  ? 3.035   -5.453  -28.301 1.00 75.60 ?  101 OLC H C15 1 
HETATM 1652 C  C13 . OLC S  2 .  ? 1.306   -3.612  -28.257 1.00 68.93 ?  101 OLC H C13 1 
HETATM 1653 C  C6  . OLC S  2 .  ? -2.401  2.851   -29.630 1.00 53.43 ?  101 OLC H C6  1 
HETATM 1654 C  C14 . OLC S  2 .  ? 2.717   -4.024  -27.854 1.00 73.97 ?  101 OLC H C14 1 
HETATM 1655 C  C5  . OLC S  2 .  ? -3.797  3.409   -29.332 1.00 63.79 ?  101 OLC H C5  1 
HETATM 1656 C  C4  . OLC S  2 .  ? -4.034  3.853   -27.875 1.00 63.81 ?  101 OLC H C4  1 
HETATM 1657 C  C3  . OLC S  2 .  ? -3.155  4.984   -27.323 1.00 62.94 ?  101 OLC H C3  1 
HETATM 1658 C  C2  . OLC S  2 .  ? -3.606  5.462   -25.930 1.00 68.51 ?  101 OLC H C2  1 
HETATM 1659 C  C21 . OLC S  2 .  ? -1.453  3.100   -24.074 1.00 62.83 ?  101 OLC H C21 1 
HETATM 1660 C  C1  . OLC S  2 .  ? -3.462  4.386   -24.864 1.00 70.93 ?  101 OLC H C1  1 
HETATM 1661 C  C22 . OLC S  2 .  ? -1.444  2.428   -22.705 1.00 68.67 ?  101 OLC H C22 1 
HETATM 1662 O  O19 . OLC S  2 .  ? -4.365  3.580   -24.670 1.00 62.07 ?  101 OLC H O19 1 
HETATM 1663 O  O25 . OLC S  2 .  ? -3.589  2.266   -21.663 1.00 62.38 ?  101 OLC H O25 1 
HETATM 1664 O  O23 . OLC S  2 .  ? -0.306  1.574   -22.557 1.00 65.05 ?  101 OLC H O23 1 
HETATM 1665 O  O20 . OLC S  2 .  ? -2.253  4.287   -24.048 1.00 68.13 ?  101 OLC H O20 1 
HETATM 1666 CL CL  . CL  T  4 .  ? -9.008  -0.326  -15.576 1.00 40.71 ?  102 CL  H CL  1 
HETATM 1667 O  O   . HOH U  5 .  ? -0.335  10.873  10.689  1.00 44.70 ?  201 HOH A O   1 
HETATM 1668 O  O   . HOH U  5 .  ? -0.605  9.145   6.839   1.00 52.55 ?  202 HOH A O   1 
HETATM 1669 O  O   . HOH U  5 .  ? 1.963   8.925   11.490  1.00 40.60 ?  203 HOH A O   1 
HETATM 1670 O  O   . HOH U  5 .  ? 1.245   7.050   7.535   1.00 40.25 ?  204 HOH A O   1 
HETATM 1671 O  O   . HOH U  5 .  ? 19.404  11.585  14.870  1.00 46.17 ?  205 HOH A O   1 
HETATM 1672 O  O   . HOH V  5 .  ? -1.239  6.080   13.752  1.00 38.68 ?  201 HOH B O   1 
HETATM 1673 O  O   . HOH V  5 .  ? -3.157  7.771   12.704  1.00 48.97 ?  202 HOH B O   1 
HETATM 1674 O  O   . HOH V  5 .  ? 10.319  14.332  19.192  1.00 37.94 ?  203 HOH B O   1 
HETATM 1675 O  O   . HOH W  5 .  ? 13.027  -3.396  18.298  1.00 61.00 ?  101 HOH C O   1 
HETATM 1676 O  O   . HOH W  5 .  ? -1.343  4.257   9.393   1.00 40.11 ?  102 HOH C O   1 
HETATM 1677 O  O   . HOH W  5 .  ? -3.684  5.664   8.245   1.00 48.66 ?  103 HOH C O   1 
HETATM 1678 O  O   . HOH X  5 .  ? 6.257   2.916   11.095  1.00 41.13 ?  201 HOH D O   1 
HETATM 1679 O  O   . HOH X  5 .  ? 10.406  -9.956  17.459  1.00 42.13 ?  202 HOH D O   1 
HETATM 1680 O  O   . HOH X  5 .  ? 11.486  -3.741  14.756  1.00 55.97 ?  203 HOH D O   1 
HETATM 1681 O  O   . HOH Y  5 .  ? -1.693  -6.335  -7.569  1.00 40.72 ?  201 HOH E O   1 
HETATM 1682 O  O   . HOH Y  5 .  ? -0.184  -7.559  -6.093  1.00 45.30 ?  202 HOH E O   1 
HETATM 1683 O  O   . HOH Z  5 .  ? 1.151   -3.515  -10.381 1.00 45.23 ?  201 HOH F O   1 
HETATM 1684 O  O   . HOH Z  5 .  ? 1.105   -6.895  -11.095 1.00 50.40 ?  202 HOH F O   1 
HETATM 1685 O  O   . HOH Z  5 .  ? 2.861   -8.383  -12.452 1.00 42.96 ?  203 HOH F O   1 
HETATM 1686 O  O   . HOH Z  5 .  ? 3.137   -5.692  -9.093  1.00 47.04 ?  204 HOH F O   1 
HETATM 1687 O  O   . HOH Z  5 .  ? -0.308  -10.643 -10.059 1.00 45.16 ?  205 HOH F O   1 
HETATM 1688 O  O   . HOH Z  5 .  ? -11.966 1.921   -16.831 1.00 66.24 ?  206 HOH F O   1 
HETATM 1689 O  O   . HOH AA 5 .  ? -11.654 7.225   -14.812 1.00 60.35 ?  201 HOH G O   1 
HETATM 1690 O  O   . HOH AA 5 .  ? 0.677   -6.756  -13.350 1.00 39.40 ?  202 HOH G O   1 
HETATM 1691 O  O   . HOH AA 5 .  ? -4.539  -2.359  -14.494 1.00 42.87 ?  203 HOH G O   1 
HETATM 1692 O  O   . HOH AA 5 .  ? -6.478  14.501  -18.827 1.00 50.20 ?  204 HOH G O   1 
HETATM 1693 O  O   . HOH BA 5 .  ? -2.292  -8.816  -11.316 1.00 44.09 ?  201 HOH H O   1 
HETATM 1694 O  O   . HOH BA 5 .  ? -6.144  -4.348  -13.980 1.00 45.26 ?  202 HOH H O   1 
HETATM 1695 O  O   . HOH BA 5 .  ? -12.168 0.135   -25.319 1.00 59.21 ?  203 HOH H O   1 
HETATM 1696 O  O   . HOH BA 5 .  ? -5.024  -1.064  -31.608 1.00 49.56 ?  204 HOH H O   1 
# 
